data_3K7H
# 
_entry.id   3K7H 
# 
_audit_conform.dict_name       mmcif_pdbx.dic 
_audit_conform.dict_version    5.380 
_audit_conform.dict_location   http://mmcif.pdb.org/dictionaries/ascii/mmcif_pdbx.dic 
# 
loop_
_database_2.database_id 
_database_2.database_code 
_database_2.pdbx_database_accession 
_database_2.pdbx_DOI 
PDB   3K7H         pdb_00003k7h 10.2210/pdb3k7h/pdb 
RCSB  RCSB055642   ?            ?                   
WWPDB D_1000055642 ?            ?                   
# 
loop_
_pdbx_database_related.db_name 
_pdbx_database_related.db_id 
_pdbx_database_related.details 
_pdbx_database_related.content_type 
PDB 3k7g 'the Indian Hedgehog N-terminal signalling domain, wild type'          unspecified 
PDB 3k7i 'the E131K mutant of the Indian Hedgehog N-terminal signalling domain' unspecified 
PDB 3k7j 'the D100E mutant of the Indian Hedgehog N-terminal signalling domain' unspecified 
# 
_pdbx_database_status.status_code                     REL 
_pdbx_database_status.entry_id                        3K7H 
_pdbx_database_status.recvd_initial_deposition_date   2009-10-13 
_pdbx_database_status.deposit_site                    RCSB 
_pdbx_database_status.process_site                    PDBJ 
_pdbx_database_status.status_code_sf                  REL 
_pdbx_database_status.status_code_mr                  ? 
_pdbx_database_status.SG_entry                        ? 
_pdbx_database_status.status_code_cs                  ? 
_pdbx_database_status.pdb_format_compatible           Y 
_pdbx_database_status.status_code_nmr_data            ? 
_pdbx_database_status.methods_development_category    ? 
# 
loop_
_audit_author.name 
_audit_author.pdbx_ordinal 
'He, Y.-X.'   1 
'Kang, Y.'    2 
'Zhang, W.J.' 3 
'Yu, J.'      4 
'Ma, G.'      5 
'Zhou, C.-Z.' 6 
# 
_citation.id                        primary 
_citation.title                     'Crystal structure of the E95K mutant of the Indian Hedgehog N-terminal signalling domain' 
_citation.journal_abbrev            'To be Published' 
_citation.journal_volume            ? 
_citation.page_first                ? 
_citation.page_last                 ? 
_citation.year                      ? 
_citation.journal_id_ASTM           ? 
_citation.country                   ? 
_citation.journal_id_ISSN           ? 
_citation.journal_id_CSD            0353 
_citation.book_publisher            ? 
_citation.pdbx_database_id_PubMed   ? 
_citation.pdbx_database_id_DOI      ? 
# 
loop_
_citation_author.citation_id 
_citation_author.name 
_citation_author.ordinal 
_citation_author.identifier_ORCID 
primary 'He, Y.-X.'   1 ? 
primary 'Kang, Y.'    2 ? 
primary 'Zhang, W.J.' 3 ? 
primary 'Yu, J.'      4 ? 
primary 'Ma, G.'      5 ? 
primary 'Zhou, C.-Z.' 6 ? 
# 
_cell.entry_id           3K7H 
_cell.length_a           107.890 
_cell.length_b           52.750 
_cell.length_c           35.440 
_cell.angle_alpha        90.00 
_cell.angle_beta         90.54 
_cell.angle_gamma        90.00 
_cell.Z_PDB              4 
_cell.pdbx_unique_axis   ? 
_cell.length_a_esd       ? 
_cell.length_b_esd       ? 
_cell.length_c_esd       ? 
_cell.angle_alpha_esd    ? 
_cell.angle_beta_esd     ? 
_cell.angle_gamma_esd    ? 
# 
_symmetry.entry_id                         3K7H 
_symmetry.space_group_name_H-M             'C 1 2 1' 
_symmetry.pdbx_full_space_group_name_H-M   ? 
_symmetry.cell_setting                     ? 
_symmetry.Int_Tables_number                5 
_symmetry.space_group_name_Hall            ? 
# 
loop_
_entity.id 
_entity.type 
_entity.src_method 
_entity.pdbx_description 
_entity.formula_weight 
_entity.pdbx_number_of_molecules 
_entity.pdbx_ec 
_entity.pdbx_mutation 
_entity.pdbx_fragment 
_entity.details 
1 polymer     man 'Indian hedgehog protein' 21115.699 1   ? E95K 'Indian hedgehog protein N-product' ? 
2 non-polymer syn 'ZINC ION'                65.409    1   ? ?    ?                                   ? 
3 non-polymer syn 'SULFATE ION'             96.063    1   ? ?    ?                                   ? 
4 water       nat water                     18.015    182 ? ?    ?                                   ? 
# 
_entity_name_com.entity_id   1 
_entity_name_com.name        'IHH, HHG-2' 
# 
_entity_poly.entity_id                      1 
_entity_poly.type                           'polypeptide(L)' 
_entity_poly.nstd_linkage                   no 
_entity_poly.nstd_monomer                   no 
_entity_poly.pdbx_seq_one_letter_code       
;MRGSHHHHHHGSCGPGRVVGSRRRPPRKLVPLAYKQFSPNVPEKTLGASGRYEGKIARSSERFKELTPNYNPDIIFKDEK
NTGADRLMTQRCKDRLNSLAISVMNQWPGVKLRVTEGWDEDGHHSEESLHYEGRAVDITTSDRDRNKYGLLARLAVEAGF
DWVYYESKAHVHCSVKSEHSAAAKTGG
;
_entity_poly.pdbx_seq_one_letter_code_can   
;MRGSHHHHHHGSCGPGRVVGSRRRPPRKLVPLAYKQFSPNVPEKTLGASGRYEGKIARSSERFKELTPNYNPDIIFKDEK
NTGADRLMTQRCKDRLNSLAISVMNQWPGVKLRVTEGWDEDGHHSEESLHYEGRAVDITTSDRDRNKYGLLARLAVEAGF
DWVYYESKAHVHCSVKSEHSAAAKTGG
;
_entity_poly.pdbx_strand_id                 B 
_entity_poly.pdbx_target_identifier         ? 
# 
loop_
_entity_poly_seq.entity_id 
_entity_poly_seq.num 
_entity_poly_seq.mon_id 
_entity_poly_seq.hetero 
1 1   MET n 
1 2   ARG n 
1 3   GLY n 
1 4   SER n 
1 5   HIS n 
1 6   HIS n 
1 7   HIS n 
1 8   HIS n 
1 9   HIS n 
1 10  HIS n 
1 11  GLY n 
1 12  SER n 
1 13  CYS n 
1 14  GLY n 
1 15  PRO n 
1 16  GLY n 
1 17  ARG n 
1 18  VAL n 
1 19  VAL n 
1 20  GLY n 
1 21  SER n 
1 22  ARG n 
1 23  ARG n 
1 24  ARG n 
1 25  PRO n 
1 26  PRO n 
1 27  ARG n 
1 28  LYS n 
1 29  LEU n 
1 30  VAL n 
1 31  PRO n 
1 32  LEU n 
1 33  ALA n 
1 34  TYR n 
1 35  LYS n 
1 36  GLN n 
1 37  PHE n 
1 38  SER n 
1 39  PRO n 
1 40  ASN n 
1 41  VAL n 
1 42  PRO n 
1 43  GLU n 
1 44  LYS n 
1 45  THR n 
1 46  LEU n 
1 47  GLY n 
1 48  ALA n 
1 49  SER n 
1 50  GLY n 
1 51  ARG n 
1 52  TYR n 
1 53  GLU n 
1 54  GLY n 
1 55  LYS n 
1 56  ILE n 
1 57  ALA n 
1 58  ARG n 
1 59  SER n 
1 60  SER n 
1 61  GLU n 
1 62  ARG n 
1 63  PHE n 
1 64  LYS n 
1 65  GLU n 
1 66  LEU n 
1 67  THR n 
1 68  PRO n 
1 69  ASN n 
1 70  TYR n 
1 71  ASN n 
1 72  PRO n 
1 73  ASP n 
1 74  ILE n 
1 75  ILE n 
1 76  PHE n 
1 77  LYS n 
1 78  ASP n 
1 79  GLU n 
1 80  LYS n 
1 81  ASN n 
1 82  THR n 
1 83  GLY n 
1 84  ALA n 
1 85  ASP n 
1 86  ARG n 
1 87  LEU n 
1 88  MET n 
1 89  THR n 
1 90  GLN n 
1 91  ARG n 
1 92  CYS n 
1 93  LYS n 
1 94  ASP n 
1 95  ARG n 
1 96  LEU n 
1 97  ASN n 
1 98  SER n 
1 99  LEU n 
1 100 ALA n 
1 101 ILE n 
1 102 SER n 
1 103 VAL n 
1 104 MET n 
1 105 ASN n 
1 106 GLN n 
1 107 TRP n 
1 108 PRO n 
1 109 GLY n 
1 110 VAL n 
1 111 LYS n 
1 112 LEU n 
1 113 ARG n 
1 114 VAL n 
1 115 THR n 
1 116 GLU n 
1 117 GLY n 
1 118 TRP n 
1 119 ASP n 
1 120 GLU n 
1 121 ASP n 
1 122 GLY n 
1 123 HIS n 
1 124 HIS n 
1 125 SER n 
1 126 GLU n 
1 127 GLU n 
1 128 SER n 
1 129 LEU n 
1 130 HIS n 
1 131 TYR n 
1 132 GLU n 
1 133 GLY n 
1 134 ARG n 
1 135 ALA n 
1 136 VAL n 
1 137 ASP n 
1 138 ILE n 
1 139 THR n 
1 140 THR n 
1 141 SER n 
1 142 ASP n 
1 143 ARG n 
1 144 ASP n 
1 145 ARG n 
1 146 ASN n 
1 147 LYS n 
1 148 TYR n 
1 149 GLY n 
1 150 LEU n 
1 151 LEU n 
1 152 ALA n 
1 153 ARG n 
1 154 LEU n 
1 155 ALA n 
1 156 VAL n 
1 157 GLU n 
1 158 ALA n 
1 159 GLY n 
1 160 PHE n 
1 161 ASP n 
1 162 TRP n 
1 163 VAL n 
1 164 TYR n 
1 165 TYR n 
1 166 GLU n 
1 167 SER n 
1 168 LYS n 
1 169 ALA n 
1 170 HIS n 
1 171 VAL n 
1 172 HIS n 
1 173 CYS n 
1 174 SER n 
1 175 VAL n 
1 176 LYS n 
1 177 SER n 
1 178 GLU n 
1 179 HIS n 
1 180 SER n 
1 181 ALA n 
1 182 ALA n 
1 183 ALA n 
1 184 LYS n 
1 185 THR n 
1 186 GLY n 
1 187 GLY n 
# 
_entity_src_gen.entity_id                          1 
_entity_src_gen.pdbx_src_id                        1 
_entity_src_gen.pdbx_alt_source_flag               sample 
_entity_src_gen.pdbx_seq_type                      ? 
_entity_src_gen.pdbx_beg_seq_num                   ? 
_entity_src_gen.pdbx_end_seq_num                   ? 
_entity_src_gen.gene_src_common_name               human 
_entity_src_gen.gene_src_genus                     ? 
_entity_src_gen.pdbx_gene_src_gene                 IHH 
_entity_src_gen.gene_src_species                   ? 
_entity_src_gen.gene_src_strain                    ? 
_entity_src_gen.gene_src_tissue                    ? 
_entity_src_gen.gene_src_tissue_fraction           ? 
_entity_src_gen.gene_src_details                   ? 
_entity_src_gen.pdbx_gene_src_fragment             ? 
_entity_src_gen.pdbx_gene_src_scientific_name      'Homo sapiens' 
_entity_src_gen.pdbx_gene_src_ncbi_taxonomy_id     9606 
_entity_src_gen.pdbx_gene_src_variant              ? 
_entity_src_gen.pdbx_gene_src_cell_line            ? 
_entity_src_gen.pdbx_gene_src_atcc                 ? 
_entity_src_gen.pdbx_gene_src_organ                ? 
_entity_src_gen.pdbx_gene_src_organelle            ? 
_entity_src_gen.pdbx_gene_src_cell                 ? 
_entity_src_gen.pdbx_gene_src_cellular_location    ? 
_entity_src_gen.host_org_common_name               ? 
_entity_src_gen.pdbx_host_org_scientific_name      'Escherichia coli' 
_entity_src_gen.pdbx_host_org_ncbi_taxonomy_id     562 
_entity_src_gen.host_org_genus                     ? 
_entity_src_gen.pdbx_host_org_gene                 ? 
_entity_src_gen.pdbx_host_org_organ                ? 
_entity_src_gen.host_org_species                   ? 
_entity_src_gen.pdbx_host_org_tissue               ? 
_entity_src_gen.pdbx_host_org_tissue_fraction      ? 
_entity_src_gen.pdbx_host_org_strain               Rosseta 
_entity_src_gen.pdbx_host_org_variant              ? 
_entity_src_gen.pdbx_host_org_cell_line            ? 
_entity_src_gen.pdbx_host_org_atcc                 ? 
_entity_src_gen.pdbx_host_org_culture_collection   ? 
_entity_src_gen.pdbx_host_org_cell                 ? 
_entity_src_gen.pdbx_host_org_organelle            ? 
_entity_src_gen.pdbx_host_org_cellular_location    ? 
_entity_src_gen.pdbx_host_org_vector_type          plasmid 
_entity_src_gen.pdbx_host_org_vector               ? 
_entity_src_gen.host_org_details                   ? 
_entity_src_gen.expression_system_id               ? 
_entity_src_gen.plasmid_name                       pET28a 
_entity_src_gen.plasmid_details                    ? 
_entity_src_gen.pdbx_description                   ? 
# 
_struct_ref.id                         1 
_struct_ref.db_name                    UNP 
_struct_ref.db_code                    IHH_HUMAN 
_struct_ref.pdbx_db_accession          Q14623 
_struct_ref.entity_id                  1 
_struct_ref.pdbx_seq_one_letter_code   
;CGPGRVVGSRRRPPRKLVPLAYKQFSPNVPEKTLGASGRYEGKIARSSERFKELTPNYNPDIIFKDEENTGADRLMTQRC
KDRLNSLAISVMNQWPGVKLRVTEGWDEDGHHSEESLHYEGRAVDITTSDRDRNKYGLLARLAVEAGFDWVYYESKAHVH
CSVKSEHSAAAKTGG
;
_struct_ref.pdbx_align_begin           28 
_struct_ref.pdbx_db_isoform            ? 
# 
_struct_ref_seq.align_id                      1 
_struct_ref_seq.ref_id                        1 
_struct_ref_seq.pdbx_PDB_id_code              3K7H 
_struct_ref_seq.pdbx_strand_id                B 
_struct_ref_seq.seq_align_beg                 13 
_struct_ref_seq.pdbx_seq_align_beg_ins_code   ? 
_struct_ref_seq.seq_align_end                 187 
_struct_ref_seq.pdbx_seq_align_end_ins_code   ? 
_struct_ref_seq.pdbx_db_accession             Q14623 
_struct_ref_seq.db_align_beg                  28 
_struct_ref_seq.pdbx_db_align_beg_ins_code    ? 
_struct_ref_seq.db_align_end                  202 
_struct_ref_seq.pdbx_db_align_end_ins_code    ? 
_struct_ref_seq.pdbx_auth_seq_align_beg       28 
_struct_ref_seq.pdbx_auth_seq_align_end       202 
# 
loop_
_struct_ref_seq_dif.align_id 
_struct_ref_seq_dif.pdbx_pdb_id_code 
_struct_ref_seq_dif.mon_id 
_struct_ref_seq_dif.pdbx_pdb_strand_id 
_struct_ref_seq_dif.seq_num 
_struct_ref_seq_dif.pdbx_pdb_ins_code 
_struct_ref_seq_dif.pdbx_seq_db_name 
_struct_ref_seq_dif.pdbx_seq_db_accession_code 
_struct_ref_seq_dif.db_mon_id 
_struct_ref_seq_dif.pdbx_seq_db_seq_num 
_struct_ref_seq_dif.details 
_struct_ref_seq_dif.pdbx_auth_seq_num 
_struct_ref_seq_dif.pdbx_ordinal 
1 3K7H MET B 1  ? UNP Q14623 ?   ?  'initiating methionine' 16 1  
1 3K7H ARG B 2  ? UNP Q14623 ?   ?  'expression tag'        17 2  
1 3K7H GLY B 3  ? UNP Q14623 ?   ?  'expression tag'        18 3  
1 3K7H SER B 4  ? UNP Q14623 ?   ?  'expression tag'        19 4  
1 3K7H HIS B 5  ? UNP Q14623 ?   ?  'expression tag'        20 5  
1 3K7H HIS B 6  ? UNP Q14623 ?   ?  'expression tag'        21 6  
1 3K7H HIS B 7  ? UNP Q14623 ?   ?  'expression tag'        22 7  
1 3K7H HIS B 8  ? UNP Q14623 ?   ?  'expression tag'        23 8  
1 3K7H HIS B 9  ? UNP Q14623 ?   ?  'expression tag'        24 9  
1 3K7H HIS B 10 ? UNP Q14623 ?   ?  'expression tag'        25 10 
1 3K7H GLY B 11 ? UNP Q14623 ?   ?  'expression tag'        26 11 
1 3K7H SER B 12 ? UNP Q14623 ?   ?  'expression tag'        27 12 
1 3K7H LYS B 80 ? UNP Q14623 GLU 95 'engineered mutation'   95 13 
# 
loop_
_chem_comp.id 
_chem_comp.type 
_chem_comp.mon_nstd_flag 
_chem_comp.name 
_chem_comp.pdbx_synonyms 
_chem_comp.formula 
_chem_comp.formula_weight 
ALA 'L-peptide linking' y ALANINE         ? 'C3 H7 N O2'     89.093  
ARG 'L-peptide linking' y ARGININE        ? 'C6 H15 N4 O2 1' 175.209 
ASN 'L-peptide linking' y ASPARAGINE      ? 'C4 H8 N2 O3'    132.118 
ASP 'L-peptide linking' y 'ASPARTIC ACID' ? 'C4 H7 N O4'     133.103 
CYS 'L-peptide linking' y CYSTEINE        ? 'C3 H7 N O2 S'   121.158 
GLN 'L-peptide linking' y GLUTAMINE       ? 'C5 H10 N2 O3'   146.144 
GLU 'L-peptide linking' y 'GLUTAMIC ACID' ? 'C5 H9 N O4'     147.129 
GLY 'peptide linking'   y GLYCINE         ? 'C2 H5 N O2'     75.067  
HIS 'L-peptide linking' y HISTIDINE       ? 'C6 H10 N3 O2 1' 156.162 
HOH non-polymer         . WATER           ? 'H2 O'           18.015  
ILE 'L-peptide linking' y ISOLEUCINE      ? 'C6 H13 N O2'    131.173 
LEU 'L-peptide linking' y LEUCINE         ? 'C6 H13 N O2'    131.173 
LYS 'L-peptide linking' y LYSINE          ? 'C6 H15 N2 O2 1' 147.195 
MET 'L-peptide linking' y METHIONINE      ? 'C5 H11 N O2 S'  149.211 
PHE 'L-peptide linking' y PHENYLALANINE   ? 'C9 H11 N O2'    165.189 
PRO 'L-peptide linking' y PROLINE         ? 'C5 H9 N O2'     115.130 
SER 'L-peptide linking' y SERINE          ? 'C3 H7 N O3'     105.093 
SO4 non-polymer         . 'SULFATE ION'   ? 'O4 S -2'        96.063  
THR 'L-peptide linking' y THREONINE       ? 'C4 H9 N O3'     119.119 
TRP 'L-peptide linking' y TRYPTOPHAN      ? 'C11 H12 N2 O2'  204.225 
TYR 'L-peptide linking' y TYROSINE        ? 'C9 H11 N O3'    181.189 
VAL 'L-peptide linking' y VALINE          ? 'C5 H11 N O2'    117.146 
ZN  non-polymer         . 'ZINC ION'      ? 'Zn 2'           65.409  
# 
_exptl.entry_id          3K7H 
_exptl.method            'X-RAY DIFFRACTION' 
_exptl.crystals_number   1 
# 
_exptl_crystal.id                    1 
_exptl_crystal.density_meas          ? 
_exptl_crystal.density_Matthews      2.39 
_exptl_crystal.density_percent_sol   48.49 
_exptl_crystal.description           ? 
_exptl_crystal.F_000                 ? 
_exptl_crystal.preparation           ? 
# 
_exptl_crystal_grow.crystal_id      1 
_exptl_crystal_grow.method          'VAPOR DIFFUSION, HANGING DROP' 
_exptl_crystal_grow.temp            289 
_exptl_crystal_grow.temp_details    ? 
_exptl_crystal_grow.pH              6.5 
_exptl_crystal_grow.pdbx_details    
'0.1M sodium cacodylate, pH 6.5, 30% PEG 8000, 0.2M (NH4)2SO4, VAPOR DIFFUSION, HANGING DROP, temperature 289K' 
_exptl_crystal_grow.pdbx_pH_range   . 
# 
_diffrn.id                     1 
_diffrn.ambient_temp           100 
_diffrn.ambient_temp_details   ? 
_diffrn.crystal_id             1 
# 
_diffrn_detector.diffrn_id              1 
_diffrn_detector.detector               'IMAGE PLATE' 
_diffrn_detector.type                   'MAR scanner 345 mm plate' 
_diffrn_detector.pdbx_collection_date   2006-07-10 
_diffrn_detector.details                ? 
# 
_diffrn_radiation.diffrn_id                        1 
_diffrn_radiation.wavelength_id                    1 
_diffrn_radiation.pdbx_monochromatic_or_laue_m_l   M 
_diffrn_radiation.monochromator                    ? 
_diffrn_radiation.pdbx_diffrn_protocol             'SINGLE WAVELENGTH' 
_diffrn_radiation.pdbx_scattering_type             x-ray 
# 
_diffrn_radiation_wavelength.id           1 
_diffrn_radiation_wavelength.wavelength   1.54178 
_diffrn_radiation_wavelength.wt           1.0 
# 
_diffrn_source.diffrn_id                   1 
_diffrn_source.source                      'ROTATING ANODE' 
_diffrn_source.type                        'RIGAKU MICROMAX-007 HF' 
_diffrn_source.pdbx_synchrotron_site       ? 
_diffrn_source.pdbx_synchrotron_beamline   ? 
_diffrn_source.pdbx_wavelength             ? 
_diffrn_source.pdbx_wavelength_list        1.54178 
# 
_reflns.entry_id                     3K7H 
_reflns.observed_criterion_sigma_I   ? 
_reflns.observed_criterion_sigma_F   ? 
_reflns.d_resolution_low             26.971 
_reflns.d_resolution_high            1.50 
_reflns.number_obs                   31798 
_reflns.number_all                   ? 
_reflns.percent_possible_obs         99.5 
_reflns.pdbx_Rmerge_I_obs            0.048 
_reflns.pdbx_Rsym_value              ? 
_reflns.pdbx_netI_over_sigmaI        14.7 
_reflns.B_iso_Wilson_estimate        17.41 
_reflns.pdbx_redundancy              3.5 
_reflns.R_free_details               ? 
_reflns.limit_h_max                  ? 
_reflns.limit_h_min                  ? 
_reflns.limit_k_max                  ? 
_reflns.limit_k_min                  ? 
_reflns.limit_l_max                  ? 
_reflns.limit_l_min                  ? 
_reflns.observed_criterion_F_max     ? 
_reflns.observed_criterion_F_min     ? 
_reflns.pdbx_chi_squared             ? 
_reflns.pdbx_scaling_rejects         ? 
_reflns.pdbx_diffrn_id               1 
_reflns.pdbx_ordinal                 1 
# 
_reflns_shell.d_res_high             1.50 
_reflns_shell.d_res_low              1.58 
_reflns_shell.percent_possible_all   98.4 
_reflns_shell.Rmerge_I_obs           0.656 
_reflns_shell.pdbx_Rsym_value        ? 
_reflns_shell.meanI_over_sigI_obs    2.0 
_reflns_shell.pdbx_redundancy        3.3 
_reflns_shell.percent_possible_obs   ? 
_reflns_shell.number_unique_all      4575 
_reflns_shell.number_measured_all    ? 
_reflns_shell.number_measured_obs    ? 
_reflns_shell.number_unique_obs      ? 
_reflns_shell.pdbx_chi_squared       ? 
_reflns_shell.pdbx_diffrn_id         ? 
_reflns_shell.pdbx_ordinal           1 
# 
_refine.entry_id                                 3K7H 
_refine.ls_number_reflns_obs                     31791 
_refine.ls_number_reflns_all                     ? 
_refine.pdbx_ls_sigma_I                          ? 
_refine.pdbx_ls_sigma_F                          1.37 
_refine.pdbx_data_cutoff_high_absF               ? 
_refine.pdbx_data_cutoff_low_absF                ? 
_refine.pdbx_data_cutoff_high_rms_absF           ? 
_refine.ls_d_res_low                             26.971 
_refine.ls_d_res_high                            1.500 
_refine.ls_percent_reflns_obs                    99.47 
_refine.ls_R_factor_obs                          0.1902 
_refine.ls_R_factor_all                          ? 
_refine.ls_R_factor_R_work                       0.1898 
_refine.ls_R_factor_R_free                       0.1978 
_refine.ls_R_factor_R_free_error                 ? 
_refine.ls_R_factor_R_free_error_details         ? 
_refine.ls_percent_reflns_R_free                 5.04 
_refine.ls_number_reflns_R_free                  1603 
_refine.ls_number_reflns_R_work                  30188 
_refine.ls_number_parameters                     ? 
_refine.ls_number_restraints                     ? 
_refine.correlation_coeff_Fo_to_Fc               ? 
_refine.correlation_coeff_Fo_to_Fc_free          ? 
_refine.B_iso_mean                               20.307 
_refine.aniso_B[1][1]                            -2.684 
_refine.aniso_B[2][2]                            -1.778 
_refine.aniso_B[3][3]                            -3.447 
_refine.aniso_B[1][2]                            -0.000 
_refine.aniso_B[1][3]                            0.586 
_refine.aniso_B[2][3]                            -0.000 
_refine.solvent_model_details                    'FLAT BULK SOLVENT MODEL' 
_refine.solvent_model_param_ksol                 0.433 
_refine.solvent_model_param_bsol                 42.011 
_refine.pdbx_solvent_vdw_probe_radii             1.11 
_refine.pdbx_solvent_ion_probe_radii             ? 
_refine.pdbx_solvent_shrinkage_radii             0.90 
_refine.pdbx_ls_cross_valid_method               THROUGHOUT 
_refine.details                                  ? 
_refine.pdbx_starting_model                      'PDB ENTRY 1VHH' 
_refine.pdbx_method_to_determine_struct          'MOLECULAR REPLACEMENT' 
_refine.pdbx_isotropic_thermal_model             ? 
_refine.pdbx_stereochemistry_target_values       ML 
_refine.pdbx_stereochem_target_val_spec_case     ? 
_refine.pdbx_R_Free_selection_details            RANDOM 
_refine.pdbx_overall_ESU_R                       ? 
_refine.pdbx_overall_ESU_R_Free                  ? 
_refine.overall_SU_ML                            0.15 
_refine.overall_SU_B                             ? 
_refine.ls_redundancy_reflns_obs                 ? 
_refine.overall_SU_R_Cruickshank_DPI             ? 
_refine.overall_SU_R_free                        ? 
_refine.ls_wR_factor_R_free                      ? 
_refine.ls_wR_factor_R_work                      ? 
_refine.overall_FOM_free_R_set                   ? 
_refine.overall_FOM_work_R_set                   0.897 
_refine.B_iso_max                                57.33 
_refine.B_iso_min                                12.48 
_refine.pdbx_overall_phase_error                 17.780 
_refine.occupancy_max                            1.00 
_refine.occupancy_min                            0.41 
_refine.pdbx_refine_id                           'X-RAY DIFFRACTION' 
_refine.pdbx_diffrn_id                           1 
_refine.pdbx_TLS_residual_ADP_flag               ? 
_refine.pdbx_overall_SU_R_free_Cruickshank_DPI   ? 
_refine.pdbx_overall_SU_R_Blow_DPI               ? 
_refine.pdbx_overall_SU_R_free_Blow_DPI          ? 
# 
_refine_hist.pdbx_refine_id                   'X-RAY DIFFRACTION' 
_refine_hist.cycle_id                         LAST 
_refine_hist.pdbx_number_atoms_protein        1260 
_refine_hist.pdbx_number_atoms_nucleic_acid   0 
_refine_hist.pdbx_number_atoms_ligand         6 
_refine_hist.number_atoms_solvent             182 
_refine_hist.number_atoms_total               1448 
_refine_hist.d_res_high                       1.500 
_refine_hist.d_res_low                        26.971 
# 
loop_
_refine_ls_restr.type 
_refine_ls_restr.dev_ideal 
_refine_ls_restr.dev_ideal_target 
_refine_ls_restr.weight 
_refine_ls_restr.number 
_refine_ls_restr.pdbx_refine_id 
_refine_ls_restr.pdbx_restraint_function 
f_bond_d           0.005  ? ? 1294 'X-RAY DIFFRACTION' ? 
f_angle_d          0.995  ? ? 1747 'X-RAY DIFFRACTION' ? 
f_dihedral_angle_d 17.208 ? ? 480  'X-RAY DIFFRACTION' ? 
f_chiral_restr     0.077  ? ? 181  'X-RAY DIFFRACTION' ? 
f_plane_restr      0.003  ? ? 228  'X-RAY DIFFRACTION' ? 
# 
loop_
_refine_ls_shell.pdbx_total_number_of_bins_used 
_refine_ls_shell.d_res_high 
_refine_ls_shell.d_res_low 
_refine_ls_shell.number_reflns_R_work 
_refine_ls_shell.R_factor_R_work 
_refine_ls_shell.percent_reflns_obs 
_refine_ls_shell.R_factor_R_free 
_refine_ls_shell.R_factor_R_free_error 
_refine_ls_shell.percent_reflns_R_free 
_refine_ls_shell.number_reflns_R_free 
_refine_ls_shell.number_reflns_all 
_refine_ls_shell.R_factor_all 
_refine_ls_shell.number_reflns_obs 
_refine_ls_shell.redundancy_reflns_obs 
_refine_ls_shell.pdbx_refine_id 
. 1.5000 1.5484  2699 0.2748 98.00  0.2807 . . 157 . . . . 'X-RAY DIFFRACTION' 
. 1.5484 1.6038  2703 0.2469 99.00  0.2578 . . 116 . . . . 'X-RAY DIFFRACTION' 
. 1.6038 1.6680  2733 0.2041 99.00  0.2357 . . 141 . . . . 'X-RAY DIFFRACTION' 
. 1.6680 1.7439  2745 0.1737 99.00  0.2009 . . 113 . . . . 'X-RAY DIFFRACTION' 
. 1.7439 1.8358  2721 0.1648 100.00 0.1992 . . 151 . . . . 'X-RAY DIFFRACTION' 
. 1.8358 1.9508  2757 0.1530 100.00 0.2050 . . 153 . . . . 'X-RAY DIFFRACTION' 
. 1.9508 2.1013  2745 0.1565 100.00 0.1711 . . 152 . . . . 'X-RAY DIFFRACTION' 
. 2.1013 2.3127  2759 0.1580 100.00 0.1816 . . 144 . . . . 'X-RAY DIFFRACTION' 
. 2.3127 2.6471  2744 0.1724 100.00 0.1990 . . 164 . . . . 'X-RAY DIFFRACTION' 
. 2.6471 3.3341  2769 0.1702 100.00 0.1720 . . 160 . . . . 'X-RAY DIFFRACTION' 
. 3.3341 26.9756 2813 0.1690 100.00 0.1601 . . 152 . . . . 'X-RAY DIFFRACTION' 
# 
_struct.entry_id                  3K7H 
_struct.title                     'Crystal structure of the E95K mutant of the Indian Hedgehog N-terminal signalling domain' 
_struct.pdbx_model_details        ? 
_struct.pdbx_CASP_flag            ? 
_struct.pdbx_model_type_details   ? 
# 
_struct_keywords.entry_id        3K7H 
_struct_keywords.pdbx_keywords   'SIGNALING PROTEIN' 
_struct_keywords.text            
;alpha+beta sandwich, Autocatalytic cleavage, Cell membrane, Developmental protein, Disease mutation, Glycoprotein, Hydrolase, Lipoprotein, Membrane, Palmitate, Protease, Secreted, SIGNALING PROTEIN
;
# 
loop_
_struct_asym.id 
_struct_asym.pdbx_blank_PDB_chainid_flag 
_struct_asym.pdbx_modified 
_struct_asym.entity_id 
_struct_asym.details 
A N N 1 ? 
B N N 2 ? 
C N N 3 ? 
D N N 4 ? 
# 
_struct_biol.id        1 
_struct_biol.details   ? 
# 
loop_
_struct_conf.conf_type_id 
_struct_conf.id 
_struct_conf.pdbx_PDB_helix_id 
_struct_conf.beg_label_comp_id 
_struct_conf.beg_label_asym_id 
_struct_conf.beg_label_seq_id 
_struct_conf.pdbx_beg_PDB_ins_code 
_struct_conf.end_label_comp_id 
_struct_conf.end_label_asym_id 
_struct_conf.end_label_seq_id 
_struct_conf.pdbx_end_PDB_ins_code 
_struct_conf.beg_auth_comp_id 
_struct_conf.beg_auth_asym_id 
_struct_conf.beg_auth_seq_id 
_struct_conf.end_auth_comp_id 
_struct_conf.end_auth_asym_id 
_struct_conf.end_auth_seq_id 
_struct_conf.pdbx_PDB_helix_class 
_struct_conf.details 
_struct_conf.pdbx_PDB_helix_length 
HELX_P HELX_P1 1 SER A 60  ? LEU A 66  ? SER B 75  LEU B 81  5 ? 7  
HELX_P HELX_P2 2 GLY A 83  ? ASP A 85  ? GLY B 98  ASP B 100 5 ? 3  
HELX_P HELX_P3 3 THR A 89  ? TRP A 107 ? THR B 104 TRP B 122 1 ? 19 
HELX_P HELX_P4 4 SER A 128 ? GLY A 133 ? SER B 143 GLY B 148 5 ? 6  
HELX_P HELX_P5 5 ASP A 144 ? ASN A 146 ? ASP B 159 ASN B 161 5 ? 3  
HELX_P HELX_P6 6 LYS A 147 ? ALA A 158 ? LYS B 162 ALA B 173 1 ? 12 
# 
_struct_conf_type.id          HELX_P 
_struct_conf_type.criteria    ? 
_struct_conf_type.reference   ? 
# 
loop_
_struct_conn.id 
_struct_conn.conn_type_id 
_struct_conn.pdbx_leaving_atom_flag 
_struct_conn.pdbx_PDB_id 
_struct_conn.ptnr1_label_asym_id 
_struct_conn.ptnr1_label_comp_id 
_struct_conn.ptnr1_label_seq_id 
_struct_conn.ptnr1_label_atom_id 
_struct_conn.pdbx_ptnr1_label_alt_id 
_struct_conn.pdbx_ptnr1_PDB_ins_code 
_struct_conn.pdbx_ptnr1_standard_comp_id 
_struct_conn.ptnr1_symmetry 
_struct_conn.ptnr2_label_asym_id 
_struct_conn.ptnr2_label_comp_id 
_struct_conn.ptnr2_label_seq_id 
_struct_conn.ptnr2_label_atom_id 
_struct_conn.pdbx_ptnr2_label_alt_id 
_struct_conn.pdbx_ptnr2_PDB_ins_code 
_struct_conn.ptnr1_auth_asym_id 
_struct_conn.ptnr1_auth_comp_id 
_struct_conn.ptnr1_auth_seq_id 
_struct_conn.ptnr2_auth_asym_id 
_struct_conn.ptnr2_auth_comp_id 
_struct_conn.ptnr2_auth_seq_id 
_struct_conn.ptnr2_symmetry 
_struct_conn.pdbx_ptnr3_label_atom_id 
_struct_conn.pdbx_ptnr3_label_seq_id 
_struct_conn.pdbx_ptnr3_label_comp_id 
_struct_conn.pdbx_ptnr3_label_asym_id 
_struct_conn.pdbx_ptnr3_label_alt_id 
_struct_conn.pdbx_ptnr3_PDB_ins_code 
_struct_conn.details 
_struct_conn.pdbx_dist_value 
_struct_conn.pdbx_value_order 
_struct_conn.pdbx_role 
metalc1 metalc ? ? A HIS 130 NE2 ? ? ? 1_555 B ZN . ZN ? ? B HIS 145 B ZN 1001 1_555 ? ? ? ? ? ? ? 2.039 ? ? 
metalc2 metalc ? ? A ASP 137 OD1 ? ? ? 1_555 B ZN . ZN ? ? B ASP 152 B ZN 1001 1_555 ? ? ? ? ? ? ? 1.975 ? ? 
metalc3 metalc ? ? A HIS 172 ND1 ? ? ? 1_555 B ZN . ZN ? ? B HIS 187 B ZN 1001 1_555 ? ? ? ? ? ? ? 2.089 ? ? 
metalc4 metalc ? ? D HOH .   O   ? ? ? 1_555 B ZN . ZN ? ? B HOH 368 B ZN 1001 1_555 ? ? ? ? ? ? ? 2.049 ? ? 
# 
_struct_conn_type.id          metalc 
_struct_conn_type.criteria    ? 
_struct_conn_type.reference   ? 
# 
_struct_mon_prot_cis.pdbx_id                1 
_struct_mon_prot_cis.label_comp_id          SER 
_struct_mon_prot_cis.label_seq_id           38 
_struct_mon_prot_cis.label_asym_id          A 
_struct_mon_prot_cis.label_alt_id           . 
_struct_mon_prot_cis.pdbx_PDB_ins_code      ? 
_struct_mon_prot_cis.auth_comp_id           SER 
_struct_mon_prot_cis.auth_seq_id            53 
_struct_mon_prot_cis.auth_asym_id           B 
_struct_mon_prot_cis.pdbx_label_comp_id_2   PRO 
_struct_mon_prot_cis.pdbx_label_seq_id_2    39 
_struct_mon_prot_cis.pdbx_label_asym_id_2   A 
_struct_mon_prot_cis.pdbx_PDB_ins_code_2    ? 
_struct_mon_prot_cis.pdbx_auth_comp_id_2    PRO 
_struct_mon_prot_cis.pdbx_auth_seq_id_2     54 
_struct_mon_prot_cis.pdbx_auth_asym_id_2    B 
_struct_mon_prot_cis.pdbx_PDB_model_num     1 
_struct_mon_prot_cis.pdbx_omega_angle       -3.48 
# 
loop_
_struct_sheet.id 
_struct_sheet.type 
_struct_sheet.number_strands 
_struct_sheet.details 
A ? 6 ? 
B ? 2 ? 
# 
loop_
_struct_sheet_order.sheet_id 
_struct_sheet_order.range_id_1 
_struct_sheet_order.range_id_2 
_struct_sheet_order.offset 
_struct_sheet_order.sense 
A 1 2 ? anti-parallel 
A 2 3 ? anti-parallel 
A 3 4 ? anti-parallel 
A 4 5 ? anti-parallel 
A 5 6 ? parallel      
B 1 2 ? anti-parallel 
# 
loop_
_struct_sheet_range.sheet_id 
_struct_sheet_range.id 
_struct_sheet_range.beg_label_comp_id 
_struct_sheet_range.beg_label_asym_id 
_struct_sheet_range.beg_label_seq_id 
_struct_sheet_range.pdbx_beg_PDB_ins_code 
_struct_sheet_range.end_label_comp_id 
_struct_sheet_range.end_label_asym_id 
_struct_sheet_range.end_label_seq_id 
_struct_sheet_range.pdbx_end_PDB_ins_code 
_struct_sheet_range.beg_auth_comp_id 
_struct_sheet_range.beg_auth_asym_id 
_struct_sheet_range.beg_auth_seq_id 
_struct_sheet_range.end_auth_comp_id 
_struct_sheet_range.end_auth_asym_id 
_struct_sheet_range.end_auth_seq_id 
A 1 PHE A 37  ? SER A 38  ? PHE B 52  SER B 53  
A 2 TRP A 162 ? SER A 167 ? TRP B 177 SER B 182 
A 3 HIS A 170 ? SER A 174 ? HIS B 185 SER B 189 
A 4 ALA A 135 ? THR A 140 ? ALA B 150 THR B 155 
A 5 LEU A 112 ? GLU A 116 ? LEU B 127 GLU B 131 
A 6 ILE A 74  ? PHE A 76  ? ILE B 89  PHE B 91  
B 1 THR A 67  ? PRO A 68  ? THR B 82  PRO B 83  
B 2 LEU A 87  ? MET A 88  ? LEU B 102 MET B 103 
# 
loop_
_pdbx_struct_sheet_hbond.sheet_id 
_pdbx_struct_sheet_hbond.range_id_1 
_pdbx_struct_sheet_hbond.range_id_2 
_pdbx_struct_sheet_hbond.range_1_label_atom_id 
_pdbx_struct_sheet_hbond.range_1_label_comp_id 
_pdbx_struct_sheet_hbond.range_1_label_asym_id 
_pdbx_struct_sheet_hbond.range_1_label_seq_id 
_pdbx_struct_sheet_hbond.range_1_PDB_ins_code 
_pdbx_struct_sheet_hbond.range_1_auth_atom_id 
_pdbx_struct_sheet_hbond.range_1_auth_comp_id 
_pdbx_struct_sheet_hbond.range_1_auth_asym_id 
_pdbx_struct_sheet_hbond.range_1_auth_seq_id 
_pdbx_struct_sheet_hbond.range_2_label_atom_id 
_pdbx_struct_sheet_hbond.range_2_label_comp_id 
_pdbx_struct_sheet_hbond.range_2_label_asym_id 
_pdbx_struct_sheet_hbond.range_2_label_seq_id 
_pdbx_struct_sheet_hbond.range_2_PDB_ins_code 
_pdbx_struct_sheet_hbond.range_2_auth_atom_id 
_pdbx_struct_sheet_hbond.range_2_auth_comp_id 
_pdbx_struct_sheet_hbond.range_2_auth_asym_id 
_pdbx_struct_sheet_hbond.range_2_auth_seq_id 
A 1 2 N SER A 38  ? N SER B 53  O VAL A 163 ? O VAL B 178 
A 2 3 N TYR A 164 ? N TYR B 179 O HIS A 172 ? O HIS B 187 
A 3 4 O CYS A 173 ? O CYS B 188 N VAL A 136 ? N VAL B 151 
A 4 5 O ASP A 137 ? O ASP B 152 N GLU A 116 ? N GLU B 131 
A 5 6 O VAL A 114 ? O VAL B 129 N ILE A 75  ? N ILE B 90  
B 1 2 N THR A 67  ? N THR B 82  O MET A 88  ? O MET B 103 
# 
loop_
_struct_site.id 
_struct_site.pdbx_evidence_code 
_struct_site.pdbx_auth_asym_id 
_struct_site.pdbx_auth_comp_id 
_struct_site.pdbx_auth_seq_id 
_struct_site.pdbx_auth_ins_code 
_struct_site.pdbx_num_residues 
_struct_site.details 
AC1 Software B ZN  1001 ? 5 'BINDING SITE FOR RESIDUE ZN B 1001' 
AC2 Software B SO4 1    ? 7 'BINDING SITE FOR RESIDUE SO4 B 1'   
# 
loop_
_struct_site_gen.id 
_struct_site_gen.site_id 
_struct_site_gen.pdbx_num_res 
_struct_site_gen.label_comp_id 
_struct_site_gen.label_asym_id 
_struct_site_gen.label_seq_id 
_struct_site_gen.pdbx_auth_ins_code 
_struct_site_gen.auth_comp_id 
_struct_site_gen.auth_asym_id 
_struct_site_gen.auth_seq_id 
_struct_site_gen.label_atom_id 
_struct_site_gen.label_alt_id 
_struct_site_gen.symmetry 
_struct_site_gen.details 
1  AC1 5 HIS A 130 ? HIS B 145 . ? 1_555 ? 
2  AC1 5 ASP A 137 ? ASP B 152 . ? 1_555 ? 
3  AC1 5 HIS A 172 ? HIS B 187 . ? 1_555 ? 
4  AC1 5 ALA A 182 ? ALA B 197 . ? 4_455 ? 
5  AC1 5 HOH D .   ? HOH B 368 . ? 1_555 ? 
6  AC2 7 HOH D .   ? HOH B 13  . ? 1_555 ? 
7  AC2 7 LYS A 77  ? LYS B 92  . ? 1_555 ? 
8  AC2 7 ARG A 113 ? ARG B 128 . ? 1_555 ? 
9  AC2 7 THR A 115 ? THR B 130 . ? 1_555 ? 
10 AC2 7 ARG A 143 ? ARG B 158 . ? 1_555 ? 
11 AC2 7 HOH D .   ? HOH B 205 . ? 1_555 ? 
12 AC2 7 HOH D .   ? HOH B 234 . ? 1_555 ? 
# 
_atom_sites.entry_id                    3K7H 
_atom_sites.fract_transf_matrix[1][1]   0.00067186 
_atom_sites.fract_transf_matrix[1][2]   -0.00189758 
_atom_sites.fract_transf_matrix[1][3]   -0.00904819 
_atom_sites.fract_transf_matrix[2][1]   0.00477523 
_atom_sites.fract_transf_matrix[2][2]   -0.01788066 
_atom_sites.fract_transf_matrix[2][3]   0.00410450 
_atom_sites.fract_transf_matrix[3][1]   -0.02721098 
_atom_sites.fract_transf_matrix[3][2]   -0.00743515 
_atom_sites.fract_transf_matrix[3][3]   -0.00073255 
_atom_sites.fract_transf_vector[1]      -0.178945 
_atom_sites.fract_transf_vector[2]      -0.513230 
_atom_sites.fract_transf_vector[3]      0.110965 
# 
loop_
_atom_type.symbol 
C  
N  
O  
S  
ZN 
# 
loop_
_atom_site.group_PDB 
_atom_site.id 
_atom_site.type_symbol 
_atom_site.label_atom_id 
_atom_site.label_alt_id 
_atom_site.label_comp_id 
_atom_site.label_asym_id 
_atom_site.label_entity_id 
_atom_site.label_seq_id 
_atom_site.pdbx_PDB_ins_code 
_atom_site.Cartn_x 
_atom_site.Cartn_y 
_atom_site.Cartn_z 
_atom_site.occupancy 
_atom_site.B_iso_or_equiv 
_atom_site.pdbx_formal_charge 
_atom_site.auth_seq_id 
_atom_site.auth_comp_id 
_atom_site.auth_asym_id 
_atom_site.auth_atom_id 
_atom_site.pdbx_PDB_model_num 
ATOM   1    N  N   . PRO A 1 26  ? 10.409  4.832   -24.241 1.00 33.86 ? 41   PRO B N   1 
ATOM   2    C  CA  . PRO A 1 26  ? 10.263  4.118   -22.967 1.00 29.62 ? 41   PRO B CA  1 
ATOM   3    C  C   . PRO A 1 26  ? 11.523  4.216   -22.114 1.00 30.93 ? 41   PRO B C   1 
ATOM   4    O  O   . PRO A 1 26  ? 12.627  4.331   -22.647 1.00 30.66 ? 41   PRO B O   1 
ATOM   5    C  CB  . PRO A 1 26  ? 10.029  2.667   -23.403 1.00 29.18 ? 41   PRO B CB  1 
ATOM   6    C  CG  . PRO A 1 26  ? 10.634  2.569   -24.760 1.00 28.51 ? 41   PRO B CG  1 
ATOM   7    C  CD  . PRO A 1 26  ? 10.489  3.919   -25.394 1.00 31.25 ? 41   PRO B CD  1 
ATOM   8    N  N   . ARG A 1 27  ? 11.351  4.179   -20.798 1.00 31.51 ? 42   ARG B N   1 
ATOM   9    C  CA  . ARG A 1 27  ? 12.478  4.174   -19.878 1.00 32.04 ? 42   ARG B CA  1 
ATOM   10   C  C   . ARG A 1 27  ? 12.657  2.769   -19.319 1.00 25.83 ? 42   ARG B C   1 
ATOM   11   O  O   . ARG A 1 27  ? 11.683  2.039   -19.139 1.00 26.41 ? 42   ARG B O   1 
ATOM   12   C  CB  . ARG A 1 27  ? 12.239  5.149   -18.720 1.00 37.70 ? 42   ARG B CB  1 
ATOM   13   C  CG  . ARG A 1 27  ? 12.188  6.624   -19.105 1.00 44.90 ? 42   ARG B CG  1 
ATOM   14   C  CD  . ARG A 1 27  ? 10.886  6.985   -19.814 1.00 49.31 ? 42   ARG B CD  1 
ATOM   15   N  NE  . ARG A 1 27  ? 9.711   6.455   -19.125 1.00 52.80 ? 42   ARG B NE  1 
ATOM   16   C  CZ  . ARG A 1 27  ? 9.097   7.060   -18.113 1.00 55.37 ? 42   ARG B CZ  1 
ATOM   17   N  NH1 . ARG A 1 27  ? 9.549   8.223   -17.659 1.00 57.33 ? 42   ARG B NH1 1 
ATOM   18   N  NH2 . ARG A 1 27  ? 8.031   6.502   -17.550 1.00 56.27 ? 42   ARG B NH2 1 
ATOM   19   N  N   . LYS A 1 28  ? 13.900  2.394   -19.046 1.00 24.95 ? 43   LYS B N   1 
ATOM   20   C  CA  . LYS A 1 28  ? 14.181  1.132   -18.377 1.00 23.72 ? 43   LYS B CA  1 
ATOM   21   C  C   . LYS A 1 28  ? 13.672  1.199   -16.939 1.00 25.84 ? 43   LYS B C   1 
ATOM   22   O  O   . LYS A 1 28  ? 13.940  2.166   -16.221 1.00 26.74 ? 43   LYS B O   1 
ATOM   23   C  CB  . LYS A 1 28  ? 15.683  0.836   -18.406 1.00 28.01 ? 43   LYS B CB  1 
ATOM   24   C  CG  . LYS A 1 28  ? 16.136  -0.219  -17.414 1.00 32.87 ? 43   LYS B CG  1 
ATOM   25   C  CD  . LYS A 1 28  ? 17.544  -0.705  -17.734 1.00 41.96 ? 43   LYS B CD  1 
ATOM   26   C  CE  . LYS A 1 28  ? 18.191  -1.385  -16.535 1.00 42.03 ? 43   LYS B CE  1 
ATOM   27   N  NZ  . LYS A 1 28  ? 18.714  -0.398  -15.544 1.00 38.57 ? 43   LYS B NZ  1 
ATOM   28   N  N   . LEU A 1 29  ? 12.922  0.184   -16.522 1.00 21.33 ? 44   LEU B N   1 
ATOM   29   C  CA  . LEU A 1 29  ? 12.410  0.144   -15.157 1.00 21.68 ? 44   LEU B CA  1 
ATOM   30   C  C   . LEU A 1 29  ? 13.453  -0.484  -14.245 1.00 21.71 ? 44   LEU B C   1 
ATOM   31   O  O   . LEU A 1 29  ? 13.859  -1.629  -14.448 1.00 23.51 ? 44   LEU B O   1 
ATOM   32   C  CB  . LEU A 1 29  ? 11.098  -0.643  -15.087 1.00 20.93 ? 44   LEU B CB  1 
ATOM   33   C  CG  . LEU A 1 29  ? 9.877   0.040   -15.704 1.00 23.20 ? 44   LEU B CG  1 
ATOM   34   C  CD1 . LEU A 1 29  ? 8.744   -0.957  -15.895 1.00 23.54 ? 44   LEU B CD1 1 
ATOM   35   C  CD2 . LEU A 1 29  ? 9.433   1.211   -14.843 1.00 27.11 ? 44   LEU B CD2 1 
ATOM   36   N  N   . VAL A 1 30  ? 13.892  0.279   -13.249 1.00 19.10 ? 45   VAL B N   1 
ATOM   37   C  CA  . VAL A 1 30  ? 14.913  -0.179  -12.318 1.00 18.77 ? 45   VAL B CA  1 
ATOM   38   C  C   . VAL A 1 30  ? 14.240  -0.569  -11.009 1.00 17.63 ? 45   VAL B C   1 
ATOM   39   O  O   . VAL A 1 30  ? 13.533  0.241   -10.408 1.00 19.33 ? 45   VAL B O   1 
ATOM   40   C  CB  . VAL A 1 30  ? 15.960  0.929   -12.046 1.00 21.19 ? 45   VAL B CB  1 
ATOM   41   C  CG1 . VAL A 1 30  ? 17.056  0.419   -11.114 1.00 23.51 ? 45   VAL B CG1 1 
ATOM   42   C  CG2 . VAL A 1 30  ? 16.553  1.437   -13.357 1.00 22.75 ? 45   VAL B CG2 1 
ATOM   43   N  N   . PRO A 1 31  ? 14.445  -1.818  -10.567 1.00 16.40 ? 46   PRO B N   1 
ATOM   44   C  CA  . PRO A 1 31  ? 13.803  -2.215  -9.308  1.00 16.38 ? 46   PRO B CA  1 
ATOM   45   C  C   . PRO A 1 31  ? 14.385  -1.436  -8.135  1.00 15.57 ? 46   PRO B C   1 
ATOM   46   O  O   . PRO A 1 31  ? 15.541  -1.007  -8.187  1.00 18.53 ? 46   PRO B O   1 
ATOM   47   C  CB  . PRO A 1 31  ? 14.162  -3.702  -9.188  1.00 17.12 ? 46   PRO B CB  1 
ATOM   48   C  CG  . PRO A 1 31  ? 15.379  -3.869  -10.072 1.00 21.80 ? 46   PRO B CG  1 
ATOM   49   C  CD  . PRO A 1 31  ? 15.136  -2.944  -11.214 1.00 19.98 ? 46   PRO B CD  1 
ATOM   50   N  N   . LEU A 1 32  ? 13.592  -1.235  -7.089  1.00 15.39 ? 47   LEU B N   1 
ATOM   51   C  CA  . LEU A 1 32  ? 14.135  -0.686  -5.854  1.00 15.64 ? 47   LEU B CA  1 
ATOM   52   C  C   . LEU A 1 32  ? 15.005  -1.736  -5.179  1.00 16.02 ? 47   LEU B C   1 
ATOM   53   O  O   . LEU A 1 32  ? 14.734  -2.937  -5.277  1.00 16.42 ? 47   LEU B O   1 
ATOM   54   C  CB  . LEU A 1 32  ? 13.017  -0.253  -4.900  1.00 15.63 ? 47   LEU B CB  1 
ATOM   55   C  CG  . LEU A 1 32  ? 12.475  1.170   -5.051  1.00 15.80 ? 47   LEU B CG  1 
ATOM   56   C  CD1 . LEU A 1 32  ? 11.745  1.351   -6.372  1.00 17.82 ? 47   LEU B CD1 1 
ATOM   57   C  CD2 . LEU A 1 32  ? 11.578  1.547   -3.877  1.00 16.34 ? 47   LEU B CD2 1 
ATOM   58   N  N   . ALA A 1 33  ? 16.060  -1.279  -4.506  1.00 15.58 ? 48   ALA B N   1 
ATOM   59   C  CA  . ALA A 1 33  ? 16.871  -2.157  -3.679  1.00 16.30 ? 48   ALA B CA  1 
ATOM   60   C  C   . ALA A 1 33  ? 16.165  -2.436  -2.365  1.00 14.94 ? 48   ALA B C   1 
ATOM   61   O  O   . ALA A 1 33  ? 15.299  -1.672  -1.936  1.00 14.68 ? 48   ALA B O   1 
ATOM   62   C  CB  . ALA A 1 33  ? 18.242  -1.532  -3.413  1.00 17.53 ? 48   ALA B CB  1 
ATOM   63   N  N   . TYR A 1 34  ? 16.561  -3.527  -1.721  1.00 16.51 ? 49   TYR B N   1 
ATOM   64   C  CA  . TYR A 1 34  ? 16.103  -3.840  -0.377  1.00 16.95 ? 49   TYR B CA  1 
ATOM   65   C  C   . TYR A 1 34  ? 16.359  -2.641  0.544   1.00 16.40 ? 49   TYR B C   1 
ATOM   66   O  O   . TYR A 1 34  ? 17.466  -2.090  0.568   1.00 16.31 ? 49   TYR B O   1 
ATOM   67   C  CB  . TYR A 1 34  ? 16.813  -5.108  0.111   1.00 16.67 ? 49   TYR B CB  1 
ATOM   68   C  CG  . TYR A 1 34  ? 16.529  -5.519  1.543   1.00 18.37 ? 49   TYR B CG  1 
ATOM   69   C  CD1 . TYR A 1 34  ? 15.229  -5.638  2.012   1.00 18.51 ? 49   TYR B CD1 1 
ATOM   70   C  CD2 . TYR A 1 34  ? 17.569  -5.825  2.414   1.00 20.36 ? 49   TYR B CD2 1 
ATOM   71   C  CE1 . TYR A 1 34  ? 14.971  -6.020  3.324   1.00 19.08 ? 49   TYR B CE1 1 
ATOM   72   C  CE2 . TYR A 1 34  ? 17.321  -6.216  3.727   1.00 19.44 ? 49   TYR B CE2 1 
ATOM   73   C  CZ  . TYR A 1 34  ? 16.021  -6.310  4.175   1.00 18.48 ? 49   TYR B CZ  1 
ATOM   74   O  OH  . TYR A 1 34  ? 15.769  -6.699  5.478   1.00 20.75 ? 49   TYR B OH  1 
ATOM   75   N  N   . LYS A 1 35  ? 15.305  -2.225  1.252   1.00 15.92 ? 50   LYS B N   1 
ATOM   76   C  CA  . LYS A 1 35  ? 15.303  -1.083  2.183   1.00 15.64 ? 50   LYS B CA  1 
ATOM   77   C  C   . LYS A 1 35  ? 15.228  0.310   1.534   1.00 15.42 ? 50   LYS B C   1 
ATOM   78   O  O   . LYS A 1 35  ? 15.126  1.326   2.228   1.00 17.08 ? 50   LYS B O   1 
ATOM   79   C  CB  . LYS A 1 35  ? 16.466  -1.162  3.181   1.00 16.28 ? 50   LYS B CB  1 
ATOM   80   C  CG  . LYS A 1 35  ? 16.341  -2.305  4.174   1.00 16.24 ? 50   LYS B CG  1 
ATOM   81   C  CD  . LYS A 1 35  ? 15.049  -2.200  4.985   1.00 16.86 ? 50   LYS B CD  1 
ATOM   82   C  CE  . LYS A 1 35  ? 15.068  -3.149  6.169   1.00 20.07 ? 50   LYS B CE  1 
ATOM   83   N  NZ  . LYS A 1 35  ? 13.882  -2.936  7.051   1.00 17.82 ? 50   LYS B NZ  1 
ATOM   84   N  N   . GLN A 1 36  ? 15.266  0.355   0.210   1.00 14.65 ? 51   GLN B N   1 
ATOM   85   C  CA  . GLN A 1 36  ? 15.104  1.617   -0.497  1.00 14.58 ? 51   GLN B CA  1 
ATOM   86   C  C   . GLN A 1 36  ? 13.668  2.122   -0.398  1.00 14.81 ? 51   GLN B C   1 
ATOM   87   O  O   . GLN A 1 36  ? 12.718  1.336   -0.376  1.00 14.53 ? 51   GLN B O   1 
ATOM   88   C  CB  . GLN A 1 36  ? 15.505  1.457   -1.963  1.00 14.18 ? 51   GLN B CB  1 
ATOM   89   C  CG  . GLN A 1 36  ? 15.450  2.759   -2.756  1.00 16.23 ? 51   GLN B CG  1 
ATOM   90   C  CD  . GLN A 1 36  ? 15.962  2.614   -4.171  1.00 15.38 ? 51   GLN B CD  1 
ATOM   91   O  OE1 . GLN A 1 36  ? 16.404  1.540   -4.580  1.00 16.20 ? 51   GLN B OE1 1 
ATOM   92   N  NE2 . GLN A 1 36  ? 15.910  3.701   -4.930  1.00 18.62 ? 51   GLN B NE2 1 
ATOM   93   N  N   . PHE A 1 37  ? 13.514  3.439   -0.330  1.00 15.01 ? 52   PHE B N   1 
ATOM   94   C  CA  . PHE A 1 37  ? 12.191  4.047   -0.374  1.00 14.88 ? 52   PHE B CA  1 
ATOM   95   C  C   . PHE A 1 37  ? 12.171  5.188   -1.385  1.00 15.36 ? 52   PHE B C   1 
ATOM   96   O  O   . PHE A 1 37  ? 13.197  5.820   -1.657  1.00 16.38 ? 52   PHE B O   1 
ATOM   97   C  CB  . PHE A 1 37  ? 11.726  4.507   1.019   1.00 15.07 ? 52   PHE B CB  1 
ATOM   98   C  CG  . PHE A 1 37  ? 12.753  5.296   1.781   1.00 15.22 ? 52   PHE B CG  1 
ATOM   99   C  CD1 . PHE A 1 37  ? 13.681  4.657   2.591   1.00 18.15 ? 52   PHE B CD1 1 
ATOM   100  C  CD2 . PHE A 1 37  ? 12.773  6.678   1.706   1.00 16.51 ? 52   PHE B CD2 1 
ATOM   101  C  CE1 . PHE A 1 37  ? 14.627  5.383   3.302   1.00 19.57 ? 52   PHE B CE1 1 
ATOM   102  C  CE2 . PHE A 1 37  ? 13.720  7.410   2.417   1.00 16.94 ? 52   PHE B CE2 1 
ATOM   103  C  CZ  . PHE A 1 37  ? 14.643  6.760   3.214   1.00 19.62 ? 52   PHE B CZ  1 
ATOM   104  N  N   . SER A 1 38  ? 10.998  5.425   -1.958  1.00 14.44 ? 53   SER B N   1 
ATOM   105  C  CA  . SER A 1 38  ? 10.830  6.425   -2.997  1.00 14.55 ? 53   SER B CA  1 
ATOM   106  C  C   . SER A 1 38  ? 9.477   7.110   -2.828  1.00 16.34 ? 53   SER B C   1 
ATOM   107  O  O   . SER A 1 38  ? 8.467   6.441   -2.650  1.00 14.91 ? 53   SER B O   1 
ATOM   108  C  CB  . SER A 1 38  ? 10.897  5.753   -4.368  1.00 16.72 ? 53   SER B CB  1 
ATOM   109  O  OG  . SER A 1 38  ? 10.873  6.715   -5.406  1.00 20.82 ? 53   SER B OG  1 
ATOM   110  N  N   . PRO A 1 39  ? 9.443   8.451   -2.870  1.00 15.78 ? 54   PRO B N   1 
ATOM   111  C  CA  . PRO A 1 39  ? 10.599  9.345   -2.993  1.00 18.10 ? 54   PRO B CA  1 
ATOM   112  C  C   . PRO A 1 39  ? 11.548  9.186   -1.810  1.00 16.88 ? 54   PRO B C   1 
ATOM   113  O  O   . PRO A 1 39  ? 11.174  8.655   -0.759  1.00 16.26 ? 54   PRO B O   1 
ATOM   114  C  CB  . PRO A 1 39  ? 9.959   10.740  -2.970  1.00 20.47 ? 54   PRO B CB  1 
ATOM   115  C  CG  . PRO A 1 39  ? 8.657   10.535  -2.254  1.00 19.22 ? 54   PRO B CG  1 
ATOM   116  C  CD  . PRO A 1 39  ? 8.186   9.210   -2.785  1.00 18.27 ? 54   PRO B CD  1 
ATOM   117  N  N   . ASN A 1 40  ? 12.781  9.643   -1.997  1.00 17.98 ? 55   ASN B N   1 
ATOM   118  C  CA  . ASN A 1 40  ? 13.841  9.424   -1.019  1.00 16.24 ? 55   ASN B CA  1 
ATOM   119  C  C   . ASN A 1 40  ? 13.784  10.379  0.169   1.00 19.07 ? 55   ASN B C   1 
ATOM   120  O  O   . ASN A 1 40  ? 14.780  11.012  0.521   1.00 23.07 ? 55   ASN B O   1 
ATOM   121  C  CB  . ASN A 1 40  ? 15.205  9.506   -1.702  1.00 16.19 ? 55   ASN B CB  1 
ATOM   122  C  CG  . ASN A 1 40  ? 16.318  9.006   -0.822  1.00 21.45 ? 55   ASN B CG  1 
ATOM   123  O  OD1 . ASN A 1 40  ? 16.075  8.494   0.272   0.47 20.10 ? 55   ASN B OD1 1 
ATOM   124  N  ND2 . ASN A 1 40  ? 17.554  9.170   -1.281  0.77 18.71 ? 55   ASN B ND2 1 
ATOM   125  N  N   . VAL A 1 41  ? 12.610  10.472  0.781   1.00 15.93 ? 56   VAL B N   1 
ATOM   126  C  CA  . VAL A 1 41  ? 12.370  11.323  1.938   1.00 17.04 ? 56   VAL B CA  1 
ATOM   127  C  C   . VAL A 1 41  ? 11.522  10.515  2.919   1.00 15.69 ? 56   VAL B C   1 
ATOM   128  O  O   . VAL A 1 41  ? 10.958  9.495   2.543   1.00 16.45 ? 56   VAL B O   1 
ATOM   129  C  CB  . VAL A 1 41  ? 11.605  12.591  1.539   1.00 17.71 ? 56   VAL B CB  1 
ATOM   130  C  CG1 . VAL A 1 41  ? 12.435  13.429  0.565   1.00 19.08 ? 56   VAL B CG1 1 
ATOM   131  C  CG2 . VAL A 1 41  ? 10.257  12.225  0.931   1.00 17.56 ? 56   VAL B CG2 1 
ATOM   132  N  N   . PRO A 1 42  ? 11.427  10.956  4.183   1.00 16.93 ? 57   PRO B N   1 
ATOM   133  C  CA  . PRO A 1 42  ? 10.602  10.213  5.145   1.00 16.64 ? 57   PRO B CA  1 
ATOM   134  C  C   . PRO A 1 42  ? 9.137   10.136  4.723   1.00 16.20 ? 57   PRO B C   1 
ATOM   135  O  O   . PRO A 1 42  ? 8.629   11.060  4.084   1.00 14.59 ? 57   PRO B O   1 
ATOM   136  C  CB  . PRO A 1 42  ? 10.750  11.025  6.436   1.00 16.55 ? 57   PRO B CB  1 
ATOM   137  C  CG  . PRO A 1 42  ? 12.064  11.719  6.279   1.00 18.63 ? 57   PRO B CG  1 
ATOM   138  C  CD  . PRO A 1 42  ? 12.164  12.058  4.825   1.00 19.03 ? 57   PRO B CD  1 
ATOM   139  N  N   . GLU A 1 43  ? 8.483   9.032   5.072   1.00 16.08 ? 58   GLU B N   1 
ATOM   140  C  CA  . GLU A 1 43  ? 7.102   8.774   4.662   1.00 15.08 ? 58   GLU B CA  1 
ATOM   141  C  C   . GLU A 1 43  ? 6.139   9.904   4.994   1.00 15.34 ? 58   GLU B C   1 
ATOM   142  O  O   . GLU A 1 43  ? 5.311   10.288  4.167   1.00 16.11 ? 58   GLU B O   1 
ATOM   143  C  CB  . GLU A 1 43  ? 6.583   7.505   5.326   1.00 14.65 ? 58   GLU B CB  1 
ATOM   144  C  CG  . GLU A 1 43  ? 5.179   7.137   4.875   1.00 14.55 ? 58   GLU B CG  1 
ATOM   145  C  CD  . GLU A 1 43  ? 4.708   5.833   5.470   1.00 14.27 ? 58   GLU B CD  1 
ATOM   146  O  OE1 . GLU A 1 43  ? 5.059   5.555   6.640   1.00 16.11 ? 58   GLU B OE1 1 
ATOM   147  O  OE2 . GLU A 1 43  ? 3.986   5.088   4.763   1.00 13.89 ? 58   GLU B OE2 1 
ATOM   148  N  N   . LYS A 1 44  ? 6.223   10.405  6.220   1.00 16.00 ? 59   LYS B N   1 
ATOM   149  C  CA  . LYS A 1 44  ? 5.269   11.409  6.669   1.00 16.84 ? 59   LYS B CA  1 
ATOM   150  C  C   . LYS A 1 44  ? 5.820   12.812  6.489   1.00 19.77 ? 59   LYS B C   1 
ATOM   151  O  O   . LYS A 1 44  ? 5.901   13.588  7.439   1.00 25.35 ? 59   LYS B O   1 
ATOM   152  C  CB  . LYS A 1 44  ? 4.842   11.156  8.112   1.00 18.01 ? 59   LYS B CB  1 
ATOM   153  C  CG  . LYS A 1 44  ? 3.935   9.941   8.249   1.00 22.09 ? 59   LYS B CG  1 
ATOM   154  C  CD  . LYS A 1 44  ? 3.924   9.439   9.663   1.00 27.71 ? 59   LYS B CD  1 
ATOM   155  C  CE  . LYS A 1 44  ? 4.141   7.945   9.688   1.00 26.98 ? 59   LYS B CE  1 
ATOM   156  N  NZ  . LYS A 1 44  ? 4.666   7.512   11.005  1.00 29.54 ? 59   LYS B NZ  1 
ATOM   157  N  N   . THR A 1 45  ? 6.223   13.110  5.261   1.00 18.82 ? 60   THR B N   1 
ATOM   158  C  CA  . THR A 1 45  ? 6.522   14.477  4.846   1.00 18.41 ? 60   THR B CA  1 
ATOM   159  C  C   . THR A 1 45  ? 5.573   14.821  3.709   1.00 18.63 ? 60   THR B C   1 
ATOM   160  O  O   . THR A 1 45  ? 5.043   13.934  3.042   1.00 17.14 ? 60   THR B O   1 
ATOM   161  C  CB  . THR A 1 45  ? 7.991   14.642  4.393   1.00 17.91 ? 60   THR B CB  1 
ATOM   162  O  OG1 . THR A 1 45  ? 8.267   13.764  3.297   1.00 18.58 ? 60   THR B OG1 1 
ATOM   163  C  CG2 . THR A 1 45  ? 8.947   14.346  5.544   1.00 20.79 ? 60   THR B CG2 1 
ATOM   164  N  N   . LEU A 1 46  ? 5.337   16.110  3.491   1.00 18.38 ? 61   LEU B N   1 
ATOM   165  C  CA  . LEU A 1 46  ? 4.350   16.526  2.502   1.00 18.99 ? 61   LEU B CA  1 
ATOM   166  C  C   . LEU A 1 46  ? 4.690   16.087  1.079   1.00 19.37 ? 61   LEU B C   1 
ATOM   167  O  O   . LEU A 1 46  ? 3.794   15.907  0.257   1.00 22.33 ? 61   LEU B O   1 
ATOM   168  C  CB  . LEU A 1 46  ? 4.128   18.040  2.567   1.00 20.91 ? 61   LEU B CB  1 
ATOM   169  C  CG  . LEU A 1 46  ? 3.225   18.457  3.729   1.00 21.59 ? 61   LEU B CG  1 
ATOM   170  C  CD1 . LEU A 1 46  ? 3.187   19.971  3.860   1.00 22.08 ? 61   LEU B CD1 1 
ATOM   171  C  CD2 . LEU A 1 46  ? 1.817   17.906  3.548   1.00 24.10 ? 61   LEU B CD2 1 
ATOM   172  N  N   . GLY A 1 47  ? 5.977   15.917  0.791   1.00 19.31 ? 62   GLY B N   1 
ATOM   173  C  CA  . GLY A 1 47  ? 6.400   15.444  -0.517  1.00 21.50 ? 62   GLY B CA  1 
ATOM   174  C  C   . GLY A 1 47  ? 6.121   13.965  -0.723  1.00 21.06 ? 62   GLY B C   1 
ATOM   175  O  O   . GLY A 1 47  ? 6.155   13.466  -1.852  1.00 21.82 ? 62   GLY B O   1 
ATOM   176  N  N   . ALA A 1 48  ? 5.851   13.264  0.373   1.00 18.86 ? 63   ALA B N   1 
ATOM   177  C  CA  . ALA A 1 48  ? 5.537   11.839  0.327   1.00 15.98 ? 63   ALA B CA  1 
ATOM   178  C  C   . ALA A 1 48  ? 4.074   11.630  0.716   1.00 15.96 ? 63   ALA B C   1 
ATOM   179  O  O   . ALA A 1 48  ? 3.189   12.155  0.047   1.00 16.94 ? 63   ALA B O   1 
ATOM   180  C  CB  . ALA A 1 48  ? 6.484   11.037  1.228   1.00 17.29 ? 63   ALA B CB  1 
ATOM   181  N  N   . SER A 1 49  ? 3.816   10.911  1.808   1.00 14.91 ? 64   SER B N   1 
ATOM   182  C  CA  . SER A 1 49  ? 2.435   10.614  2.200   1.00 14.10 ? 64   SER B CA  1 
ATOM   183  C  C   . SER A 1 49  ? 1.810   11.581  3.216   1.00 14.02 ? 64   SER B C   1 
ATOM   184  O  O   . SER A 1 49  ? 0.673   11.390  3.633   1.00 15.95 ? 64   SER B O   1 
ATOM   185  C  CB  . SER A 1 49  ? 2.297   9.160   2.672   1.00 13.64 ? 64   SER B CB  1 
ATOM   186  O  OG  . SER A 1 49  ? 2.557   8.286   1.589   1.00 13.64 ? 64   SER B OG  1 
ATOM   187  N  N   . GLY A 1 50  ? 2.540   12.626  3.596   1.00 15.34 ? 65   GLY B N   1 
ATOM   188  C  CA  . GLY A 1 50  ? 1.949   13.684  4.399   1.00 16.85 ? 65   GLY B CA  1 
ATOM   189  C  C   . GLY A 1 50  ? 2.183   13.614  5.895   1.00 21.08 ? 65   GLY B C   1 
ATOM   190  O  O   . GLY A 1 50  ? 3.320   13.722  6.356   1.00 25.67 ? 65   GLY B O   1 
ATOM   191  N  N   . ARG A 1 51  ? 1.100   13.482  6.654   1.00 18.24 ? 66   ARG B N   1 
ATOM   192  C  CA  . ARG A 1 51  ? 1.154   13.444  8.114   1.00 17.97 ? 66   ARG B CA  1 
ATOM   193  C  C   . ARG A 1 51  ? 0.353   12.266  8.651   1.00 19.36 ? 66   ARG B C   1 
ATOM   194  O  O   . ARG A 1 51  ? -0.625  11.852  8.034   1.00 20.23 ? 66   ARG B O   1 
ATOM   195  C  CB  . ARG A 1 51  ? 0.520   14.710  8.704   1.00 20.96 ? 66   ARG B CB  1 
ATOM   196  C  CG  . ARG A 1 51  ? 1.089   16.024  8.222   1.00 22.61 ? 66   ARG B CG  1 
ATOM   197  C  CD  . ARG A 1 51  ? 0.278   17.184  8.793   1.00 24.01 ? 66   ARG B CD  1 
ATOM   198  N  NE  . ARG A 1 51  ? 0.921   18.465  8.525   1.00 24.30 ? 66   ARG B NE  1 
ATOM   199  C  CZ  . ARG A 1 51  ? 0.621   19.256  7.501   1.00 24.38 ? 66   ARG B CZ  1 
ATOM   200  N  NH1 . ARG A 1 51  ? -0.336  18.903  6.650   1.00 21.44 ? 66   ARG B NH1 1 
ATOM   201  N  NH2 . ARG A 1 51  ? 1.278   20.400  7.336   1.00 21.19 ? 66   ARG B NH2 1 
ATOM   202  N  N   . TYR A 1 52  ? 0.759   11.743  9.806   1.00 18.79 ? 67   TYR B N   1 
ATOM   203  C  CA  . TYR A 1 52  ? -0.087  10.830  10.574  1.00 17.96 ? 67   TYR B CA  1 
ATOM   204  C  C   . TYR A 1 52  ? -1.235  11.638  11.161  1.00 19.58 ? 67   TYR B C   1 
ATOM   205  O  O   . TYR A 1 52  ? -1.005  12.638  11.843  1.00 20.10 ? 67   TYR B O   1 
ATOM   206  C  CB  . TYR A 1 52  ? 0.715   10.193  11.707  1.00 19.88 ? 67   TYR B CB  1 
ATOM   207  C  CG  . TYR A 1 52  ? -0.063  9.241   12.588  1.00 21.01 ? 67   TYR B CG  1 
ATOM   208  C  CD1 . TYR A 1 52  ? -0.597  8.065   12.077  1.00 18.68 ? 67   TYR B CD1 1 
ATOM   209  C  CD2 . TYR A 1 52  ? -0.233  9.503   13.947  1.00 20.67 ? 67   TYR B CD2 1 
ATOM   210  C  CE1 . TYR A 1 52  ? -1.291  7.182   12.891  1.00 20.25 ? 67   TYR B CE1 1 
ATOM   211  C  CE2 . TYR A 1 52  ? -0.923  8.628   14.765  1.00 21.38 ? 67   TYR B CE2 1 
ATOM   212  C  CZ  . TYR A 1 52  ? -1.452  7.472   14.232  1.00 21.51 ? 67   TYR B CZ  1 
ATOM   213  O  OH  . TYR A 1 52  ? -2.137  6.595   15.045  1.00 22.80 ? 67   TYR B OH  1 
ATOM   214  N  N   . GLU A 1 53  ? -2.465  11.205  10.902  1.00 18.56 ? 68   GLU B N   1 
ATOM   215  C  CA  . GLU A 1 53  ? -3.640  11.948  11.344  1.00 20.75 ? 68   GLU B CA  1 
ATOM   216  C  C   . GLU A 1 53  ? -4.413  11.215  12.434  1.00 20.68 ? 68   GLU B C   1 
ATOM   217  O  O   . GLU A 1 53  ? -5.525  11.602  12.790  1.00 20.26 ? 68   GLU B O   1 
ATOM   218  C  CB  . GLU A 1 53  ? -4.525  12.302  10.145  1.00 19.15 ? 68   GLU B CB  1 
ATOM   219  C  CG  . GLU A 1 53  ? -3.826  13.283  9.197   1.00 19.17 ? 68   GLU B CG  1 
ATOM   220  C  CD  . GLU A 1 53  ? -4.549  13.516  7.882   1.00 18.96 ? 68   GLU B CD  1 
ATOM   221  O  OE1 . GLU A 1 53  ? -3.906  14.063  6.955   1.00 20.63 ? 68   GLU B OE1 1 
ATOM   222  O  OE2 . GLU A 1 53  ? -5.740  13.152  7.766   1.00 21.46 ? 68   GLU B OE2 1 
ATOM   223  N  N   . GLY A 1 54  ? -3.807  10.160  12.973  1.00 19.64 ? 69   GLY B N   1 
ATOM   224  C  CA  . GLY A 1 54  ? -4.390  9.439   14.092  1.00 18.12 ? 69   GLY B CA  1 
ATOM   225  C  C   . GLY A 1 54  ? -5.091  8.157   13.689  1.00 18.19 ? 69   GLY B C   1 
ATOM   226  O  O   . GLY A 1 54  ? -5.630  8.047   12.589  1.00 18.93 ? 69   GLY B O   1 
ATOM   227  N  N   . LYS A 1 55  ? -5.079  7.181   14.589  1.00 18.29 ? 70   LYS B N   1 
ATOM   228  C  CA  . LYS A 1 55  ? -5.712  5.895   14.334  0.96 18.91 ? 70   LYS B CA  1 
ATOM   229  C  C   . LYS A 1 55  ? -7.176  6.049   13.971  1.00 18.59 ? 70   LYS B C   1 
ATOM   230  O  O   . LYS A 1 55  ? -7.876  6.919   14.500  1.00 19.84 ? 70   LYS B O   1 
ATOM   231  C  CB  . LYS A 1 55  ? -5.621  4.994   15.571  1.00 22.11 ? 70   LYS B CB  1 
ATOM   232  C  CG  . LYS A 1 55  ? -4.238  4.497   15.916  0.66 20.69 ? 70   LYS B CG  1 
ATOM   233  C  CD  . LYS A 1 55  ? -4.331  3.427   17.001  0.59 22.47 ? 70   LYS B CD  1 
ATOM   234  C  CE  . LYS A 1 55  ? -3.109  2.514   17.002  0.41 22.23 ? 70   LYS B CE  1 
ATOM   235  N  NZ  . LYS A 1 55  ? -3.407  1.193   17.638  1.00 32.06 ? 70   LYS B NZ  1 
ATOM   236  N  N   . ILE A 1 56  ? -7.643  5.191   13.071  1.00 16.51 ? 71   ILE B N   1 
ATOM   237  C  CA  . ILE A 1 56  ? -9.069  5.080   12.811  1.00 16.61 ? 71   ILE B CA  1 
ATOM   238  C  C   . ILE A 1 56  ? -9.584  3.800   13.446  1.00 18.81 ? 71   ILE B C   1 
ATOM   239  O  O   . ILE A 1 56  ? -9.149  2.701   13.093  1.00 18.38 ? 71   ILE B O   1 
ATOM   240  C  CB  . ILE A 1 56  ? -9.371  5.068   11.301  1.00 17.20 ? 71   ILE B CB  1 
ATOM   241  C  CG1 . ILE A 1 56  ? -9.026  6.428   10.690  1.00 18.57 ? 71   ILE B CG1 1 
ATOM   242  C  CG2 . ILE A 1 56  ? -10.828 4.675   11.048  1.00 20.09 ? 71   ILE B CG2 1 
ATOM   243  C  CD1 . ILE A 1 56  ? -9.150  6.462   9.185   1.00 19.20 ? 71   ILE B CD1 1 
ATOM   244  N  N   . ALA A 1 57  ? -10.486 3.952   14.410  1.00 20.28 ? 72   ALA B N   1 
ATOM   245  C  CA  . ALA A 1 57  ? -11.148 2.809   15.020  1.00 22.39 ? 72   ALA B CA  1 
ATOM   246  C  C   . ALA A 1 57  ? -12.481 2.540   14.335  1.00 24.57 ? 72   ALA B C   1 
ATOM   247  O  O   . ALA A 1 57  ? -13.130 3.455   13.816  1.00 23.43 ? 72   ALA B O   1 
ATOM   248  C  CB  . ALA A 1 57  ? -11.350 3.038   16.512  1.00 24.23 ? 72   ALA B CB  1 
ATOM   249  N  N   . ARG A 1 58  ? -12.881 1.275   14.337  1.00 22.83 ? 73   ARG B N   1 
ATOM   250  C  CA  . ARG A 1 58  ? -14.121 0.858   13.707  1.00 25.62 ? 73   ARG B CA  1 
ATOM   251  C  C   . ARG A 1 58  ? -15.302 1.702   14.191  1.00 27.56 ? 73   ARG B C   1 
ATOM   252  O  O   . ARG A 1 58  ? -16.220 1.998   13.426  1.00 29.27 ? 73   ARG B O   1 
ATOM   253  C  CB  . ARG A 1 58  ? -14.371 -0.625  13.994  1.00 28.06 ? 73   ARG B CB  1 
ATOM   254  C  CG  . ARG A 1 58  ? -15.368 -1.279  13.065  1.00 30.11 ? 73   ARG B CG  1 
ATOM   255  C  CD  . ARG A 1 58  ? -15.350 -2.793  13.223  1.00 30.90 ? 73   ARG B CD  1 
ATOM   256  N  NE  . ARG A 1 58  ? -14.190 -3.406  12.575  1.00 28.05 ? 73   ARG B NE  1 
ATOM   257  C  CZ  . ARG A 1 58  ? -14.188 -3.864  11.328  1.00 28.62 ? 73   ARG B CZ  1 
ATOM   258  N  NH1 . ARG A 1 58  ? -15.283 -3.778  10.584  1.00 31.06 ? 73   ARG B NH1 1 
ATOM   259  N  NH2 . ARG A 1 58  ? -13.092 -4.412  10.823  1.00 26.21 ? 73   ARG B NH2 1 
ATOM   260  N  N   . SER A 1 59  ? -15.257 2.106   15.456  1.00 27.88 ? 74   SER B N   1 
ATOM   261  C  CA  . SER A 1 59  ? -16.358 2.841   16.074  1.00 30.03 ? 74   SER B CA  1 
ATOM   262  C  C   . SER A 1 59  ? -16.295 4.348   15.844  1.00 28.27 ? 74   SER B C   1 
ATOM   263  O  O   . SER A 1 59  ? -17.222 5.076   16.204  1.00 32.51 ? 74   SER B O   1 
ATOM   264  C  CB  . SER A 1 59  ? -16.379 2.573   17.578  1.00 28.87 ? 74   SER B CB  1 
ATOM   265  O  OG  . SER A 1 59  ? -15.227 3.123   18.194  1.00 31.91 ? 74   SER B OG  1 
ATOM   266  N  N   . SER A 1 60  ? -15.206 4.822   15.247  1.00 28.71 ? 75   SER B N   1 
ATOM   267  C  CA  . SER A 1 60  ? -14.974 6.257   15.124  1.00 27.13 ? 75   SER B CA  1 
ATOM   268  C  C   . SER A 1 60  ? -15.651 6.865   13.899  1.00 26.63 ? 75   SER B C   1 
ATOM   269  O  O   . SER A 1 60  ? -16.017 6.163   12.959  1.00 25.26 ? 75   SER B O   1 
ATOM   270  C  CB  . SER A 1 60  ? -13.476 6.547   15.071  1.00 25.65 ? 75   SER B CB  1 
ATOM   271  O  OG  . SER A 1 60  ? -12.944 6.206   13.804  1.00 26.25 ? 75   SER B OG  1 
ATOM   272  N  N   . GLU A 1 61  ? -15.800 8.185   13.918  1.00 26.01 ? 76   GLU B N   1 
ATOM   273  C  CA  . GLU A 1 61  ? -16.387 8.903   12.798  1.00 27.79 ? 76   GLU B CA  1 
ATOM   274  C  C   . GLU A 1 61  ? -15.532 8.759   11.545  1.00 25.68 ? 76   GLU B C   1 
ATOM   275  O  O   . GLU A 1 61  ? -16.055 8.647   10.440  1.00 25.50 ? 76   GLU B O   1 
ATOM   276  C  CB  . GLU A 1 61  ? -16.566 10.382  13.153  1.00 30.02 ? 76   GLU B CB  1 
ATOM   277  C  CG  . GLU A 1 61  ? -17.875 10.678  13.867  1.00 32.93 ? 76   GLU B CG  1 
ATOM   278  C  CD  . GLU A 1 61  ? -19.071 10.529  12.947  1.00 37.09 ? 76   GLU B CD  1 
ATOM   279  O  OE1 . GLU A 1 61  ? -19.176 11.313  11.977  1.00 39.28 ? 76   GLU B OE1 1 
ATOM   280  O  OE2 . GLU A 1 61  ? -19.908 9.633   13.191  1.00 40.11 ? 76   GLU B OE2 1 
ATOM   281  N  N   . ARG A 1 62  ? -14.213 8.755   11.721  1.00 23.94 ? 77   ARG B N   1 
ATOM   282  C  CA  . ARG A 1 62  ? -13.306 8.665   10.585  1.00 22.90 ? 77   ARG B CA  1 
ATOM   283  C  C   . ARG A 1 62  ? -13.307 7.280   9.937   1.00 21.86 ? 77   ARG B C   1 
ATOM   284  O  O   . ARG A 1 62  ? -12.669 7.076   8.905   1.00 19.56 ? 77   ARG B O   1 
ATOM   285  C  CB  . ARG A 1 62  ? -11.889 9.111   10.972  1.00 23.54 ? 77   ARG B CB  1 
ATOM   286  C  CG  . ARG A 1 62  ? -11.714 10.627  10.903  1.00 24.49 ? 77   ARG B CG  1 
ATOM   287  C  CD  . ARG A 1 62  ? -10.449 11.120  11.591  1.00 23.78 ? 77   ARG B CD  1 
ATOM   288  N  NE  . ARG A 1 62  ? -9.228  10.725  10.894  1.00 22.01 ? 77   ARG B NE  1 
ATOM   289  C  CZ  . ARG A 1 62  ? -8.322  9.888   11.392  1.00 21.33 ? 77   ARG B CZ  1 
ATOM   290  N  NH1 . ARG A 1 62  ? -8.505  9.357   12.592  1.00 22.58 ? 77   ARG B NH1 1 
ATOM   291  N  NH2 . ARG A 1 62  ? -7.235  9.589   10.694  1.00 21.74 ? 77   ARG B NH2 1 
ATOM   292  N  N   . PHE A 1 63  ? -14.030 6.337   10.532  1.00 19.98 ? 78   PHE B N   1 
ATOM   293  C  CA  . PHE A 1 63  ? -14.192 5.029   9.906   1.00 21.57 ? 78   PHE B CA  1 
ATOM   294  C  C   . PHE A 1 63  ? -14.835 5.171   8.525   1.00 21.95 ? 78   PHE B C   1 
ATOM   295  O  O   . PHE A 1 63  ? -14.574 4.368   7.636   1.00 21.79 ? 78   PHE B O   1 
ATOM   296  C  CB  . PHE A 1 63  ? -15.015 4.085   10.792  1.00 20.32 ? 78   PHE B CB  1 
ATOM   297  C  CG  . PHE A 1 63  ? -15.234 2.722   10.188  1.00 24.55 ? 78   PHE B CG  1 
ATOM   298  C  CD1 . PHE A 1 63  ? -14.182 1.824   10.063  1.00 25.04 ? 78   PHE B CD1 1 
ATOM   299  C  CD2 . PHE A 1 63  ? -16.492 2.336   9.749   1.00 25.12 ? 78   PHE B CD2 1 
ATOM   300  C  CE1 . PHE A 1 63  ? -14.382 0.564   9.508   1.00 26.14 ? 78   PHE B CE1 1 
ATOM   301  C  CE2 . PHE A 1 63  ? -16.700 1.082   9.193   1.00 27.63 ? 78   PHE B CE2 1 
ATOM   302  C  CZ  . PHE A 1 63  ? -15.643 0.194   9.074   1.00 29.44 ? 78   PHE B CZ  1 
ATOM   303  N  N   . LYS A 1 64  ? -15.665 6.194   8.327   1.00 22.43 ? 79   LYS B N   1 
ATOM   304  C  CA  . LYS A 1 64  ? -16.272 6.371   7.005   1.00 22.26 ? 79   LYS B CA  1 
ATOM   305  C  C   . LYS A 1 64  ? -15.302 6.906   5.949   1.00 22.28 ? 79   LYS B C   1 
ATOM   306  O  O   . LYS A 1 64  ? -15.668 7.064   4.782   1.00 23.90 ? 79   LYS B O   1 
ATOM   307  C  CB  . LYS A 1 64  ? -17.571 7.193   7.047   1.00 27.89 ? 79   LYS B CB  1 
ATOM   308  C  CG  . LYS A 1 64  ? -17.780 8.029   8.281   1.00 30.67 ? 79   LYS B CG  1 
ATOM   309  C  CD  . LYS A 1 64  ? -19.248 8.447   8.408   1.00 27.33 ? 79   LYS B CD  1 
ATOM   310  C  CE  . LYS A 1 64  ? -19.392 9.618   9.356   1.00 29.72 ? 79   LYS B CE  1 
ATOM   311  N  NZ  . LYS A 1 64  ? -18.488 10.738  8.965   1.00 35.29 ? 79   LYS B NZ  1 
ATOM   312  N  N   . GLU A 1 65  ? -14.065 7.163   6.358   1.00 18.79 ? 80   GLU B N   1 
ATOM   313  C  CA  . GLU A 1 65  ? -13.008 7.512   5.417   1.00 22.00 ? 80   GLU B CA  1 
ATOM   314  C  C   . GLU A 1 65  ? -12.621 6.272   4.623   1.00 21.54 ? 80   GLU B C   1 
ATOM   315  O  O   . GLU A 1 65  ? -11.998 6.367   3.562   1.00 22.63 ? 80   GLU B O   1 
ATOM   316  C  CB  . GLU A 1 65  ? -11.778 8.036   6.165   1.00 23.93 ? 80   GLU B CB  1 
ATOM   317  C  CG  . GLU A 1 65  ? -11.968 9.399   6.824   1.00 26.58 ? 80   GLU B CG  1 
ATOM   318  C  CD  . GLU A 1 65  ? -11.740 10.540  5.854   1.00 27.92 ? 80   GLU B CD  1 
ATOM   319  O  OE1 . GLU A 1 65  ? -10.577 10.762  5.456   1.00 29.61 ? 80   GLU B OE1 1 
ATOM   320  O  OE2 . GLU A 1 65  ? -12.721 11.220  5.490   1.00 37.13 ? 80   GLU B OE2 1 
ATOM   321  N  N   . LEU A 1 66  ? -12.991 5.108   5.155   1.00 19.97 ? 81   LEU B N   1 
ATOM   322  C  CA  . LEU A 1 66  ? -12.585 3.832   4.578   1.00 18.92 ? 81   LEU B CA  1 
ATOM   323  C  C   . LEU A 1 66  ? -13.665 3.200   3.712   1.00 20.15 ? 81   LEU B C   1 
ATOM   324  O  O   . LEU A 1 66  ? -14.848 3.190   4.059   1.00 23.16 ? 81   LEU B O   1 
ATOM   325  C  CB  . LEU A 1 66  ? -12.153 2.853   5.678   1.00 18.27 ? 81   LEU B CB  1 
ATOM   326  C  CG  . LEU A 1 66  ? -11.103 3.418   6.638   1.00 18.64 ? 81   LEU B CG  1 
ATOM   327  C  CD1 . LEU A 1 66  ? -10.661 2.386   7.675   1.00 20.98 ? 81   LEU B CD1 1 
ATOM   328  C  CD2 . LEU A 1 66  ? -9.911  3.954   5.858   1.00 19.01 ? 81   LEU B CD2 1 
ATOM   329  N  N   . THR A 1 67  ? -13.228 2.650   2.589   1.00 19.43 ? 82   THR B N   1 
ATOM   330  C  CA  . THR A 1 67  ? -14.112 1.998   1.640   1.00 22.56 ? 82   THR B CA  1 
ATOM   331  C  C   . THR A 1 67  ? -13.499 0.640   1.304   1.00 21.10 ? 82   THR B C   1 
ATOM   332  O  O   . THR A 1 67  ? -12.291 0.542   1.116   1.00 19.00 ? 82   THR B O   1 
ATOM   333  C  CB  . THR A 1 67  ? -14.257 2.864   0.364   1.00 22.74 ? 82   THR B CB  1 
ATOM   334  O  OG1 . THR A 1 67  ? -15.097 2.203   -0.587  1.00 26.43 ? 82   THR B OG1 1 
ATOM   335  C  CG2 . THR A 1 67  ? -12.891 3.151   -0.273  1.00 24.23 ? 82   THR B CG2 1 
ATOM   336  N  N   . PRO A 1 68  ? -14.324 -0.417  1.236   1.00 19.91 ? 83   PRO B N   1 
ATOM   337  C  CA  . PRO A 1 68  ? -13.799 -1.752  0.920   1.00 18.38 ? 83   PRO B CA  1 
ATOM   338  C  C   . PRO A 1 68  ? -13.397 -1.873  -0.549  1.00 19.17 ? 83   PRO B C   1 
ATOM   339  O  O   . PRO A 1 68  ? -14.127 -1.429  -1.437  1.00 21.56 ? 83   PRO B O   1 
ATOM   340  C  CB  . PRO A 1 68  ? -14.993 -2.680  1.200   1.00 23.95 ? 83   PRO B CB  1 
ATOM   341  C  CG  . PRO A 1 68  ? -16.007 -1.839  1.919   1.00 25.66 ? 83   PRO B CG  1 
ATOM   342  C  CD  . PRO A 1 68  ? -15.775 -0.436  1.479   1.00 25.17 ? 83   PRO B CD  1 
ATOM   343  N  N   . ASN A 1 69  ? -12.237 -2.472  -0.797  1.00 16.80 ? 84   ASN B N   1 
ATOM   344  C  CA  . ASN A 1 69  ? -11.796 -2.738  -2.158  1.00 16.67 ? 84   ASN B CA  1 
ATOM   345  C  C   . ASN A 1 69  ? -12.082 -4.194  -2.513  1.00 17.11 ? 84   ASN B C   1 
ATOM   346  O  O   . ASN A 1 69  ? -11.527 -5.100  -1.902  1.00 18.08 ? 84   ASN B O   1 
ATOM   347  C  CB  . ASN A 1 69  ? -10.300 -2.440  -2.288  1.00 16.60 ? 84   ASN B CB  1 
ATOM   348  C  CG  . ASN A 1 69  ? -9.816  -2.495  -3.723  1.00 18.83 ? 84   ASN B CG  1 
ATOM   349  O  OD1 . ASN A 1 69  ? -10.347 -3.241  -4.536  1.00 20.98 ? 84   ASN B OD1 1 
ATOM   350  N  ND2 . ASN A 1 69  ? -8.798  -1.704  -4.039  1.00 17.91 ? 84   ASN B ND2 1 
ATOM   351  N  N   . TYR A 1 70  ? -12.971 -4.411  -3.484  1.00 18.21 ? 85   TYR B N   1 
ATOM   352  C  CA  . TYR A 1 70  ? -13.294 -5.760  -3.950  1.00 17.67 ? 85   TYR B CA  1 
ATOM   353  C  C   . TYR A 1 70  ? -12.893 -5.976  -5.406  1.00 19.09 ? 85   TYR B C   1 
ATOM   354  O  O   . TYR A 1 70  ? -13.555 -6.696  -6.151  1.00 22.24 ? 85   TYR B O   1 
ATOM   355  C  CB  . TYR A 1 70  ? -14.783 -6.086  -3.739  1.00 17.45 ? 85   TYR B CB  1 
ATOM   356  C  CG  . TYR A 1 70  ? -15.089 -6.511  -2.320  1.00 18.18 ? 85   TYR B CG  1 
ATOM   357  C  CD1 . TYR A 1 70  ? -14.785 -7.797  -1.883  1.00 18.05 ? 85   TYR B CD1 1 
ATOM   358  C  CD2 . TYR A 1 70  ? -15.658 -5.627  -1.412  1.00 18.02 ? 85   TYR B CD2 1 
ATOM   359  C  CE1 . TYR A 1 70  ? -15.045 -8.190  -0.581  1.00 19.23 ? 85   TYR B CE1 1 
ATOM   360  C  CE2 . TYR A 1 70  ? -15.927 -6.013  -0.110  1.00 20.24 ? 85   TYR B CE2 1 
ATOM   361  C  CZ  . TYR A 1 70  ? -15.614 -7.291  0.299   1.00 20.60 ? 85   TYR B CZ  1 
ATOM   362  O  OH  . TYR A 1 70  ? -15.881 -7.667  1.597   1.00 28.11 ? 85   TYR B OH  1 
ATOM   363  N  N   . ASN A 1 71  ? -11.787 -5.360  -5.801  1.00 19.00 ? 86   ASN B N   1 
ATOM   364  C  CA  . ASN A 1 71  ? -11.236 -5.558  -7.132  1.00 18.49 ? 86   ASN B CA  1 
ATOM   365  C  C   . ASN A 1 71  ? -10.965 -7.042  -7.368  1.00 19.01 ? 86   ASN B C   1 
ATOM   366  O  O   . ASN A 1 71  ? -10.194 -7.652  -6.635  1.00 18.41 ? 86   ASN B O   1 
ATOM   367  C  CB  . ASN A 1 71  ? -9.937  -4.754  -7.245  1.00 19.28 ? 86   ASN B CB  1 
ATOM   368  C  CG  . ASN A 1 71  ? -9.367  -4.739  -8.649  1.00 19.39 ? 86   ASN B CG  1 
ATOM   369  O  OD1 . ASN A 1 71  ? -9.615  -5.637  -9.455  1.00 20.50 ? 86   ASN B OD1 1 
ATOM   370  N  ND2 . ASN A 1 71  ? -8.579  -3.715  -8.942  1.00 20.34 ? 86   ASN B ND2 1 
ATOM   371  N  N   . PRO A 1 72  ? -11.614 -7.633  -8.388  1.00 20.24 ? 87   PRO B N   1 
ATOM   372  C  CA  . PRO A 1 72  ? -11.438 -9.063  -8.677  1.00 22.85 ? 87   PRO B CA  1 
ATOM   373  C  C   . PRO A 1 72  ? -9.987  -9.440  -8.977  1.00 20.75 ? 87   PRO B C   1 
ATOM   374  O  O   . PRO A 1 72  ? -9.616  -10.611 -8.866  1.00 23.73 ? 87   PRO B O   1 
ATOM   375  C  CB  . PRO A 1 72  ? -12.296 -9.276  -9.936  1.00 23.23 ? 87   PRO B CB  1 
ATOM   376  C  CG  . PRO A 1 72  ? -13.255 -8.143  -9.958  1.00 24.16 ? 87   PRO B CG  1 
ATOM   377  C  CD  . PRO A 1 72  ? -12.540 -6.983  -9.331  1.00 21.99 ? 87   PRO B CD  1 
ATOM   378  N  N   . ASP A 1 73  ? -9.176  -8.456  -9.351  1.00 19.97 ? 88   ASP B N   1 
ATOM   379  C  CA  . ASP A 1 73  ? -7.800  -8.721  -9.754  1.00 21.64 ? 88   ASP B CA  1 
ATOM   380  C  C   . ASP A 1 73  ? -6.785  -8.485  -8.636  1.00 20.65 ? 88   ASP B C   1 
ATOM   381  O  O   . ASP A 1 73  ? -5.583  -8.413  -8.893  1.00 18.75 ? 88   ASP B O   1 
ATOM   382  C  CB  . ASP A 1 73  ? -7.441  -7.897  -10.992 1.00 20.88 ? 88   ASP B CB  1 
ATOM   383  C  CG  . ASP A 1 73  ? -8.223  -8.327  -12.223 1.00 24.93 ? 88   ASP B CG  1 
ATOM   384  O  OD1 . ASP A 1 73  ? -8.637  -9.504  -12.287 1.00 27.48 ? 88   ASP B OD1 1 
ATOM   385  O  OD2 . ASP A 1 73  ? -8.413  -7.485  -13.125 1.00 29.50 ? 88   ASP B OD2 1 
ATOM   386  N  N   . ILE A 1 74  ? -7.265  -8.356  -7.400  1.00 17.62 ? 89   ILE B N   1 
ATOM   387  C  CA  . ILE A 1 74  ? -6.372  -8.251  -6.250  1.00 18.64 ? 89   ILE B CA  1 
ATOM   388  C  C   . ILE A 1 74  ? -6.679  -9.346  -5.244  1.00 17.73 ? 89   ILE B C   1 
ATOM   389  O  O   . ILE A 1 74  ? -7.841  -9.590  -4.921  1.00 18.67 ? 89   ILE B O   1 
ATOM   390  C  CB  . ILE A 1 74  ? -6.487  -6.889  -5.547  1.00 17.00 ? 89   ILE B CB  1 
ATOM   391  C  CG1 . ILE A 1 74  ? -6.223  -5.749  -6.540  1.00 17.36 ? 89   ILE B CG1 1 
ATOM   392  C  CG2 . ILE A 1 74  ? -5.508  -6.813  -4.365  1.00 17.07 ? 89   ILE B CG2 1 
ATOM   393  C  CD1 . ILE A 1 74  ? -6.438  -4.364  -5.954  1.00 16.91 ? 89   ILE B CD1 1 
ATOM   394  N  N   . ILE A 1 75  ? -5.633  -10.010 -4.769  1.00 17.43 ? 90   ILE B N   1 
ATOM   395  C  CA  . ILE A 1 75  ? -5.761  -11.038 -3.744  1.00 16.12 ? 90   ILE B CA  1 
ATOM   396  C  C   . ILE A 1 75  ? -5.538  -10.394 -2.385  1.00 17.57 ? 90   ILE B C   1 
ATOM   397  O  O   . ILE A 1 75  ? -4.535  -9.705  -2.189  1.00 17.91 ? 90   ILE B O   1 
ATOM   398  C  CB  . ILE A 1 75  ? -4.703  -12.147 -3.935  1.00 18.31 ? 90   ILE B CB  1 
ATOM   399  C  CG1 . ILE A 1 75  ? -4.796  -12.743 -5.345  1.00 23.07 ? 90   ILE B CG1 1 
ATOM   400  C  CG2 . ILE A 1 75  ? -4.820  -13.212 -2.843  1.00 20.26 ? 90   ILE B CG2 1 
ATOM   401  C  CD1 . ILE A 1 75  ? -6.168  -13.259 -5.711  1.00 25.82 ? 90   ILE B CD1 1 
ATOM   402  N  N   . PHE A 1 76  ? -6.465  -10.607 -1.454  1.00 17.20 ? 91   PHE B N   1 
ATOM   403  C  CA  . PHE A 1 76  ? -6.285  -10.130 -0.084  1.00 14.98 ? 91   PHE B CA  1 
ATOM   404  C  C   . PHE A 1 76  ? -6.074  -11.305 0.861   1.00 17.28 ? 91   PHE B C   1 
ATOM   405  O  O   . PHE A 1 76  ? -6.912  -12.197 0.944   1.00 18.56 ? 91   PHE B O   1 
ATOM   406  C  CB  . PHE A 1 76  ? -7.474  -9.278  0.373   1.00 17.16 ? 91   PHE B CB  1 
ATOM   407  C  CG  . PHE A 1 76  ? -7.556  -7.939  -0.307  1.00 16.33 ? 91   PHE B CG  1 
ATOM   408  C  CD1 . PHE A 1 76  ? -7.024  -6.812  0.294   1.00 16.76 ? 91   PHE B CD1 1 
ATOM   409  C  CD2 . PHE A 1 76  ? -8.143  -7.814  -1.555  1.00 17.12 ? 91   PHE B CD2 1 
ATOM   410  C  CE1 . PHE A 1 76  ? -7.098  -5.574  -0.322  1.00 17.43 ? 91   PHE B CE1 1 
ATOM   411  C  CE2 . PHE A 1 76  ? -8.215  -6.581  -2.181  1.00 16.62 ? 91   PHE B CE2 1 
ATOM   412  C  CZ  . PHE A 1 76  ? -7.680  -5.458  -1.563  1.00 15.76 ? 91   PHE B CZ  1 
ATOM   413  N  N   . LYS A 1 77  ? -4.946  -11.301 1.562   1.00 17.04 ? 92   LYS B N   1 
ATOM   414  C  CA  . LYS A 1 77  ? -4.605  -12.359 2.512   1.00 16.40 ? 92   LYS B CA  1 
ATOM   415  C  C   . LYS A 1 77  ? -5.632  -12.512 3.643   1.00 18.62 ? 92   LYS B C   1 
ATOM   416  O  O   . LYS A 1 77  ? -5.948  -13.630 4.057   1.00 19.22 ? 92   LYS B O   1 
ATOM   417  C  CB  . LYS A 1 77  ? -3.209  -12.098 3.084   1.00 17.54 ? 92   LYS B CB  1 
ATOM   418  C  CG  . LYS A 1 77  ? -2.635  -13.216 3.941   1.00 18.93 ? 92   LYS B CG  1 
ATOM   419  C  CD  . LYS A 1 77  ? -1.217  -12.877 4.383   1.00 20.19 ? 92   LYS B CD  1 
ATOM   420  C  CE  . LYS A 1 77  ? -0.503  -14.092 4.952   1.00 25.38 ? 92   LYS B CE  1 
ATOM   421  N  NZ  . LYS A 1 77  ? -1.065  -14.494 6.258   1.00 30.28 ? 92   LYS B NZ  1 
ATOM   422  N  N   . ASP A 1 78  ? -6.141  -11.393 4.152   1.00 18.11 ? 93   ASP B N   1 
ATOM   423  C  CA  . ASP A 1 78  ? -7.138  -11.422 5.221   1.00 18.70 ? 93   ASP B CA  1 
ATOM   424  C  C   . ASP A 1 78  ? -6.695  -12.330 6.372   1.00 20.34 ? 93   ASP B C   1 
ATOM   425  O  O   . ASP A 1 78  ? -7.464  -13.171 6.832   1.00 20.15 ? 93   ASP B O   1 
ATOM   426  C  CB  . ASP A 1 78  ? -8.490  -11.888 4.668   1.00 19.56 ? 93   ASP B CB  1 
ATOM   427  C  CG  . ASP A 1 78  ? -9.626  -11.706 5.656   1.00 22.11 ? 93   ASP B CG  1 
ATOM   428  O  OD1 . ASP A 1 78  ? -9.540  -10.797 6.504   1.00 19.57 ? 93   ASP B OD1 1 
ATOM   429  O  OD2 . ASP A 1 78  ? -10.612 -12.478 5.585   1.00 23.77 ? 93   ASP B OD2 1 
ATOM   430  N  N   . GLU A 1 79  ? -5.462  -12.159 6.841   1.00 19.42 ? 94   GLU B N   1 
ATOM   431  C  CA  . GLU A 1 79  ? -4.905  -13.097 7.816   1.00 21.32 ? 94   GLU B CA  1 
ATOM   432  C  C   . GLU A 1 79  ? -5.582  -13.038 9.186   1.00 21.56 ? 94   GLU B C   1 
ATOM   433  O  O   . GLU A 1 79  ? -5.503  -13.993 9.958   1.00 22.81 ? 94   GLU B O   1 
ATOM   434  C  CB  . GLU A 1 79  ? -3.377  -12.955 7.940   1.00 24.20 ? 94   GLU B CB  1 
ATOM   435  C  CG  . GLU A 1 79  ? -2.902  -11.767 8.754   1.00 22.84 ? 94   GLU B CG  1 
ATOM   436  C  CD  . GLU A 1 79  ? -1.379  -11.691 8.872   1.00 22.14 ? 94   GLU B CD  1 
ATOM   437  O  OE1 . GLU A 1 79  ? -0.896  -10.856 9.659   1.00 24.12 ? 94   GLU B OE1 1 
ATOM   438  O  OE2 . GLU A 1 79  ? -0.668  -12.455 8.185   1.00 23.16 ? 94   GLU B OE2 1 
ATOM   439  N  N   . LYS A 1 80  ? -6.250  -11.928 9.491   1.00 21.04 ? 95   LYS B N   1 
ATOM   440  C  CA  . LYS A 1 80  ? -6.972  -11.817 10.757  1.00 22.21 ? 95   LYS B CA  1 
ATOM   441  C  C   . LYS A 1 80  ? -8.460  -12.152 10.626  1.00 22.89 ? 95   LYS B C   1 
ATOM   442  O  O   . LYS A 1 80  ? -9.206  -12.071 11.601  1.00 23.70 ? 95   LYS B O   1 
ATOM   443  C  CB  . LYS A 1 80  ? -6.781  -10.429 11.372  1.00 26.30 ? 95   LYS B CB  1 
ATOM   444  C  CG  . LYS A 1 80  ? -5.352  -10.175 11.825  1.00 24.79 ? 95   LYS B CG  1 
ATOM   445  C  CD  . LYS A 1 80  ? -5.222  -8.873  12.587  1.00 27.53 ? 95   LYS B CD  1 
ATOM   446  C  CE  . LYS A 1 80  ? -5.492  -7.678  11.692  1.00 23.83 ? 95   LYS B CE  1 
ATOM   447  N  NZ  . LYS A 1 80  ? -4.922  -6.438  12.297  1.00 20.29 ? 95   LYS B NZ  1 
ATOM   448  N  N   . ASN A 1 81  ? -8.880  -12.526 9.420   1.00 21.26 ? 96   ASN B N   1 
ATOM   449  C  CA  . ASN A 1 81  ? -10.249 -12.973 9.178   1.00 22.71 ? 96   ASN B CA  1 
ATOM   450  C  C   . ASN A 1 81  ? -11.318 -11.937 9.536   1.00 23.42 ? 96   ASN B C   1 
ATOM   451  O  O   . ASN A 1 81  ? -12.409 -12.289 10.000  1.00 23.69 ? 96   ASN B O   1 
ATOM   452  C  CB  . ASN A 1 81  ? -10.519 -14.280 9.930   1.00 23.33 ? 96   ASN B CB  1 
ATOM   453  C  CG  . ASN A 1 81  ? -11.743 -15.006 9.409   1.00 26.07 ? 96   ASN B CG  1 
ATOM   454  O  OD1 . ASN A 1 81  ? -11.964 -15.093 8.198   1.00 30.25 ? 96   ASN B OD1 1 
ATOM   455  N  ND2 . ASN A 1 81  ? -12.539 -15.545 10.322  1.00 28.96 ? 96   ASN B ND2 1 
ATOM   456  N  N   . THR A 1 82  ? -11.004 -10.661 9.322   1.00 20.68 ? 97   THR B N   1 
ATOM   457  C  CA  . THR A 1 82  ? -11.953 -9.583  9.586   1.00 21.16 ? 97   THR B CA  1 
ATOM   458  C  C   . THR A 1 82  ? -12.314 -8.789  8.326   1.00 21.40 ? 97   THR B C   1 
ATOM   459  O  O   . THR A 1 82  ? -13.241 -7.979  8.350   1.00 21.34 ? 97   THR B O   1 
ATOM   460  C  CB  . THR A 1 82  ? -11.387 -8.570  10.590  1.00 19.73 ? 97   THR B CB  1 
ATOM   461  O  OG1 . THR A 1 82  ? -10.175 -8.019  10.058  1.00 19.66 ? 97   THR B OG1 1 
ATOM   462  C  CG2 . THR A 1 82  ? -11.098 -9.230  11.934  1.00 21.06 ? 97   THR B CG2 1 
ATOM   463  N  N   . GLY A 1 83  ? -11.570 -9.004  7.243   1.00 20.07 ? 98   GLY B N   1 
ATOM   464  C  CA  . GLY A 1 83  ? -11.727 -8.225  6.025   1.00 19.37 ? 98   GLY B CA  1 
ATOM   465  C  C   . GLY A 1 83  ? -11.146 -6.823  6.123   1.00 18.22 ? 98   GLY B C   1 
ATOM   466  O  O   . GLY A 1 83  ? -11.339 -6.004  5.223   1.00 17.90 ? 98   GLY B O   1 
ATOM   467  N  N   . ALA A 1 84  ? -10.436 -6.541  7.212   1.00 17.31 ? 99   ALA B N   1 
ATOM   468  C  CA  . ALA A 1 84  ? -9.877  -5.203  7.436   1.00 17.46 ? 99   ALA B CA  1 
ATOM   469  C  C   . ALA A 1 84  ? -8.863  -4.783  6.372   1.00 18.61 ? 99   ALA B C   1 
ATOM   470  O  O   . ALA A 1 84  ? -8.685  -3.588  6.118   1.00 18.49 ? 99   ALA B O   1 
ATOM   471  C  CB  . ALA A 1 84  ? -9.251  -5.107  8.825   1.00 18.52 ? 99   ALA B CB  1 
ATOM   472  N  N   . ASP A 1 85  ? -8.195  -5.747  5.749   1.00 16.74 ? 100  ASP B N   1 
ATOM   473  C  CA  . ASP A 1 85  ? -7.167  -5.394  4.774   1.00 16.43 ? 100  ASP B CA  1 
ATOM   474  C  C   . ASP A 1 85  ? -7.741  -4.796  3.481   1.00 17.19 ? 100  ASP B C   1 
ATOM   475  O  O   . ASP A 1 85  ? -7.008  -4.168  2.715   1.00 18.86 ? 100  ASP B O   1 
ATOM   476  C  CB  . ASP A 1 85  ? -6.166  -6.543  4.514   1.00 18.03 ? 100  ASP B CB  1 
ATOM   477  C  CG  . ASP A 1 85  ? -6.815  -7.814  3.962   1.00 20.68 ? 100  ASP B CG  1 
ATOM   478  O  OD1 . ASP A 1 85  ? -6.047  -8.759  3.669   1.00 20.06 ? 100  ASP B OD1 1 
ATOM   479  O  OD2 . ASP A 1 85  ? -8.051  -7.883  3.833   1.00 22.53 ? 100  ASP B OD2 1 
ATOM   480  N  N   . ARG A 1 86  ? -9.045  -4.962  3.268   1.00 18.32 ? 101  ARG B N   1 
ATOM   481  C  CA  . ARG A 1 86  ? -9.718  -4.374  2.109   1.00 16.25 ? 101  ARG B CA  1 
ATOM   482  C  C   . ARG A 1 86  ? -10.146 -2.937  2.345   1.00 16.43 ? 101  ARG B C   1 
ATOM   483  O  O   . ARG A 1 86  ? -10.468 -2.226  1.397   1.00 18.39 ? 101  ARG B O   1 
ATOM   484  C  CB  . ARG A 1 86  ? -10.964 -5.175  1.731   1.00 17.38 ? 101  ARG B CB  1 
ATOM   485  C  CG  . ARG A 1 86  ? -10.675 -6.561  1.249   1.00 19.86 ? 101  ARG B CG  1 
ATOM   486  C  CD  . ARG A 1 86  ? -11.964 -7.287  0.933   1.00 19.06 ? 101  ARG B CD  1 
ATOM   487  N  NE  . ARG A 1 86  ? -11.674 -8.638  0.481   1.00 20.69 ? 101  ARG B NE  1 
ATOM   488  C  CZ  . ARG A 1 86  ? -11.413 -8.965  -0.779  1.00 18.99 ? 101  ARG B CZ  1 
ATOM   489  N  NH1 . ARG A 1 86  ? -11.408 -8.033  -1.724  1.00 18.06 ? 101  ARG B NH1 1 
ATOM   490  N  NH2 . ARG A 1 86  ? -11.153 -10.229 -1.095  1.00 23.83 ? 101  ARG B NH2 1 
ATOM   491  N  N   . LEU A 1 87  ? -10.171 -2.516  3.606   1.00 17.36 ? 102  LEU B N   1 
ATOM   492  C  CA  . LEU A 1 87  ? -10.706 -1.201  3.941   1.00 16.80 ? 102  LEU B CA  1 
ATOM   493  C  C   . LEU A 1 87  ? -9.613  -0.149  3.854   1.00 17.62 ? 102  LEU B C   1 
ATOM   494  O  O   . LEU A 1 87  ? -8.615  -0.218  4.566   1.00 17.92 ? 102  LEU B O   1 
ATOM   495  C  CB  . LEU A 1 87  ? -11.342 -1.207  5.336   1.00 17.43 ? 102  LEU B CB  1 
ATOM   496  C  CG  . LEU A 1 87  ? -12.732 -1.839  5.418   1.00 18.92 ? 102  LEU B CG  1 
ATOM   497  C  CD1 . LEU A 1 87  ? -13.112 -2.148  6.862   1.00 24.23 ? 102  LEU B CD1 1 
ATOM   498  C  CD2 . LEU A 1 87  ? -13.774 -0.939  4.768   1.00 21.89 ? 102  LEU B CD2 1 
ATOM   499  N  N   . MET A 1 88  ? -9.799  0.826   2.972   1.00 14.72 ? 103  MET B N   1 
ATOM   500  C  CA  . MET A 1 88  ? -8.744  1.790   2.700   1.00 14.32 ? 103  MET B CA  1 
ATOM   501  C  C   . MET A 1 88  ? -9.352  3.081   2.177   1.00 14.66 ? 103  MET B C   1 
ATOM   502  O  O   . MET A 1 88  ? -10.520 3.112   1.789   1.00 15.73 ? 103  MET B O   1 
ATOM   503  C  CB  . MET A 1 88  ? -7.756  1.215   1.673   1.00 15.90 ? 103  MET B CB  1 
ATOM   504  C  CG  . MET A 1 88  ? -8.396  0.902   0.314   1.00 15.47 ? 103  MET B CG  1 
ATOM   505  S  SD  . MET A 1 88  ? -7.316  -0.029  -0.794  1.00 16.46 ? 103  MET B SD  1 
ATOM   506  C  CE  . MET A 1 88  ? -7.264  -1.591  0.093   1.00 16.20 ? 103  MET B CE  1 
ATOM   507  N  N   . THR A 1 89  ? -8.571  4.155   2.157   1.00 13.72 ? 104  THR B N   1 
ATOM   508  C  CA  . THR A 1 89  ? -9.096  5.400   1.604   1.00 14.82 ? 104  THR B CA  1 
ATOM   509  C  C   . THR A 1 89  ? -9.258  5.306   0.088   1.00 15.86 ? 104  THR B C   1 
ATOM   510  O  O   . THR A 1 89  ? -8.675  4.431   -0.566  1.00 15.00 ? 104  THR B O   1 
ATOM   511  C  CB  . THR A 1 89  ? -8.191  6.595   1.935   1.00 14.63 ? 104  THR B CB  1 
ATOM   512  O  OG1 . THR A 1 89  ? -6.940  6.433   1.257   1.00 15.31 ? 104  THR B OG1 1 
ATOM   513  C  CG2 . THR A 1 89  ? -7.969  6.706   3.442   1.00 15.40 ? 104  THR B CG2 1 
ATOM   514  N  N   . GLN A 1 90  ? -10.051 6.213   -0.472  1.00 15.44 ? 105  GLN B N   1 
ATOM   515  C  CA  . GLN A 1 90  ? -10.274 6.221   -1.912  1.00 15.26 ? 105  GLN B CA  1 
ATOM   516  C  C   . GLN A 1 90  ? -8.968  6.367   -2.699  1.00 16.84 ? 105  GLN B C   1 
ATOM   517  O  O   . GLN A 1 90  ? -8.759  5.661   -3.685  1.00 17.82 ? 105  GLN B O   1 
ATOM   518  C  CB  . GLN A 1 90  ? -11.257 7.327   -2.301  1.00 17.59 ? 105  GLN B CB  1 
ATOM   519  C  CG  . GLN A 1 90  ? -11.681 7.273   -3.761  1.00 19.91 ? 105  GLN B CG  1 
ATOM   520  C  CD  . GLN A 1 90  ? -12.454 6.011   -4.096  1.00 20.78 ? 105  GLN B CD  1 
ATOM   521  O  OE1 . GLN A 1 90  ? -13.436 5.676   -3.430  1.00 23.54 ? 105  GLN B OE1 1 
ATOM   522  N  NE2 . GLN A 1 90  ? -12.018 5.305   -5.136  1.00 23.48 ? 105  GLN B NE2 1 
ATOM   523  N  N   . ARG A 1 91  ? -8.088  7.269   -2.265  1.00 16.04 ? 106  ARG B N   1 
ATOM   524  C  CA  . ARG A 1 91  ? -6.811  7.441   -2.948  1.00 15.16 ? 106  ARG B CA  1 
ATOM   525  C  C   . ARG A 1 91  ? -5.983  6.154   -2.900  1.00 15.70 ? 106  ARG B C   1 
ATOM   526  O  O   . ARG A 1 91  ? -5.353  5.764   -3.891  1.00 16.74 ? 106  ARG B O   1 
ATOM   527  C  CB  . ARG A 1 91  ? -6.020  8.611   -2.361  1.00 17.16 ? 106  ARG B CB  1 
ATOM   528  C  CG  . ARG A 1 91  ? -4.711  8.869   -3.087  1.00 17.81 ? 106  ARG B CG  1 
ATOM   529  C  CD  . ARG A 1 91  ? -3.999  10.078  -2.521  1.00 17.45 ? 106  ARG B CD  1 
ATOM   530  N  NE  . ARG A 1 91  ? -2.769  10.389  -3.244  1.00 20.65 ? 106  ARG B NE  1 
ATOM   531  C  CZ  . ARG A 1 91  ? -2.683  11.258  -4.248  1.00 27.13 ? 106  ARG B CZ  1 
ATOM   532  N  NH1 . ARG A 1 91  ? -3.766  11.911  -4.661  1.00 28.54 ? 106  ARG B NH1 1 
ATOM   533  N  NH2 . ARG A 1 91  ? -1.513  11.474  -4.842  1.00 28.00 ? 106  ARG B NH2 1 
ATOM   534  N  N   . CYS A 1 92  ? -5.995  5.487   -1.752  1.00 13.18 ? 107  CYS B N   1 
ATOM   535  C  CA  . CYS A 1 92  ? -5.304  4.201   -1.644  1.00 14.14 ? 107  CYS B CA  1 
ATOM   536  C  C   . CYS A 1 92  ? -5.895  3.186   -2.628  1.00 14.79 ? 107  CYS B C   1 
ATOM   537  O  O   . CYS A 1 92  ? -5.165  2.467   -3.318  1.00 15.53 ? 107  CYS B O   1 
ATOM   538  C  CB  . CYS A 1 92  ? -5.373  3.668   -0.207  1.00 14.15 ? 107  CYS B CB  1 
ATOM   539  S  SG  . CYS A 1 92  ? -4.198  2.310   0.133   1.00 16.03 ? 107  CYS B SG  1 
ATOM   540  N  N   . LYS A 1 93  ? -7.221  3.136   -2.688  1.00 13.82 ? 108  LYS B N   1 
ATOM   541  C  CA  . LYS A 1 93  ? -7.914  2.242   -3.611  1.00 15.67 ? 108  LYS B CA  1 
ATOM   542  C  C   . LYS A 1 93  ? -7.538  2.546   -5.060  1.00 15.77 ? 108  LYS B C   1 
ATOM   543  O  O   . LYS A 1 93  ? -7.254  1.633   -5.837  1.00 15.89 ? 108  LYS B O   1 
ATOM   544  C  CB  . LYS A 1 93  ? -9.428  2.346   -3.414  1.00 18.54 ? 108  LYS B CB  1 
ATOM   545  C  CG  . LYS A 1 93  ? -10.240 1.563   -4.430  1.00 21.17 ? 108  LYS B CG  1 
ATOM   546  C  CD  . LYS A 1 93  ? -11.729 1.885   -4.312  1.00 27.18 ? 108  LYS B CD  1 
ATOM   547  C  CE  . LYS A 1 93  ? -12.411 1.841   -5.680  1.00 32.50 ? 108  LYS B CE  1 
ATOM   548  N  NZ  . LYS A 1 93  ? -13.699 2.605   -5.699  1.00 35.01 ? 108  LYS B NZ  1 
ATOM   549  N  N   . ASP A 1 94  ? -7.533  3.826   -5.420  1.00 15.58 ? 109  ASP B N   1 
ATOM   550  C  CA  . ASP A 1 94  ? -7.220  4.221   -6.796  1.00 16.19 ? 109  ASP B CA  1 
ATOM   551  C  C   . ASP A 1 94  ? -5.801  3.816   -7.207  1.00 16.20 ? 109  ASP B C   1 
ATOM   552  O  O   . ASP A 1 94  ? -5.597  3.266   -8.289  1.00 16.83 ? 109  ASP B O   1 
ATOM   553  C  CB  . ASP A 1 94  ? -7.422  5.726   -6.993  1.00 18.86 ? 109  ASP B CB  1 
ATOM   554  C  CG  . ASP A 1 94  ? -8.882  6.133   -6.933  1.00 21.26 ? 109  ASP B CG  1 
ATOM   555  O  OD1 . ASP A 1 94  ? -9.765  5.267   -7.109  1.00 24.49 ? 109  ASP B OD1 1 
ATOM   556  O  OD2 . ASP A 1 94  ? -9.143  7.332   -6.716  1.00 23.77 ? 109  ASP B OD2 1 
ATOM   557  N  N   . ARG A 1 95  ? -4.823  4.079   -6.343  1.00 15.73 ? 110  ARG B N   1 
ATOM   558  C  CA  . ARG A 1 95  ? -3.450  3.707   -6.657  1.00 15.70 ? 110  ARG B CA  1 
ATOM   559  C  C   . ARG A 1 95  ? -3.292  2.190   -6.692  1.00 14.97 ? 110  ARG B C   1 
ATOM   560  O  O   . ARG A 1 95  ? -2.591  1.650   -7.552  1.00 14.88 ? 110  ARG B O   1 
ATOM   561  C  CB  . ARG A 1 95  ? -2.467  4.311   -5.649  1.00 16.61 ? 110  ARG B CB  1 
ATOM   562  C  CG  . ARG A 1 95  ? -2.504  5.819   -5.571  1.00 16.53 ? 110  ARG B CG  1 
ATOM   563  C  CD  . ARG A 1 95  ? -2.256  6.481   -6.913  1.00 21.79 ? 110  ARG B CD  1 
ATOM   564  N  NE  . ARG A 1 95  ? -2.977  7.746   -6.978  1.00 33.60 ? 110  ARG B NE  1 
ATOM   565  C  CZ  . ARG A 1 95  ? -4.189  7.869   -7.504  1.00 30.81 ? 110  ARG B CZ  1 
ATOM   566  N  NH1 . ARG A 1 95  ? -4.785  6.810   -8.032  1.00 35.85 ? 110  ARG B NH1 1 
ATOM   567  N  NH2 . ARG A 1 95  ? -4.801  9.047   -7.518  1.00 36.27 ? 110  ARG B NH2 1 
ATOM   568  N  N   . LEU A 1 96  ? -3.940  1.506   -5.755  1.00 13.86 ? 111  LEU B N   1 
ATOM   569  C  CA  . LEU A 1 96  ? -3.854  0.045   -5.698  1.00 13.69 ? 111  LEU B CA  1 
ATOM   570  C  C   . LEU A 1 96  ? -4.449  -0.583  -6.958  1.00 15.46 ? 111  LEU B C   1 
ATOM   571  O  O   . LEU A 1 96  ? -3.908  -1.553  -7.497  1.00 15.51 ? 111  LEU B O   1 
ATOM   572  C  CB  . LEU A 1 96  ? -4.559  -0.501  -4.453  1.00 15.90 ? 111  LEU B CB  1 
ATOM   573  C  CG  . LEU A 1 96  ? -4.219  -1.937  -4.048  1.00 14.83 ? 111  LEU B CG  1 
ATOM   574  C  CD1 . LEU A 1 96  ? -2.793  -2.017  -3.531  1.00 14.96 ? 111  LEU B CD1 1 
ATOM   575  C  CD2 . LEU A 1 96  ? -5.199  -2.466  -3.001  1.00 15.53 ? 111  LEU B CD2 1 
ATOM   576  N  N   . ASN A 1 97  ? -5.568  -0.030  -7.421  1.00 14.94 ? 112  ASN B N   1 
ATOM   577  C  CA  . ASN A 1 97  ? -6.222  -0.552  -8.618  1.00 16.52 ? 112  ASN B CA  1 
ATOM   578  C  C   . ASN A 1 97  ? -5.374  -0.335  -9.874  1.00 17.11 ? 112  ASN B C   1 
ATOM   579  O  O   . ASN A 1 97  ? -5.333  -1.186  -10.765 1.00 17.18 ? 112  ASN B O   1 
ATOM   580  C  CB  . ASN A 1 97  ? -7.620  0.054   -8.777  1.00 15.55 ? 112  ASN B CB  1 
ATOM   581  C  CG  . ASN A 1 97  ? -8.598  -0.431  -7.711  1.00 17.17 ? 112  ASN B CG  1 
ATOM   582  O  OD1 . ASN A 1 97  ? -8.368  -1.449  -7.042  1.00 19.07 ? 112  ASN B OD1 1 
ATOM   583  N  ND2 . ASN A 1 97  ? -9.705  0.289   -7.560  1.00 18.85 ? 112  ASN B ND2 1 
ATOM   584  N  N   . SER A 1 98  ? -4.678  0.795   -9.931  1.00 15.05 ? 113  SER B N   1 
ATOM   585  C  CA  . SER A 1 98  ? -3.747  1.055   -11.019 1.00 15.70 ? 113  SER B CA  1 
ATOM   586  C  C   . SER A 1 98  ? -2.605  0.045   -10.981 1.00 16.81 ? 113  SER B C   1 
ATOM   587  O  O   . SER A 1 98  ? -2.228  -0.514  -12.010 1.00 16.39 ? 113  SER B O   1 
ATOM   588  C  CB  . SER A 1 98  ? -3.201  2.479   -10.914 1.00 18.13 ? 113  SER B CB  1 
ATOM   589  O  OG  . SER A 1 98  ? -2.187  2.706   -11.877 0.95 21.00 ? 113  SER B OG  1 
ATOM   590  N  N   . LEU A 1 99  ? -2.072  -0.197  -9.784  1.00 15.08 ? 114  LEU B N   1 
ATOM   591  C  CA  . LEU A 1 99  ? -0.986  -1.156  -9.607  1.00 15.09 ? 114  LEU B CA  1 
ATOM   592  C  C   . LEU A 1 99  ? -1.427  -2.576  -9.976  1.00 15.54 ? 114  LEU B C   1 
ATOM   593  O  O   . LEU A 1 99  ? -0.643  -3.348  -10.527 1.00 16.57 ? 114  LEU B O   1 
ATOM   594  C  CB  . LEU A 1 99  ? -0.453  -1.107  -8.172  1.00 14.89 ? 114  LEU B CB  1 
ATOM   595  C  CG  . LEU A 1 99  ? 0.679   -2.069  -7.808  1.00 13.34 ? 114  LEU B CG  1 
ATOM   596  C  CD1 . LEU A 1 99  ? 1.906   -1.869  -8.702  1.00 13.78 ? 114  LEU B CD1 1 
ATOM   597  C  CD2 . LEU A 1 99  ? 1.051   -1.887  -6.340  1.00 15.16 ? 114  LEU B CD2 1 
ATOM   598  N  N   . ALA A 1 100 ? -2.678  -2.918  -9.672  1.00 15.21 ? 115  ALA B N   1 
ATOM   599  C  CA  . ALA A 1 100 ? -3.185  -4.246  -9.998  1.00 16.09 ? 115  ALA B CA  1 
ATOM   600  C  C   . ALA A 1 100 ? -3.077  -4.522  -11.502 1.00 16.30 ? 115  ALA B C   1 
ATOM   601  O  O   . ALA A 1 100 ? -2.713  -5.626  -11.916 1.00 16.51 ? 115  ALA B O   1 
ATOM   602  C  CB  . ALA A 1 100 ? -4.626  -4.406  -9.519  1.00 15.19 ? 115  ALA B CB  1 
ATOM   603  N  N   . ILE A 1 101 ? -3.378  -3.510  -12.309 1.00 16.23 ? 116  ILE B N   1 
ATOM   604  C  CA  . ILE A 1 101 ? -3.250  -3.648  -13.757 1.00 16.71 ? 116  ILE B CA  1 
ATOM   605  C  C   . ILE A 1 101 ? -1.787  -3.806  -14.148 1.00 18.06 ? 116  ILE B C   1 
ATOM   606  O  O   . ILE A 1 101 ? -1.439  -4.675  -14.952 1.00 18.35 ? 116  ILE B O   1 
ATOM   607  C  CB  . ILE A 1 101 ? -3.872  -2.451  -14.506 1.00 17.69 ? 116  ILE B CB  1 
ATOM   608  C  CG1 . ILE A 1 101 ? -5.380  -2.396  -14.246 1.00 21.13 ? 116  ILE B CG1 1 
ATOM   609  C  CG2 . ILE A 1 101 ? -3.611  -2.561  -16.002 1.00 19.86 ? 116  ILE B CG2 1 
ATOM   610  C  CD1 . ILE A 1 101 ? -6.036  -1.102  -14.701 1.00 21.56 ? 116  ILE B CD1 1 
ATOM   611  N  N   . SER A 1 102 ? -0.929  -2.969  -13.577 1.00 15.83 ? 117  SER B N   1 
ATOM   612  C  CA  . SER A 1 102 ? 0.496   -3.026  -13.879 1.00 16.53 ? 117  SER B CA  1 
ATOM   613  C  C   . SER A 1 102 ? 1.127   -4.365  -13.497 1.00 15.70 ? 117  SER B C   1 
ATOM   614  O  O   . SER A 1 102 ? 1.994   -4.872  -14.205 1.00 16.60 ? 117  SER B O   1 
ATOM   615  C  CB  . SER A 1 102 ? 1.235   -1.868  -13.211 1.00 19.75 ? 117  SER B CB  1 
ATOM   616  O  OG  . SER A 1 102 ? 0.849   -0.638  -13.803 1.00 26.37 ? 117  SER B OG  1 
ATOM   617  N  N   . VAL A 1 103 ? 0.692   -4.945  -12.385 1.00 14.92 ? 118  VAL B N   1 
ATOM   618  C  CA  . VAL A 1 103 ? 1.255   -6.224  -11.958 1.00 16.69 ? 118  VAL B CA  1 
ATOM   619  C  C   . VAL A 1 103 ? 0.899   -7.333  -12.949 1.00 16.61 ? 118  VAL B C   1 
ATOM   620  O  O   . VAL A 1 103 ? 1.757   -8.131  -13.327 1.00 16.50 ? 118  VAL B O   1 
ATOM   621  C  CB  . VAL A 1 103 ? 0.825   -6.604  -10.510 1.00 16.26 ? 118  VAL B CB  1 
ATOM   622  C  CG1 . VAL A 1 103 ? 1.192   -8.049  -10.187 1.00 15.77 ? 118  VAL B CG1 1 
ATOM   623  C  CG2 . VAL A 1 103 ? 1.470   -5.653  -9.500  1.00 17.31 ? 118  VAL B CG2 1 
ATOM   624  N  N   . MET A 1 104 ? -0.361  -7.376  -13.369 1.00 16.24 ? 119  MET B N   1 
ATOM   625  C  CA  . MET A 1 104 ? -0.804  -8.369  -14.344 1.00 16.32 ? 119  MET B CA  1 
ATOM   626  C  C   . MET A 1 104 ? -0.077  -8.175  -15.672 1.00 17.33 ? 119  MET B C   1 
ATOM   627  O  O   . MET A 1 104 ? 0.298   -9.146  -16.328 1.00 17.92 ? 119  MET B O   1 
ATOM   628  C  CB  . MET A 1 104 ? -2.321  -8.310  -14.535 1.00 18.65 ? 119  MET B CB  1 
ATOM   629  C  CG  . MET A 1 104 ? -3.091  -8.693  -13.274 1.00 18.92 ? 119  MET B CG  1 
ATOM   630  S  SD  . MET A 1 104 ? -4.871  -8.758  -13.521 1.00 22.76 ? 119  MET B SD  1 
ATOM   631  C  CE  . MET A 1 104 ? -5.241  -7.042  -13.843 1.00 25.89 ? 119  MET B CE  1 
ATOM   632  N  N   . ASN A 1 105 ? 0.130   -6.922  -16.065 1.00 16.38 ? 120  ASN B N   1 
ATOM   633  C  CA  . ASN A 1 105 ? 0.937   -6.638  -17.254 1.00 16.85 ? 120  ASN B CA  1 
ATOM   634  C  C   . ASN A 1 105 ? 2.383   -7.116  -17.111 1.00 17.52 ? 120  ASN B C   1 
ATOM   635  O  O   . ASN A 1 105 ? 2.948   -7.705  -18.035 1.00 17.93 ? 120  ASN B O   1 
ATOM   636  C  CB  . ASN A 1 105 ? 0.930   -5.145  -17.576 1.00 16.82 ? 120  ASN B CB  1 
ATOM   637  C  CG  . ASN A 1 105 ? -0.342  -4.696  -18.276 1.00 18.24 ? 120  ASN B CG  1 
ATOM   638  O  OD1 . ASN A 1 105 ? -1.141  -5.519  -18.733 1.00 19.53 ? 120  ASN B OD1 1 
ATOM   639  N  ND2 . ASN A 1 105 ? -0.531  -3.379  -18.369 1.00 20.18 ? 120  ASN B ND2 1 
ATOM   640  N  N   . GLN A 1 106 ? 2.986   -6.857  -15.954 1.00 16.94 ? 121  GLN B N   1 
ATOM   641  C  CA  . GLN A 1 106 ? 4.393   -7.177  -15.749 1.00 15.97 ? 121  GLN B CA  1 
ATOM   642  C  C   . GLN A 1 106 ? 4.664   -8.680  -15.770 1.00 16.42 ? 121  GLN B C   1 
ATOM   643  O  O   . GLN A 1 106 ? 5.648   -9.136  -16.350 1.00 15.85 ? 121  GLN B O   1 
ATOM   644  C  CB  . GLN A 1 106 ? 4.884   -6.587  -14.421 1.00 16.14 ? 121  GLN B CB  1 
ATOM   645  C  CG  . GLN A 1 106 ? 6.347   -6.858  -14.157 1.00 16.39 ? 121  GLN B CG  1 
ATOM   646  C  CD  . GLN A 1 106 ? 7.255   -6.162  -15.147 1.00 17.35 ? 121  GLN B CD  1 
ATOM   647  O  OE1 . GLN A 1 106 ? 7.476   -4.956  -15.054 1.00 18.78 ? 121  GLN B OE1 1 
ATOM   648  N  NE2 . GLN A 1 106 ? 7.799   -6.924  -16.095 1.00 16.77 ? 121  GLN B NE2 1 
ATOM   649  N  N   . TRP A 1 107 ? 3.794   -9.439  -15.115 1.00 16.72 ? 122  TRP B N   1 
ATOM   650  C  CA  . TRP A 1 107 ? 3.956   -10.882 -14.997 1.00 17.29 ? 122  TRP B CA  1 
ATOM   651  C  C   . TRP A 1 107 ? 2.635   -11.560 -15.334 1.00 17.23 ? 122  TRP B C   1 
ATOM   652  O  O   . TRP A 1 107 ? 1.821   -11.829 -14.451 1.00 17.63 ? 122  TRP B O   1 
ATOM   653  C  CB  . TRP A 1 107 ? 4.356   -11.260 -13.568 1.00 18.28 ? 122  TRP B CB  1 
ATOM   654  C  CG  . TRP A 1 107 ? 5.638   -10.654 -13.065 1.00 15.99 ? 122  TRP B CG  1 
ATOM   655  C  CD1 . TRP A 1 107 ? 6.911   -11.029 -13.393 1.00 17.60 ? 122  TRP B CD1 1 
ATOM   656  C  CD2 . TRP A 1 107 ? 5.766   -9.604  -12.097 1.00 16.48 ? 122  TRP B CD2 1 
ATOM   657  N  NE1 . TRP A 1 107 ? 7.824   -10.265 -12.698 1.00 19.18 ? 122  TRP B NE1 1 
ATOM   658  C  CE2 . TRP A 1 107 ? 7.145   -9.379  -11.901 1.00 17.38 ? 122  TRP B CE2 1 
ATOM   659  C  CE3 . TRP A 1 107 ? 4.846   -8.820  -11.390 1.00 16.46 ? 122  TRP B CE3 1 
ATOM   660  C  CZ2 . TRP A 1 107 ? 7.625   -8.409  -11.020 1.00 16.72 ? 122  TRP B CZ2 1 
ATOM   661  C  CZ3 . TRP A 1 107 ? 5.326   -7.854  -10.513 1.00 17.11 ? 122  TRP B CZ3 1 
ATOM   662  C  CH2 . TRP A 1 107 ? 6.703   -7.660  -10.337 1.00 15.96 ? 122  TRP B CH2 1 
ATOM   663  N  N   . PRO A 1 108 ? 2.405   -11.819 -16.623 1.00 17.97 ? 123  PRO B N   1 
ATOM   664  C  CA  . PRO A 1 108 ? 1.155   -12.463 -17.037 1.00 17.67 ? 123  PRO B CA  1 
ATOM   665  C  C   . PRO A 1 108 ? 0.895   -13.726 -16.224 1.00 17.33 ? 123  PRO B C   1 
ATOM   666  O  O   . PRO A 1 108 ? 1.791   -14.565 -16.084 1.00 19.90 ? 123  PRO B O   1 
ATOM   667  C  CB  . PRO A 1 108 ? 1.418   -12.804 -18.503 1.00 21.31 ? 123  PRO B CB  1 
ATOM   668  C  CG  . PRO A 1 108 ? 2.367   -11.738 -18.954 1.00 21.13 ? 123  PRO B CG  1 
ATOM   669  C  CD  . PRO A 1 108 ? 3.259   -11.462 -17.768 1.00 17.44 ? 123  PRO B CD  1 
ATOM   670  N  N   . GLY A 1 109 ? -0.310  -13.843 -15.673 1.00 17.01 ? 124  GLY B N   1 
ATOM   671  C  CA  . GLY A 1 109 ? -0.674  -14.997 -14.864 1.00 18.73 ? 124  GLY B CA  1 
ATOM   672  C  C   . GLY A 1 109 ? -0.564  -14.731 -13.371 1.00 19.93 ? 124  GLY B C   1 
ATOM   673  O  O   . GLY A 1 109 ? -1.062  -15.503 -12.550 1.00 20.70 ? 124  GLY B O   1 
ATOM   674  N  N   . VAL A 1 110 ? 0.086   -13.625 -13.023 1.00 18.11 ? 125  VAL B N   1 
ATOM   675  C  CA  . VAL A 1 110 ? 0.314   -13.253 -11.630 1.00 16.37 ? 125  VAL B CA  1 
ATOM   676  C  C   . VAL A 1 110 ? -0.551  -12.039 -11.284 1.00 15.46 ? 125  VAL B C   1 
ATOM   677  O  O   . VAL A 1 110 ? -0.866  -11.231 -12.152 1.00 16.93 ? 125  VAL B O   1 
ATOM   678  C  CB  . VAL A 1 110 ? 1.810   -12.924 -11.398 1.00 16.16 ? 125  VAL B CB  1 
ATOM   679  C  CG1 . VAL A 1 110 ? 2.057   -12.406 -9.992  1.00 17.12 ? 125  VAL B CG1 1 
ATOM   680  C  CG2 . VAL A 1 110 ? 2.680   -14.153 -11.669 1.00 18.58 ? 125  VAL B CG2 1 
ATOM   681  N  N   . LYS A 1 111 ? -0.943  -11.924 -10.016 1.00 15.49 ? 126  LYS B N   1 
ATOM   682  C  CA  . LYS A 1 111 ? -1.754  -10.798 -9.562  1.00 16.78 ? 126  LYS B CA  1 
ATOM   683  C  C   . LYS A 1 111 ? -1.122  -10.110 -8.364  1.00 16.85 ? 126  LYS B C   1 
ATOM   684  O  O   . LYS A 1 111 ? -0.272  -10.674 -7.674  1.00 16.71 ? 126  LYS B O   1 
ATOM   685  C  CB  . LYS A 1 111 ? -3.167  -11.255 -9.189  1.00 17.65 ? 126  LYS B CB  1 
ATOM   686  C  CG  . LYS A 1 111 ? -4.041  -11.616 -10.384 1.00 18.04 ? 126  LYS B CG  1 
ATOM   687  C  CD  . LYS A 1 111 ? -5.452  -11.988 -9.949  1.00 23.17 ? 126  LYS B CD  1 
ATOM   688  C  CE  . LYS A 1 111 ? -6.348  -12.223 -11.158 1.00 27.36 ? 126  LYS B CE  1 
ATOM   689  N  NZ  . LYS A 1 111 ? -7.763  -12.472 -10.761 1.00 28.90 ? 126  LYS B NZ  1 
ATOM   690  N  N   . LEU A 1 112 ? -1.556  -8.880  -8.128  1.00 15.62 ? 127  LEU B N   1 
ATOM   691  C  CA  . LEU A 1 112 ? -1.199  -8.148  -6.926  1.00 14.68 ? 127  LEU B CA  1 
ATOM   692  C  C   . LEU A 1 112 ? -1.853  -8.792  -5.711  1.00 15.19 ? 127  LEU B C   1 
ATOM   693  O  O   . LEU A 1 112 ? -3.017  -9.212  -5.763  1.00 16.06 ? 127  LEU B O   1 
ATOM   694  C  CB  . LEU A 1 112 ? -1.677  -6.706  -7.072  1.00 13.02 ? 127  LEU B CB  1 
ATOM   695  C  CG  . LEU A 1 112 ? -1.480  -5.776  -5.882  1.00 12.95 ? 127  LEU B CG  1 
ATOM   696  C  CD1 . LEU A 1 112 ? -0.001  -5.594  -5.551  1.00 15.20 ? 127  LEU B CD1 1 
ATOM   697  C  CD2 . LEU A 1 112 ? -2.138  -4.442  -6.215  1.00 14.28 ? 127  LEU B CD2 1 
ATOM   698  N  N   . ARG A 1 113 ? -1.100  -8.858  -4.617  1.00 14.84 ? 128  ARG B N   1 
ATOM   699  C  CA  . ARG A 1 113 ? -1.573  -9.450  -3.372  1.00 14.67 ? 128  ARG B CA  1 
ATOM   700  C  C   . ARG A 1 113 ? -1.288  -8.497  -2.214  1.00 16.50 ? 128  ARG B C   1 
ATOM   701  O  O   . ARG A 1 113 ? -0.192  -7.949  -2.104  1.00 16.67 ? 128  ARG B O   1 
ATOM   702  C  CB  . ARG A 1 113 ? -0.889  -10.805 -3.148  1.00 14.51 ? 128  ARG B CB  1 
ATOM   703  C  CG  . ARG A 1 113 ? -1.227  -11.497 -1.826  1.00 16.47 ? 128  ARG B CG  1 
ATOM   704  C  CD  . ARG A 1 113 ? -0.712  -12.932 -1.864  1.00 18.13 ? 128  ARG B CD  1 
ATOM   705  N  NE  . ARG A 1 113 ? -0.766  -13.637 -0.584  1.00 17.37 ? 128  ARG B NE  1 
ATOM   706  C  CZ  . ARG A 1 113 ? 0.250   -13.706 0.274   1.00 19.30 ? 128  ARG B CZ  1 
ATOM   707  N  NH1 . ARG A 1 113 ? 1.388   -13.077 0.012   1.00 17.74 ? 128  ARG B NH1 1 
ATOM   708  N  NH2 . ARG A 1 113 ? 0.120   -14.393 1.406   1.00 20.30 ? 128  ARG B NH2 1 
ATOM   709  N  N   . VAL A 1 114 ? -2.294  -8.288  -1.370  1.00 14.98 ? 129  VAL B N   1 
ATOM   710  C  CA  . VAL A 1 114 ? -2.176  -7.439  -0.189  1.00 14.42 ? 129  VAL B CA  1 
ATOM   711  C  C   . VAL A 1 114 ? -2.102  -8.333  1.042   1.00 14.88 ? 129  VAL B C   1 
ATOM   712  O  O   . VAL A 1 114 ? -2.980  -9.174  1.263   1.00 15.16 ? 129  VAL B O   1 
ATOM   713  C  CB  . VAL A 1 114 ? -3.385  -6.481  -0.065  1.00 13.58 ? 129  VAL B CB  1 
ATOM   714  C  CG1 . VAL A 1 114 ? -3.414  -5.820  1.311   1.00 14.87 ? 129  VAL B CG1 1 
ATOM   715  C  CG2 . VAL A 1 114 ? -3.369  -5.436  -1.186  1.00 16.69 ? 129  VAL B CG2 1 
ATOM   716  N  N   . THR A 1 115 ? -1.051  -8.171  1.838   1.00 14.22 ? 130  THR B N   1 
ATOM   717  C  CA  . THR A 1 115 ? -0.887  -8.981  3.040   1.00 15.53 ? 130  THR B CA  1 
ATOM   718  C  C   . THR A 1 115 ? -1.201  -8.221  4.330   1.00 16.57 ? 130  THR B C   1 
ATOM   719  O  O   . THR A 1 115 ? -1.318  -8.823  5.394   1.00 19.58 ? 130  THR B O   1 
ATOM   720  C  CB  . THR A 1 115 ? 0.522   -9.591  3.123   1.00 17.55 ? 130  THR B CB  1 
ATOM   721  O  OG1 . THR A 1 115 ? 1.496   -8.542  3.215   1.00 17.52 ? 130  THR B OG1 1 
ATOM   722  C  CG2 . THR A 1 115 ? 0.795   -10.444 1.880   1.00 18.01 ? 130  THR B CG2 1 
ATOM   723  N  N   . GLU A 1 116 ? -1.337  -6.904  4.233   1.00 15.19 ? 131  GLU B N   1 
ATOM   724  C  CA  . GLU A 1 116 ? -1.728  -6.079  5.377   1.00 15.41 ? 131  GLU B CA  1 
ATOM   725  C  C   . GLU A 1 116 ? -2.268  -4.754  4.853   1.00 14.95 ? 131  GLU B C   1 
ATOM   726  O  O   . GLU A 1 116 ? -1.675  -4.143  3.966   1.00 15.17 ? 131  GLU B O   1 
ATOM   727  C  CB  . GLU A 1 116 ? -0.535  -5.845  6.318   1.00 16.02 ? 131  GLU B CB  1 
ATOM   728  C  CG  . GLU A 1 116 ? -0.755  -4.793  7.422   1.00 17.25 ? 131  GLU B CG  1 
ATOM   729  C  CD  . GLU A 1 116 ? -1.589  -5.287  8.593   1.00 17.33 ? 131  GLU B CD  1 
ATOM   730  O  OE1 . GLU A 1 116 ? -2.494  -6.126  8.387   1.00 18.05 ? 131  GLU B OE1 1 
ATOM   731  O  OE2 . GLU A 1 116 ? -1.346  -4.819  9.730   1.00 17.93 ? 131  GLU B OE2 1 
ATOM   732  N  N   . GLY A 1 117 ? -3.403  -4.323  5.389   1.00 14.85 ? 132  GLY B N   1 
ATOM   733  C  CA  . GLY A 1 117 ? -3.992  -3.050  5.012   1.00 14.34 ? 132  GLY B CA  1 
ATOM   734  C  C   . GLY A 1 117 ? -4.273  -2.267  6.275   1.00 14.51 ? 132  GLY B C   1 
ATOM   735  O  O   . GLY A 1 117 ? -3.351  -1.953  7.020   1.00 14.98 ? 132  GLY B O   1 
ATOM   736  N  N   . TRP A 1 118 ? -5.546  -1.985  6.538   1.00 13.58 ? 133  TRP B N   1 
ATOM   737  C  CA  . TRP A 1 118 ? -5.931  -1.256  7.740   1.00 14.37 ? 133  TRP B CA  1 
ATOM   738  C  C   . TRP A 1 118 ? -5.725  -2.144  8.957   1.00 15.48 ? 133  TRP B C   1 
ATOM   739  O  O   . TRP A 1 118 ? -6.200  -3.280  8.989   1.00 15.10 ? 133  TRP B O   1 
ATOM   740  C  CB  . TRP A 1 118 ? -7.393  -0.802  7.640   1.00 13.75 ? 133  TRP B CB  1 
ATOM   741  C  CG  . TRP A 1 118 ? -7.958  -0.166  8.878   1.00 15.17 ? 133  TRP B CG  1 
ATOM   742  C  CD1 . TRP A 1 118 ? -7.429  0.862   9.596   1.00 16.42 ? 133  TRP B CD1 1 
ATOM   743  C  CD2 . TRP A 1 118 ? -9.199  -0.499  9.507   1.00 16.32 ? 133  TRP B CD2 1 
ATOM   744  N  NE1 . TRP A 1 118 ? -8.256  1.182   10.654  1.00 15.59 ? 133  TRP B NE1 1 
ATOM   745  C  CE2 . TRP A 1 118 ? -9.350  0.358   10.617  1.00 15.79 ? 133  TRP B CE2 1 
ATOM   746  C  CE3 . TRP A 1 118 ? -10.196 -1.445  9.240   1.00 19.00 ? 133  TRP B CE3 1 
ATOM   747  C  CZ2 . TRP A 1 118 ? -10.458 0.299   11.460  1.00 20.18 ? 133  TRP B CZ2 1 
ATOM   748  C  CZ3 . TRP A 1 118 ? -11.298 -1.501  10.077  1.00 20.95 ? 133  TRP B CZ3 1 
ATOM   749  C  CH2 . TRP A 1 118 ? -11.419 -0.637  11.173  1.00 22.26 ? 133  TRP B CH2 1 
ATOM   750  N  N   . ASP A 1 119 ? -4.989  -1.633  9.940   1.00 14.61 ? 134  ASP B N   1 
ATOM   751  C  CA  . ASP A 1 119 ? -4.662  -2.401  11.139  1.00 14.69 ? 134  ASP B CA  1 
ATOM   752  C  C   . ASP A 1 119 ? -5.379  -1.841  12.365  1.00 16.33 ? 134  ASP B C   1 
ATOM   753  O  O   . ASP A 1 119 ? -5.058  -0.746  12.836  1.00 16.31 ? 134  ASP B O   1 
ATOM   754  C  CB  . ASP A 1 119 ? -3.150  -2.401  11.364  1.00 14.36 ? 134  ASP B CB  1 
ATOM   755  C  CG  . ASP A 1 119 ? -2.748  -3.123  12.632  1.00 15.63 ? 134  ASP B CG  1 
ATOM   756  O  OD1 . ASP A 1 119 ? -3.547  -3.948  13.137  1.00 16.56 ? 134  ASP B OD1 1 
ATOM   757  O  OD2 . ASP A 1 119 ? -1.633  -2.855  13.117  1.00 16.88 ? 134  ASP B OD2 1 
ATOM   758  N  N   . GLU A 1 120 ? -6.335  -2.611  12.881  1.00 17.10 ? 135  GLU B N   1 
ATOM   759  C  CA  . GLU A 1 120 ? -7.104  -2.238  14.069  1.00 17.97 ? 135  GLU B CA  1 
ATOM   760  C  C   . GLU A 1 120 ? -6.390  -2.581  15.376  1.00 20.52 ? 135  GLU B C   1 
ATOM   761  O  O   . GLU A 1 120 ? -6.850  -2.207  16.458  1.00 20.82 ? 135  GLU B O   1 
ATOM   762  C  CB  . GLU A 1 120 ? -8.446  -2.973  14.078  1.00 20.29 ? 135  GLU B CB  1 
ATOM   763  C  CG  . GLU A 1 120 ? -9.273  -2.858  12.814  1.00 20.40 ? 135  GLU B CG  1 
ATOM   764  C  CD  . GLU A 1 120 ? -10.635 -3.508  12.981  1.00 23.24 ? 135  GLU B CD  1 
ATOM   765  O  OE1 . GLU A 1 120 ? -11.487 -2.927  13.685  1.00 24.77 ? 135  GLU B OE1 1 
ATOM   766  O  OE2 . GLU A 1 120 ? -10.848 -4.603  12.419  1.00 24.16 ? 135  GLU B OE2 1 
ATOM   767  N  N   . ASP A 1 121 ? -5.272  -3.294  15.284  1.00 17.57 ? 136  ASP B N   1 
ATOM   768  C  CA  . ASP A 1 121 ? -4.674  -3.926  16.461  1.00 20.70 ? 136  ASP B CA  1 
ATOM   769  C  C   . ASP A 1 121 ? -3.360  -3.333  16.970  1.00 22.61 ? 136  ASP B C   1 
ATOM   770  O  O   . ASP A 1 121 ? -2.941  -3.632  18.088  1.00 27.18 ? 136  ASP B O   1 
ATOM   771  C  CB  . ASP A 1 121 ? -4.496  -5.419  16.207  1.00 20.02 ? 136  ASP B CB  1 
ATOM   772  C  CG  . ASP A 1 121 ? -5.815  -6.128  15.994  1.00 21.74 ? 136  ASP B CG  1 
ATOM   773  O  OD1 . ASP A 1 121 ? -6.682  -6.055  16.891  1.00 25.15 ? 136  ASP B OD1 1 
ATOM   774  O  OD2 . ASP A 1 121 ? -5.982  -6.745  14.925  1.00 20.48 ? 136  ASP B OD2 1 
ATOM   775  N  N   . GLY A 1 122 ? -2.699  -2.511  16.163  1.00 19.27 ? 137  GLY B N   1 
ATOM   776  C  CA  . GLY A 1 122 ? -1.476  -1.866  16.605  1.00 19.97 ? 137  GLY B CA  1 
ATOM   777  C  C   . GLY A 1 122 ? -0.235  -2.730  16.482  1.00 18.55 ? 137  GLY B C   1 
ATOM   778  O  O   . GLY A 1 122 ? 0.592   -2.776  17.393  1.00 22.52 ? 137  GLY B O   1 
ATOM   779  N  N   . HIS A 1 123 ? -0.094  -3.397  15.340  1.00 18.49 ? 138  HIS B N   1 
ATOM   780  C  CA  . HIS A 1 123 ? 1.033   -4.290  15.092  1.00 19.05 ? 138  HIS B CA  1 
ATOM   781  C  C   . HIS A 1 123 ? 2.173   -3.617  14.329  1.00 19.36 ? 138  HIS B C   1 
ATOM   782  O  O   . HIS A 1 123 ? 3.011   -4.293  13.730  1.00 23.26 ? 138  HIS B O   1 
ATOM   783  C  CB  . HIS A 1 123 ? 0.568   -5.532  14.327  1.00 20.31 ? 138  HIS B CB  1 
ATOM   784  C  CG  . HIS A 1 123 ? -0.404  -6.380  15.083  1.00 20.53 ? 138  HIS B CG  1 
ATOM   785  N  ND1 . HIS A 1 123 ? -1.410  -7.086  14.462  1.00 20.74 ? 138  HIS B ND1 1 
ATOM   786  C  CD2 . HIS A 1 123 ? -0.527  -6.632  16.409  1.00 22.91 ? 138  HIS B CD2 1 
ATOM   787  C  CE1 . HIS A 1 123 ? -2.112  -7.739  15.373  1.00 21.98 ? 138  HIS B CE1 1 
ATOM   788  N  NE2 . HIS A 1 123 ? -1.596  -7.482  16.561  1.00 21.45 ? 138  HIS B NE2 1 
ATOM   789  N  N   . HIS A 1 124 ? 2.197   -2.288  14.345  1.00 18.95 ? 139  HIS B N   1 
ATOM   790  C  CA  . HIS A 1 124 ? 3.265   -1.531  13.697  1.00 20.66 ? 139  HIS B CA  1 
ATOM   791  C  C   . HIS A 1 124 ? 3.812   -0.473  14.652  1.00 21.33 ? 139  HIS B C   1 
ATOM   792  O  O   . HIS A 1 124 ? 3.538   -0.516  15.852  1.00 23.77 ? 139  HIS B O   1 
ATOM   793  C  CB  . HIS A 1 124 ? 2.758   -0.913  12.387  1.00 19.01 ? 139  HIS B CB  1 
ATOM   794  C  CG  . HIS A 1 124 ? 2.149   -1.917  11.456  1.00 18.47 ? 139  HIS B CG  1 
ATOM   795  N  ND1 . HIS A 1 124 ? 2.894   -2.639  10.548  1.00 19.67 ? 139  HIS B ND1 1 
ATOM   796  C  CD2 . HIS A 1 124 ? 0.874   -2.355  11.328  1.00 17.48 ? 139  HIS B CD2 1 
ATOM   797  C  CE1 . HIS A 1 124 ? 2.101   -3.466  9.887   1.00 17.77 ? 139  HIS B CE1 1 
ATOM   798  N  NE2 . HIS A 1 124 ? 0.870   -3.313  10.342  1.00 18.07 ? 139  HIS B NE2 1 
ATOM   799  N  N   . SER A 1 125 ? 4.591   0.472   14.135  1.00 20.88 ? 140  SER B N   1 
ATOM   800  C  CA  . SER A 1 125 ? 5.121   1.539   14.982  1.00 22.01 ? 140  SER B CA  1 
ATOM   801  C  C   . SER A 1 125 ? 3.988   2.432   15.474  1.00 24.52 ? 140  SER B C   1 
ATOM   802  O  O   . SER A 1 125 ? 2.842   2.276   15.059  1.00 24.18 ? 140  SER B O   1 
ATOM   803  C  CB  . SER A 1 125 ? 6.171   2.361   14.229  1.00 24.99 ? 140  SER B CB  1 
ATOM   804  O  OG  . SER A 1 125 ? 5.634   2.906   13.039  0.55 23.84 ? 140  SER B OG  1 
ATOM   805  N  N   . GLU A 1 126 ? 4.321   3.381   16.344  1.00 22.81 ? 141  GLU B N   1 
ATOM   806  C  CA  . GLU A 1 126 ? 3.323   4.201   17.033  1.00 26.33 ? 141  GLU B CA  1 
ATOM   807  C  C   . GLU A 1 126 ? 2.395   5.016   16.122  1.00 26.39 ? 141  GLU B C   1 
ATOM   808  O  O   . GLU A 1 126 ? 1.215   5.209   16.445  1.00 28.48 ? 141  GLU B O   1 
ATOM   809  C  CB  . GLU A 1 126 ? 4.022   5.130   18.029  1.00 30.41 ? 141  GLU B CB  1 
ATOM   810  C  CG  . GLU A 1 126 ? 3.089   6.038   18.812  1.00 36.75 ? 141  GLU B CG  1 
ATOM   811  C  CD  . GLU A 1 126 ? 3.832   6.878   19.837  1.00 42.59 ? 141  GLU B CD  1 
ATOM   812  O  OE1 . GLU A 1 126 ? 3.522   8.083   19.960  1.00 49.11 ? 141  GLU B OE1 1 
ATOM   813  O  OE2 . GLU A 1 126 ? 4.731   6.336   20.513  1.00 49.20 ? 141  GLU B OE2 1 
ATOM   814  N  N   . GLU A 1 127 ? 2.919   5.488   14.994  1.00 22.64 ? 142  GLU B N   1 
ATOM   815  C  CA  . GLU A 1 127 ? 2.179   6.388   14.105  1.00 21.52 ? 142  GLU B CA  1 
ATOM   816  C  C   . GLU A 1 127 ? 2.078   5.855   12.674  1.00 21.51 ? 142  GLU B C   1 
ATOM   817  O  O   . GLU A 1 127 ? 2.282   6.588   11.701  1.00 20.20 ? 142  GLU B O   1 
ATOM   818  C  CB  . GLU A 1 127 ? 2.813   7.788   14.120  1.00 21.63 ? 142  GLU B CB  1 
ATOM   819  C  CG  . GLU A 1 127 ? 2.816   8.408   15.516  1.00 23.90 ? 142  GLU B CG  1 
ATOM   820  C  CD  . GLU A 1 127 ? 3.185   9.885   15.534  1.00 28.14 ? 142  GLU B CD  1 
ATOM   821  O  OE1 . GLU A 1 127 ? 3.409   10.422  16.639  1.00 33.52 ? 142  GLU B OE1 1 
ATOM   822  O  OE2 . GLU A 1 127 ? 3.250   10.510  14.457  1.00 29.84 ? 142  GLU B OE2 1 
ATOM   823  N  N   . SER A 1 128 ? 1.730   4.579   12.552  1.00 17.65 ? 143  SER B N   1 
ATOM   824  C  CA  . SER A 1 128 ? 1.661   3.923   11.250  1.00 16.83 ? 143  SER B CA  1 
ATOM   825  C  C   . SER A 1 128 ? 0.454   4.365   10.428  1.00 14.75 ? 143  SER B C   1 
ATOM   826  O  O   . SER A 1 128 ? -0.665  4.463   10.947  1.00 14.97 ? 143  SER B O   1 
ATOM   827  C  CB  . SER A 1 128 ? 1.621   2.404   11.435  1.00 16.58 ? 143  SER B CB  1 
ATOM   828  O  OG  . SER A 1 128 ? 1.518   1.748   10.179  1.00 16.57 ? 143  SER B OG  1 
ATOM   829  N  N   . LEU A 1 129 ? 0.671   4.605   9.135   1.00 15.49 ? 144  LEU B N   1 
ATOM   830  C  CA  . LEU A 1 129 ? -0.436  4.908   8.230   1.00 14.36 ? 144  LEU B CA  1 
ATOM   831  C  C   . LEU A 1 129 ? -1.343  3.688   8.025   1.00 14.03 ? 144  LEU B C   1 
ATOM   832  O  O   . LEU A 1 129 ? -2.451  3.809   7.515   1.00 14.87 ? 144  LEU B O   1 
ATOM   833  C  CB  . LEU A 1 129 ? 0.072   5.458   6.889   1.00 14.46 ? 144  LEU B CB  1 
ATOM   834  C  CG  . LEU A 1 129 ? 0.740   6.838   6.986   1.00 14.35 ? 144  LEU B CG  1 
ATOM   835  C  CD1 . LEU A 1 129 ? 1.151   7.356   5.609   1.00 13.92 ? 144  LEU B CD1 1 
ATOM   836  C  CD2 . LEU A 1 129 ? -0.153  7.859   7.674   1.00 17.38 ? 144  LEU B CD2 1 
ATOM   837  N  N   . HIS A 1 130 ? -0.876  2.512   8.435   1.00 15.44 ? 145  HIS B N   1 
ATOM   838  C  CA  . HIS A 1 130 ? -1.762  1.352   8.475   1.00 13.82 ? 145  HIS B CA  1 
ATOM   839  C  C   . HIS A 1 130 ? -2.955  1.593   9.397   1.00 16.27 ? 145  HIS B C   1 
ATOM   840  O  O   . HIS A 1 130 ? -4.020  1.022   9.190   1.00 14.65 ? 145  HIS B O   1 
ATOM   841  C  CB  . HIS A 1 130 ? -1.018  0.097   8.938   1.00 14.80 ? 145  HIS B CB  1 
ATOM   842  C  CG  . HIS A 1 130 ? -0.144  -0.513  7.886   1.00 14.10 ? 145  HIS B CG  1 
ATOM   843  N  ND1 . HIS A 1 130 ? -0.649  -1.229  6.820   1.00 14.68 ? 145  HIS B ND1 1 
ATOM   844  C  CD2 . HIS A 1 130 ? 1.204   -0.525  7.742   1.00 14.20 ? 145  HIS B CD2 1 
ATOM   845  C  CE1 . HIS A 1 130 ? 0.348   -1.644  6.060   1.00 13.61 ? 145  HIS B CE1 1 
ATOM   846  N  NE2 . HIS A 1 130 ? 1.482   -1.235  6.601   1.00 14.65 ? 145  HIS B NE2 1 
ATOM   847  N  N   . TYR A 1 131 ? -2.770  2.417   10.428  1.00 15.81 ? 146  TYR B N   1 
ATOM   848  C  CA  . TYR A 1 131 ? -3.831  2.615   11.417  1.00 15.08 ? 146  TYR B CA  1 
ATOM   849  C  C   . TYR A 1 131 ? -4.988  3.438   10.876  1.00 16.25 ? 146  TYR B C   1 
ATOM   850  O  O   . TYR A 1 131 ? -6.066  3.466   11.476  1.00 16.96 ? 146  TYR B O   1 
ATOM   851  C  CB  . TYR A 1 131 ? -3.292  3.250   12.699  1.00 17.54 ? 146  TYR B CB  1 
ATOM   852  C  CG  . TYR A 1 131 ? -2.200  2.448   13.359  1.00 16.29 ? 146  TYR B CG  1 
ATOM   853  C  CD1 . TYR A 1 131 ? -2.129  1.069   13.198  1.00 17.23 ? 146  TYR B CD1 1 
ATOM   854  C  CD2 . TYR A 1 131 ? -1.239  3.066   14.150  1.00 16.93 ? 146  TYR B CD2 1 
ATOM   855  C  CE1 . TYR A 1 131 ? -1.129  0.330   13.805  1.00 18.29 ? 146  TYR B CE1 1 
ATOM   856  C  CE2 . TYR A 1 131 ? -0.239  2.335   14.762  1.00 17.49 ? 146  TYR B CE2 1 
ATOM   857  C  CZ  . TYR A 1 131 ? -0.190  0.967   14.588  1.00 18.97 ? 146  TYR B CZ  1 
ATOM   858  O  OH  . TYR A 1 131 ? 0.813   0.241   15.189  1.00 18.58 ? 146  TYR B OH  1 
ATOM   859  N  N   . GLU A 1 132 ? -4.761  4.113   9.750   1.00 16.16 ? 147  GLU B N   1 
ATOM   860  C  CA  . GLU A 1 132 ? -5.808  4.933   9.143   1.00 15.50 ? 147  GLU B CA  1 
ATOM   861  C  C   . GLU A 1 132 ? -6.131  4.582   7.684   1.00 15.11 ? 147  GLU B C   1 
ATOM   862  O  O   . GLU A 1 132 ? -6.654  5.411   6.940   1.00 16.41 ? 147  GLU B O   1 
ATOM   863  C  CB  . GLU A 1 132 ? -5.486  6.429   9.294   1.00 18.04 ? 147  GLU B CB  1 
ATOM   864  C  CG  . GLU A 1 132 ? -4.067  6.829   8.898   1.00 16.59 ? 147  GLU B CG  1 
ATOM   865  C  CD  . GLU A 1 132 ? -3.824  8.330   9.041   1.00 17.85 ? 147  GLU B CD  1 
ATOM   866  O  OE1 . GLU A 1 132 ? -4.633  9.111   8.505   1.00 18.23 ? 147  GLU B OE1 1 
ATOM   867  O  OE2 . GLU A 1 132 ? -2.832  8.720   9.694   1.00 18.90 ? 147  GLU B OE2 1 
ATOM   868  N  N   . GLY A 1 133 ? -5.839  3.346   7.284   1.00 14.19 ? 148  GLY B N   1 
ATOM   869  C  CA  . GLY A 1 133 ? -6.254  2.854   5.984   1.00 14.20 ? 148  GLY B CA  1 
ATOM   870  C  C   . GLY A 1 133 ? -5.564  3.532   4.810   1.00 15.90 ? 148  GLY B C   1 
ATOM   871  O  O   . GLY A 1 133 ? -6.133  3.629   3.721   1.00 15.68 ? 148  GLY B O   1 
ATOM   872  N  N   . ARG A 1 134 ? -4.330  3.985   5.029   1.00 13.56 ? 149  ARG B N   1 
ATOM   873  C  CA  . ARG A 1 134 ? -3.566  4.673   3.986   1.00 14.84 ? 149  ARG B CA  1 
ATOM   874  C  C   . ARG A 1 134 ? -2.268  3.971   3.627   1.00 13.49 ? 149  ARG B C   1 
ATOM   875  O  O   . ARG A 1 134 ? -1.421  4.539   2.930   1.00 13.78 ? 149  ARG B O   1 
ATOM   876  C  CB  . ARG A 1 134 ? -3.274  6.121   4.390   1.00 15.13 ? 149  ARG B CB  1 
ATOM   877  C  CG  . ARG A 1 134 ? -4.465  7.021   4.195   1.00 15.56 ? 149  ARG B CG  1 
ATOM   878  C  CD  . ARG A 1 134 ? -4.026  8.463   4.044   1.00 21.84 ? 149  ARG B CD  1 
ATOM   879  N  NE  . ARG A 1 134 ? -3.794  9.097   5.329   1.00 22.77 ? 149  ARG B NE  1 
ATOM   880  C  CZ  . ARG A 1 134 ? -2.704  9.783   5.667   1.00 18.61 ? 149  ARG B CZ  1 
ATOM   881  N  NH1 . ARG A 1 134 ? -1.690  9.934   4.827   1.00 20.14 ? 149  ARG B NH1 1 
ATOM   882  N  NH2 . ARG A 1 134 ? -2.633  10.330  6.867   1.00 16.19 ? 149  ARG B NH2 1 
ATOM   883  N  N   . ALA A 1 135 ? -2.103  2.742   4.102   1.00 13.21 ? 150  ALA B N   1 
ATOM   884  C  CA  . ALA A 1 135 ? -0.922  1.960   3.760   1.00 14.19 ? 150  ALA B CA  1 
ATOM   885  C  C   . ALA A 1 135 ? -1.292  0.502   3.539   1.00 14.73 ? 150  ALA B C   1 
ATOM   886  O  O   . ALA A 1 135 ? -2.121  -0.051  4.258   1.00 15.25 ? 150  ALA B O   1 
ATOM   887  C  CB  . ALA A 1 135 ? 0.143   2.077   4.849   1.00 14.77 ? 150  ALA B CB  1 
ATOM   888  N  N   . VAL A 1 136 ? -0.670  -0.108  2.537   1.00 13.96 ? 151  VAL B N   1 
ATOM   889  C  CA  . VAL A 1 136 ? -0.783  -1.540  2.314   1.00 13.98 ? 151  VAL B CA  1 
ATOM   890  C  C   . VAL A 1 136 ? 0.600   -2.170  2.233   1.00 14.72 ? 151  VAL B C   1 
ATOM   891  O  O   . VAL A 1 136 ? 1.557   -1.538  1.774   1.00 14.61 ? 151  VAL B O   1 
ATOM   892  C  CB  . VAL A 1 136 ? -1.546  -1.846  1.009   1.00 15.88 ? 151  VAL B CB  1 
ATOM   893  C  CG1 . VAL A 1 136 ? -3.032  -1.572  1.184   1.00 16.38 ? 151  VAL B CG1 1 
ATOM   894  C  CG2 . VAL A 1 136 ? -0.962  -1.054  -0.158  1.00 15.89 ? 151  VAL B CG2 1 
ATOM   895  N  N   . ASP A 1 137 ? 0.700   -3.411  2.695   1.00 12.91 ? 152  ASP B N   1 
ATOM   896  C  CA  . ASP A 1 137 ? 1.876   -4.241  2.438   1.00 13.90 ? 152  ASP B CA  1 
ATOM   897  C  C   . ASP A 1 137 ? 1.509   -5.215  1.334   1.00 14.70 ? 152  ASP B C   1 
ATOM   898  O  O   . ASP A 1 137 ? 0.445   -5.833  1.373   1.00 13.89 ? 152  ASP B O   1 
ATOM   899  C  CB  . ASP A 1 137 ? 2.326   -4.983  3.699   1.00 13.31 ? 152  ASP B CB  1 
ATOM   900  C  CG  . ASP A 1 137 ? 2.776   -4.039  4.795   1.00 14.48 ? 152  ASP B CG  1 
ATOM   901  O  OD1 . ASP A 1 137 ? 3.199   -2.905  4.456   1.00 14.30 ? 152  ASP B OD1 1 
ATOM   902  O  OD2 . ASP A 1 137 ? 2.701   -4.421  5.983   1.00 16.26 ? 152  ASP B OD2 1 
ATOM   903  N  N   . ILE A 1 138 ? 2.384   -5.343  0.348   1.00 13.76 ? 153  ILE B N   1 
ATOM   904  C  CA  . ILE A 1 138 ? 2.056   -6.086  -0.857  1.00 14.83 ? 153  ILE B CA  1 
ATOM   905  C  C   . ILE A 1 138 ? 3.113   -7.097  -1.267  1.00 14.40 ? 153  ILE B C   1 
ATOM   906  O  O   . ILE A 1 138 ? 4.306   -6.968  -0.941  1.00 14.89 ? 153  ILE B O   1 
ATOM   907  C  CB  . ILE A 1 138 ? 1.786   -5.145  -2.058  1.00 15.68 ? 153  ILE B CB  1 
ATOM   908  C  CG1 . ILE A 1 138 ? 3.037   -4.325  -2.402  1.00 13.96 ? 153  ILE B CG1 1 
ATOM   909  C  CG2 . ILE A 1 138 ? 0.577   -4.232  -1.790  1.00 15.16 ? 153  ILE B CG2 1 
ATOM   910  C  CD1 . ILE A 1 138 ? 2.904   -3.549  -3.726  1.00 15.67 ? 153  ILE B CD1 1 
ATOM   911  N  N   . THR A 1 139 ? 2.647   -8.105  -1.999  1.00 15.55 ? 154  THR B N   1 
ATOM   912  C  CA  . THR A 1 139 ? 3.509   -9.074  -2.660  1.00 14.88 ? 154  THR B CA  1 
ATOM   913  C  C   . THR A 1 139 ? 2.886   -9.378  -4.016  1.00 16.11 ? 154  THR B C   1 
ATOM   914  O  O   . THR A 1 139 ? 1.845   -8.825  -4.378  1.00 15.27 ? 154  THR B O   1 
ATOM   915  C  CB  . THR A 1 139 ? 3.574   -10.405 -1.876  1.00 15.73 ? 154  THR B CB  1 
ATOM   916  O  OG1 . THR A 1 139 ? 2.322   -11.091 -1.996  1.00 15.97 ? 154  THR B OG1 1 
ATOM   917  C  CG2 . THR A 1 139 ? 3.881   -10.159 -0.403  1.00 15.17 ? 154  THR B CG2 1 
ATOM   918  N  N   . THR A 1 140 ? 3.518   -10.274 -4.765  1.00 16.83 ? 155  THR B N   1 
ATOM   919  C  CA  . THR A 1 140 ? 2.876   -10.857 -5.928  1.00 15.45 ? 155  THR B CA  1 
ATOM   920  C  C   . THR A 1 140 ? 2.152   -12.113 -5.451  1.00 16.74 ? 155  THR B C   1 
ATOM   921  O  O   . THR A 1 140 ? 2.484   -12.660 -4.401  1.00 17.55 ? 155  THR B O   1 
ATOM   922  C  CB  . THR A 1 140 ? 3.906   -11.202 -7.002  1.00 15.85 ? 155  THR B CB  1 
ATOM   923  O  OG1 . THR A 1 140 ? 4.987   -11.924 -6.396  1.00 17.01 ? 155  THR B OG1 1 
ATOM   924  C  CG2 . THR A 1 140 ? 4.452   -9.927  -7.640  1.00 17.51 ? 155  THR B CG2 1 
ATOM   925  N  N   . SER A 1 141 ? 1.164   -12.566 -6.217  1.00 15.55 ? 156  SER B N   1 
ATOM   926  C  CA  . SER A 1 141 ? 0.321   -13.687 -5.797  1.00 17.30 ? 156  SER B CA  1 
ATOM   927  C  C   . SER A 1 141 ? 1.091   -14.999 -5.702  1.00 17.52 ? 156  SER B C   1 
ATOM   928  O  O   . SER A 1 141 ? 0.686   -15.911 -4.974  1.00 19.55 ? 156  SER B O   1 
ATOM   929  C  CB  . SER A 1 141 ? -0.853  -13.850 -6.758  1.00 17.22 ? 156  SER B CB  1 
ATOM   930  O  OG  . SER A 1 141 ? -0.386  -14.053 -8.081  1.00 18.31 ? 156  SER B OG  1 
ATOM   931  N  N   . ASP A 1 142 ? 2.192   -15.097 -6.440  1.00 17.47 ? 157  ASP B N   1 
ATOM   932  C  CA  . ASP A 1 142 ? 3.022   -16.301 -6.402  1.00 18.56 ? 157  ASP B CA  1 
ATOM   933  C  C   . ASP A 1 142 ? 4.045   -16.299 -5.260  1.00 18.36 ? 157  ASP B C   1 
ATOM   934  O  O   . ASP A 1 142 ? 4.789   -17.268 -5.078  1.00 19.39 ? 157  ASP B O   1 
ATOM   935  C  CB  . ASP A 1 142 ? 3.703   -16.548 -7.755  1.00 18.02 ? 157  ASP B CB  1 
ATOM   936  C  CG  . ASP A 1 142 ? 4.668   -15.439 -8.153  1.00 20.27 ? 157  ASP B CG  1 
ATOM   937  O  OD1 . ASP A 1 142 ? 4.819   -14.453 -7.399  1.00 18.49 ? 157  ASP B OD1 1 
ATOM   938  O  OD2 . ASP A 1 142 ? 5.285   -15.565 -9.231  1.00 20.04 ? 157  ASP B OD2 1 
ATOM   939  N  N   . ARG A 1 143 ? 4.072   -15.218 -4.486  1.00 17.75 ? 158  ARG B N   1 
ATOM   940  C  CA  . ARG A 1 143 ? 4.998   -15.101 -3.362  1.00 18.86 ? 158  ARG B CA  1 
ATOM   941  C  C   . ARG A 1 143 ? 6.462   -15.303 -3.779  1.00 17.86 ? 158  ARG B C   1 
ATOM   942  O  O   . ARG A 1 143 ? 7.287   -15.780 -2.998  1.00 20.16 ? 158  ARG B O   1 
ATOM   943  C  CB  . ARG A 1 143 ? 4.597   -16.047 -2.219  1.00 19.32 ? 158  ARG B CB  1 
ATOM   944  C  CG  . ARG A 1 143 ? 3.188   -15.800 -1.685  1.00 19.65 ? 158  ARG B CG  1 
ATOM   945  C  CD  . ARG A 1 143 ? 2.862   -16.705 -0.496  1.00 22.50 ? 158  ARG B CD  1 
ATOM   946  N  NE  . ARG A 1 143 ? 3.724   -16.438 0.654   1.00 23.63 ? 158  ARG B NE  1 
ATOM   947  C  CZ  . ARG A 1 143 ? 4.606   -17.303 1.147   1.00 26.77 ? 158  ARG B CZ  1 
ATOM   948  N  NH1 . ARG A 1 143 ? 4.736   -18.505 0.600   1.00 28.01 ? 158  ARG B NH1 1 
ATOM   949  N  NH2 . ARG A 1 143 ? 5.353   -16.972 2.195   1.00 28.72 ? 158  ARG B NH2 1 
ATOM   950  N  N   . ASP A 1 144 ? 6.785   -14.922 -5.012  1.00 16.66 ? 159  ASP B N   1 
ATOM   951  C  CA  . ASP A 1 144 ? 8.162   -14.976 -5.485  1.00 17.67 ? 159  ASP B CA  1 
ATOM   952  C  C   . ASP A 1 144 ? 8.923   -13.750 -4.999  1.00 18.31 ? 159  ASP B C   1 
ATOM   953  O  O   . ASP A 1 144 ? 8.807   -12.670 -5.582  1.00 17.85 ? 159  ASP B O   1 
ATOM   954  C  CB  . ASP A 1 144 ? 8.204   -15.048 -7.015  1.00 19.66 ? 159  ASP B CB  1 
ATOM   955  C  CG  . ASP A 1 144 ? 9.623   -15.069 -7.562  1.00 18.57 ? 159  ASP B CG  1 
ATOM   956  O  OD1 . ASP A 1 144 ? 10.575  -15.179 -6.763  1.00 20.21 ? 159  ASP B OD1 1 
ATOM   957  O  OD2 . ASP A 1 144 ? 9.787   -14.972 -8.796  1.00 20.63 ? 159  ASP B OD2 1 
ATOM   958  N  N   . ARG A 1 145 ? 9.700   -13.920 -3.933  1.00 17.38 ? 160  ARG B N   1 
ATOM   959  C  CA  . ARG A 1 145 ? 10.395  -12.794 -3.314  1.00 18.31 ? 160  ARG B CA  1 
ATOM   960  C  C   . ARG A 1 145 ? 11.363  -12.098 -4.266  1.00 17.93 ? 160  ARG B C   1 
ATOM   961  O  O   . ARG A 1 145 ? 11.704  -10.930 -4.071  1.00 18.88 ? 160  ARG B O   1 
ATOM   962  C  CB  . ARG A 1 145 ? 11.099  -13.231 -2.029  1.00 18.98 ? 160  ARG B CB  1 
ATOM   963  C  CG  . ARG A 1 145 ? 10.141  -13.591 -0.910  1.00 19.65 ? 160  ARG B CG  1 
ATOM   964  C  CD  . ARG A 1 145 ? 10.870  -13.864 0.395   1.00 20.94 ? 160  ARG B CD  1 
ATOM   965  N  NE  . ARG A 1 145 ? 11.734  -15.041 0.311   1.00 23.28 ? 160  ARG B NE  1 
ATOM   966  C  CZ  . ARG A 1 145 ? 11.303  -16.292 0.445   1.00 23.96 ? 160  ARG B CZ  1 
ATOM   967  N  NH1 . ARG A 1 145 ? 10.015  -16.535 0.658   1.00 27.02 ? 160  ARG B NH1 1 
ATOM   968  N  NH2 . ARG A 1 145 ? 12.159  -17.302 0.357   1.00 27.25 ? 160  ARG B NH2 1 
ATOM   969  N  N   . ASN A 1 146 ? 11.790  -12.803 -5.309  1.00 18.14 ? 161  ASN B N   1 
ATOM   970  C  CA  . ASN A 1 146 ? 12.657  -12.201 -6.313  1.00 17.44 ? 161  ASN B CA  1 
ATOM   971  C  C   . ASN A 1 146 ? 11.982  -11.089 -7.113  1.00 17.90 ? 161  ASN B C   1 
ATOM   972  O  O   . ASN A 1 146 ? 12.658  -10.280 -7.746  1.00 19.05 ? 161  ASN B O   1 
ATOM   973  C  CB  . ASN A 1 146 ? 13.176  -13.264 -7.278  1.00 21.02 ? 161  ASN B CB  1 
ATOM   974  C  CG  . ASN A 1 146 ? 14.134  -14.230 -6.619  1.00 26.25 ? 161  ASN B CG  1 
ATOM   975  O  OD1 . ASN A 1 146 ? 14.982  -13.837 -5.822  1.00 29.97 ? 161  ASN B OD1 1 
ATOM   976  N  ND2 . ASN A 1 146 ? 14.007  -15.507 -6.956  1.00 31.40 ? 161  ASN B ND2 1 
ATOM   977  N  N   . LYS A 1 147 ? 10.650  -11.054 -7.088  1.00 16.54 ? 162  LYS B N   1 
ATOM   978  C  CA  . LYS A 1 147 ? 9.889   -10.070 -7.855  1.00 16.04 ? 162  LYS B CA  1 
ATOM   979  C  C   . LYS A 1 147 ? 9.678   -8.744  -7.117  1.00 15.43 ? 162  LYS B C   1 
ATOM   980  O  O   . LYS A 1 147 ? 9.197   -7.779  -7.718  1.00 14.90 ? 162  LYS B O   1 
ATOM   981  C  CB  . LYS A 1 147 ? 8.513   -10.634 -8.232  1.00 17.08 ? 162  LYS B CB  1 
ATOM   982  C  CG  . LYS A 1 147 ? 8.544   -11.746 -9.285  1.00 15.39 ? 162  LYS B CG  1 
ATOM   983  C  CD  . LYS A 1 147 ? 7.132   -12.201 -9.672  1.00 15.49 ? 162  LYS B CD  1 
ATOM   984  C  CE  . LYS A 1 147 ? 7.157   -13.203 -10.823 1.00 20.00 ? 162  LYS B CE  1 
ATOM   985  N  NZ  . LYS A 1 147 ? 7.537   -14.573 -10.382 1.00 19.75 ? 162  LYS B NZ  1 
ATOM   986  N  N   . TYR A 1 148 ? 10.024  -8.687  -5.832  1.00 15.90 ? 163  TYR B N   1 
ATOM   987  C  CA  . TYR A 1 148 ? 9.526   -7.590  -4.988  1.00 13.00 ? 163  TYR B CA  1 
ATOM   988  C  C   . TYR A 1 148 ? 10.198  -6.242  -5.256  1.00 13.94 ? 163  TYR B C   1 
ATOM   989  O  O   . TYR A 1 148 ? 9.565   -5.196  -5.120  1.00 14.97 ? 163  TYR B O   1 
ATOM   990  C  CB  . TYR A 1 148 ? 9.555   -7.942  -3.491  1.00 15.40 ? 163  TYR B CB  1 
ATOM   991  C  CG  . TYR A 1 148 ? 8.666   -9.115  -3.114  1.00 15.47 ? 163  TYR B CG  1 
ATOM   992  C  CD1 . TYR A 1 148 ? 7.820   -9.711  -4.050  1.00 15.45 ? 163  TYR B CD1 1 
ATOM   993  C  CD2 . TYR A 1 148 ? 8.660   -9.613  -1.816  1.00 17.02 ? 163  TYR B CD2 1 
ATOM   994  C  CE1 . TYR A 1 148 ? 7.003   -10.784 -3.705  1.00 16.12 ? 163  TYR B CE1 1 
ATOM   995  C  CE2 . TYR A 1 148 ? 7.854   -10.689 -1.463  1.00 16.59 ? 163  TYR B CE2 1 
ATOM   996  C  CZ  . TYR A 1 148 ? 7.027   -11.268 -2.408  1.00 14.96 ? 163  TYR B CZ  1 
ATOM   997  O  OH  . TYR A 1 148 ? 6.221   -12.337 -2.047  1.00 18.15 ? 163  TYR B OH  1 
ATOM   998  N  N   . GLY A 1 149 ? 11.470  -6.260  -5.642  1.00 13.80 ? 164  GLY B N   1 
ATOM   999  C  CA  . GLY A 1 149 ? 12.146  -5.023  -6.001  1.00 15.18 ? 164  GLY B CA  1 
ATOM   1000 C  C   . GLY A 1 149 ? 11.439  -4.354  -7.171  1.00 13.94 ? 164  GLY B C   1 
ATOM   1001 O  O   . GLY A 1 149 ? 11.204  -3.138  -7.181  1.00 14.99 ? 164  GLY B O   1 
ATOM   1002 N  N   . LEU A 1 150 ? 11.095  -5.154  -8.173  1.00 15.04 ? 165  LEU B N   1 
ATOM   1003 C  CA  . LEU A 1 150 ? 10.381  -4.633  -9.331  1.00 14.94 ? 165  LEU B CA  1 
ATOM   1004 C  C   . LEU A 1 150 ? 8.935   -4.252  -8.981  1.00 15.38 ? 165  LEU B C   1 
ATOM   1005 O  O   . LEU A 1 150 ? 8.415   -3.245  -9.461  1.00 14.88 ? 165  LEU B O   1 
ATOM   1006 C  CB  . LEU A 1 150 ? 10.440  -5.639  -10.480 1.00 16.28 ? 165  LEU B CB  1 
ATOM   1007 C  CG  . LEU A 1 150 ? 9.717   -5.245  -11.763 1.00 17.58 ? 165  LEU B CG  1 
ATOM   1008 C  CD1 . LEU A 1 150 ? 10.138  -3.850  -12.209 1.00 16.43 ? 165  LEU B CD1 1 
ATOM   1009 C  CD2 . LEU A 1 150 ? 10.012  -6.276  -12.841 1.00 17.56 ? 165  LEU B CD2 1 
ATOM   1010 N  N   . LEU A 1 151 ? 8.298   -5.050  -8.127  1.00 14.03 ? 166  LEU B N   1 
ATOM   1011 C  CA  . LEU A 1 151 ? 6.966   -4.727  -7.625  1.00 13.88 ? 166  LEU B CA  1 
ATOM   1012 C  C   . LEU A 1 151 ? 6.972   -3.344  -6.982  1.00 13.91 ? 166  LEU B C   1 
ATOM   1013 O  O   . LEU A 1 151 ? 6.051   -2.550  -7.184  1.00 14.03 ? 166  LEU B O   1 
ATOM   1014 C  CB  . LEU A 1 151 ? 6.514   -5.776  -6.602  1.00 13.58 ? 166  LEU B CB  1 
ATOM   1015 C  CG  . LEU A 1 151 ? 5.138   -5.558  -5.960  1.00 13.19 ? 166  LEU B CG  1 
ATOM   1016 C  CD1 . LEU A 1 151 ? 4.020   -5.568  -7.011  1.00 14.37 ? 166  LEU B CD1 1 
ATOM   1017 C  CD2 . LEU A 1 151 ? 4.897   -6.599  -4.865  1.00 15.48 ? 166  LEU B CD2 1 
ATOM   1018 N  N   . ALA A 1 152 ? 8.014   -3.061  -6.205  1.00 14.61 ? 167  ALA B N   1 
ATOM   1019 C  CA  . ALA A 1 152 ? 8.158   -1.746  -5.588  1.00 15.54 ? 167  ALA B CA  1 
ATOM   1020 C  C   . ALA A 1 152 ? 8.238   -0.639  -6.647  1.00 14.06 ? 167  ALA B C   1 
ATOM   1021 O  O   . ALA A 1 152 ? 7.592   0.394   -6.517  1.00 14.62 ? 167  ALA B O   1 
ATOM   1022 C  CB  . ALA A 1 152 ? 9.380   -1.709  -4.666  1.00 14.78 ? 167  ALA B CB  1 
ATOM   1023 N  N   . ARG A 1 153 ? 9.024   -0.861  -7.697  1.00 15.71 ? 168  ARG B N   1 
ATOM   1024 C  CA  . ARG A 1 153 ? 9.121   0.115   -8.779  1.00 16.96 ? 168  ARG B CA  1 
ATOM   1025 C  C   . ARG A 1 153 ? 7.758   0.328   -9.458  1.00 15.83 ? 168  ARG B C   1 
ATOM   1026 O  O   . ARG A 1 153 ? 7.376   1.459   -9.764  1.00 15.26 ? 168  ARG B O   1 
ATOM   1027 C  CB  . ARG A 1 153 ? 10.198  -0.310  -9.781  1.00 16.10 ? 168  ARG B CB  1 
ATOM   1028 C  CG  . ARG A 1 153 ? 10.257  0.510   -11.073 1.00 16.80 ? 168  ARG B CG  1 
ATOM   1029 C  CD  . ARG A 1 153 ? 10.363  2.002   -10.811 1.00 18.15 ? 168  ARG B CD  1 
ATOM   1030 N  NE  . ARG A 1 153 ? 11.598  2.376   -10.131 1.00 18.98 ? 168  ARG B NE  1 
ATOM   1031 C  CZ  . ARG A 1 153 ? 11.804  3.573   -9.590  1.00 19.98 ? 168  ARG B CZ  1 
ATOM   1032 N  NH1 . ARG A 1 153 ? 10.854  4.495   -9.644  1.00 23.62 ? 168  ARG B NH1 1 
ATOM   1033 N  NH2 . ARG A 1 153 ? 12.952  3.842   -8.986  1.00 23.74 ? 168  ARG B NH2 1 
ATOM   1034 N  N   . LEU A 1 154 ? 7.018   -0.755  -9.675  1.00 13.98 ? 169  LEU B N   1 
ATOM   1035 C  CA  . LEU A 1 154 ? 5.685   -0.640  -10.259 1.00 15.27 ? 169  LEU B CA  1 
ATOM   1036 C  C   . LEU A 1 154 ? 4.764   0.190   -9.369  1.00 14.26 ? 169  LEU B C   1 
ATOM   1037 O  O   . LEU A 1 154 ? 3.950   0.964   -9.861  1.00 16.21 ? 169  LEU B O   1 
ATOM   1038 C  CB  . LEU A 1 154 ? 5.066   -2.018  -10.488 1.00 15.13 ? 169  LEU B CB  1 
ATOM   1039 C  CG  . LEU A 1 154 ? 5.792   -2.959  -11.446 1.00 17.31 ? 169  LEU B CG  1 
ATOM   1040 C  CD1 . LEU A 1 154 ? 5.016   -4.251  -11.561 1.00 17.75 ? 169  LEU B CD1 1 
ATOM   1041 C  CD2 . LEU A 1 154 ? 5.986   -2.312  -12.815 1.00 18.62 ? 169  LEU B CD2 1 
ATOM   1042 N  N   . ALA A 1 155 ? 4.897   0.033   -8.057  1.00 14.02 ? 170  ALA B N   1 
ATOM   1043 C  CA  . ALA A 1 155 ? 4.060   0.788   -7.134  1.00 13.95 ? 170  ALA B CA  1 
ATOM   1044 C  C   . ALA A 1 155 ? 4.363   2.287   -7.206  1.00 14.21 ? 170  ALA B C   1 
ATOM   1045 O  O   . ALA A 1 155 ? 3.460   3.119   -7.084  1.00 15.20 ? 170  ALA B O   1 
ATOM   1046 C  CB  . ALA A 1 155 ? 4.214   0.268   -5.707  1.00 14.87 ? 170  ALA B CB  1 
ATOM   1047 N  N   . VAL A 1 156 ? 5.631   2.628   -7.413  1.00 14.63 ? 171  VAL B N   1 
ATOM   1048 C  CA  . VAL A 1 156 ? 6.007   4.022   -7.641  1.00 14.00 ? 171  VAL B CA  1 
ATOM   1049 C  C   . VAL A 1 156 ? 5.356   4.538   -8.925  1.00 15.34 ? 171  VAL B C   1 
ATOM   1050 O  O   . VAL A 1 156 ? 4.730   5.603   -8.933  1.00 17.00 ? 171  VAL B O   1 
ATOM   1051 C  CB  . VAL A 1 156 ? 7.540   4.202   -7.732  1.00 15.85 ? 171  VAL B CB  1 
ATOM   1052 C  CG1 . VAL A 1 156 ? 7.877   5.644   -8.120  1.00 16.24 ? 171  VAL B CG1 1 
ATOM   1053 C  CG2 . VAL A 1 156 ? 8.207   3.821   -6.407  1.00 16.91 ? 171  VAL B CG2 1 
ATOM   1054 N  N   . GLU A 1 157 ? 5.490   3.774   -10.004 1.00 16.71 ? 172  GLU B N   1 
ATOM   1055 C  CA  . GLU A 1 157 ? 4.927   4.190   -11.287 1.00 17.33 ? 172  GLU B CA  1 
ATOM   1056 C  C   . GLU A 1 157 ? 3.396   4.279   -11.246 1.00 19.41 ? 172  GLU B C   1 
ATOM   1057 O  O   . GLU A 1 157 ? 2.798   5.051   -11.996 1.00 18.94 ? 172  GLU B O   1 
ATOM   1058 C  CB  . GLU A 1 157 ? 5.389   3.250   -12.403 1.00 18.85 ? 172  GLU B CB  1 
ATOM   1059 C  CG  . GLU A 1 157 ? 6.907   3.151   -12.530 1.00 20.96 ? 172  GLU B CG  1 
ATOM   1060 C  CD  . GLU A 1 157 ? 7.563   4.490   -12.797 1.00 26.78 ? 172  GLU B CD  1 
ATOM   1061 O  OE1 . GLU A 1 157 ? 8.536   4.833   -12.088 1.00 29.33 ? 172  GLU B OE1 1 
ATOM   1062 O  OE2 . GLU A 1 157 ? 7.101   5.201   -13.712 1.00 34.12 ? 172  GLU B OE2 1 
ATOM   1063 N  N   . ALA A 1 158 ? 2.774   3.504   -10.356 1.00 16.33 ? 173  ALA B N   1 
ATOM   1064 C  CA  . ALA A 1 158 ? 1.316   3.505   -10.190 1.00 16.80 ? 173  ALA B CA  1 
ATOM   1065 C  C   . ALA A 1 158 ? 0.827   4.720   -9.402  1.00 16.33 ? 173  ALA B C   1 
ATOM   1066 O  O   . ALA A 1 158 ? -0.378  4.940   -9.269  1.00 18.95 ? 173  ALA B O   1 
ATOM   1067 C  CB  . ALA A 1 158 ? 0.861   2.229   -9.502  1.00 16.74 ? 173  ALA B CB  1 
ATOM   1068 N  N   . GLY A 1 159 ? 1.761   5.489   -8.852  1.00 17.21 ? 174  GLY B N   1 
ATOM   1069 C  CA  . GLY A 1 159 ? 1.413   6.727   -8.183  1.00 16.45 ? 174  GLY B CA  1 
ATOM   1070 C  C   . GLY A 1 159 ? 1.241   6.660   -6.680  1.00 16.06 ? 174  GLY B C   1 
ATOM   1071 O  O   . GLY A 1 159 ? 0.694   7.587   -6.077  1.00 16.62 ? 174  GLY B O   1 
ATOM   1072 N  N   . PHE A 1 160 ? 1.694   5.582   -6.049  1.00 15.01 ? 175  PHE B N   1 
ATOM   1073 C  CA  . PHE A 1 160 ? 1.715   5.584   -4.588  1.00 14.47 ? 175  PHE B CA  1 
ATOM   1074 C  C   . PHE A 1 160 ? 2.611   6.721   -4.118  1.00 14.14 ? 175  PHE B C   1 
ATOM   1075 O  O   . PHE A 1 160 ? 3.645   6.996   -4.726  1.00 15.82 ? 175  PHE B O   1 
ATOM   1076 C  CB  . PHE A 1 160 ? 2.166   4.236   -4.024  1.00 14.04 ? 175  PHE B CB  1 
ATOM   1077 C  CG  . PHE A 1 160 ? 1.044   3.257   -3.871  1.00 14.59 ? 175  PHE B CG  1 
ATOM   1078 C  CD1 . PHE A 1 160 ? 0.181   3.345   -2.791  1.00 13.92 ? 175  PHE B CD1 1 
ATOM   1079 C  CD2 . PHE A 1 160 ? 0.826   2.274   -4.823  1.00 14.37 ? 175  PHE B CD2 1 
ATOM   1080 C  CE1 . PHE A 1 160 ? -0.875  2.455   -2.648  1.00 14.56 ? 175  PHE B CE1 1 
ATOM   1081 C  CE2 . PHE A 1 160 ? -0.229  1.384   -4.689  1.00 14.71 ? 175  PHE B CE2 1 
ATOM   1082 C  CZ  . PHE A 1 160 ? -1.075  1.470   -3.598  1.00 15.94 ? 175  PHE B CZ  1 
ATOM   1083 N  N   . ASP A 1 161 ? 2.205   7.398   -3.050  1.00 14.96 ? 176  ASP B N   1 
ATOM   1084 C  CA  . ASP A 1 161 ? 2.937   8.580   -2.589  1.00 13.90 ? 176  ASP B CA  1 
ATOM   1085 C  C   . ASP A 1 161 ? 4.227   8.247   -1.855  1.00 15.07 ? 176  ASP B C   1 
ATOM   1086 O  O   . ASP A 1 161 ? 5.139   9.071   -1.792  1.00 14.73 ? 176  ASP B O   1 
ATOM   1087 C  CB  . ASP A 1 161 ? 2.031   9.470   -1.750  1.00 16.34 ? 176  ASP B CB  1 
ATOM   1088 C  CG  . ASP A 1 161 ? 0.846   9.958   -2.540  1.00 17.49 ? 176  ASP B CG  1 
ATOM   1089 O  OD1 . ASP A 1 161 ? 1.062   10.628  -3.573  1.00 20.10 ? 176  ASP B OD1 1 
ATOM   1090 O  OD2 . ASP A 1 161 ? -0.294  9.649   -2.152  1.00 16.63 ? 176  ASP B OD2 1 
ATOM   1091 N  N   . TRP A 1 162 ? 4.310   7.032   -1.322  1.00 14.31 ? 177  TRP B N   1 
ATOM   1092 C  CA  . TRP A 1 162 ? 5.550   6.550   -0.735  1.00 12.88 ? 177  TRP B CA  1 
ATOM   1093 C  C   . TRP A 1 162 ? 5.602   5.050   -0.908  1.00 12.81 ? 177  TRP B C   1 
ATOM   1094 O  O   . TRP A 1 162 ? 4.601   4.362   -0.714  1.00 13.63 ? 177  TRP B O   1 
ATOM   1095 C  CB  . TRP A 1 162 ? 5.632   6.918   0.748   1.00 13.83 ? 177  TRP B CB  1 
ATOM   1096 C  CG  . TRP A 1 162 ? 7.027   6.894   1.356   1.00 14.69 ? 177  TRP B CG  1 
ATOM   1097 C  CD1 . TRP A 1 162 ? 8.068   7.738   1.068   1.00 14.84 ? 177  TRP B CD1 1 
ATOM   1098 C  CD2 . TRP A 1 162 ? 7.502   6.011   2.379   1.00 13.90 ? 177  TRP B CD2 1 
ATOM   1099 N  NE1 . TRP A 1 162 ? 9.163   7.425   1.839   1.00 14.58 ? 177  TRP B NE1 1 
ATOM   1100 C  CE2 . TRP A 1 162 ? 8.843   6.372   2.658   1.00 14.73 ? 177  TRP B CE2 1 
ATOM   1101 C  CE3 . TRP A 1 162 ? 6.927   4.947   3.087   1.00 15.59 ? 177  TRP B CE3 1 
ATOM   1102 C  CZ2 . TRP A 1 162 ? 9.613   5.707   3.614   1.00 14.33 ? 177  TRP B CZ2 1 
ATOM   1103 C  CZ3 . TRP A 1 162 ? 7.693   4.293   4.042   1.00 14.75 ? 177  TRP B CZ3 1 
ATOM   1104 C  CH2 . TRP A 1 162 ? 9.022   4.676   4.296   1.00 13.47 ? 177  TRP B CH2 1 
ATOM   1105 N  N   . VAL A 1 163 ? 6.769   4.550   -1.285  1.00 13.59 ? 178  VAL B N   1 
ATOM   1106 C  CA  . VAL A 1 163 ? 6.966   3.123   -1.477  1.00 13.91 ? 178  VAL B CA  1 
ATOM   1107 C  C   . VAL A 1 163 ? 8.282   2.743   -0.808  1.00 13.35 ? 178  VAL B C   1 
ATOM   1108 O  O   . VAL A 1 163 ? 9.291   3.432   -0.969  1.00 13.93 ? 178  VAL B O   1 
ATOM   1109 C  CB  . VAL A 1 163 ? 7.017   2.771   -2.975  1.00 14.22 ? 178  VAL B CB  1 
ATOM   1110 C  CG1 . VAL A 1 163 ? 7.309   1.293   -3.172  1.00 13.93 ? 178  VAL B CG1 1 
ATOM   1111 C  CG2 . VAL A 1 163 ? 5.701   3.142   -3.651  1.00 13.75 ? 178  VAL B CG2 1 
ATOM   1112 N  N   . TYR A 1 164 ? 8.265   1.657   -0.047  1.00 14.02 ? 179  TYR B N   1 
ATOM   1113 C  CA  . TYR A 1 164 ? 9.400   1.277   0.773   1.00 14.08 ? 179  TYR B CA  1 
ATOM   1114 C  C   . TYR A 1 164 ? 9.551   -0.237  0.718   1.00 14.44 ? 179  TYR B C   1 
ATOM   1115 O  O   . TYR A 1 164 ? 8.639   -0.974  1.090   1.00 13.64 ? 179  TYR B O   1 
ATOM   1116 C  CB  . TYR A 1 164 ? 9.147   1.782   2.198   1.00 14.90 ? 179  TYR B CB  1 
ATOM   1117 C  CG  . TYR A 1 164 ? 10.108  1.344   3.281   1.00 14.18 ? 179  TYR B CG  1 
ATOM   1118 C  CD1 . TYR A 1 164 ? 11.471  1.185   3.036   1.00 15.31 ? 179  TYR B CD1 1 
ATOM   1119 C  CD2 . TYR A 1 164 ? 9.643   1.143   4.575   1.00 16.73 ? 179  TYR B CD2 1 
ATOM   1120 C  CE1 . TYR A 1 164 ? 12.333  0.798   4.055   1.00 15.36 ? 179  TYR B CE1 1 
ATOM   1121 C  CE2 . TYR A 1 164 ? 10.488  0.771   5.587   1.00 16.67 ? 179  TYR B CE2 1 
ATOM   1122 C  CZ  . TYR A 1 164 ? 11.827  0.598   5.329   1.00 17.27 ? 179  TYR B CZ  1 
ATOM   1123 O  OH  . TYR A 1 164 ? 12.650  0.214   6.364   1.00 23.37 ? 179  TYR B OH  1 
ATOM   1124 N  N   . TYR A 1 165 ? 10.678  -0.698  0.199   1.00 14.62 ? 180  TYR B N   1 
ATOM   1125 C  CA  . TYR A 1 165 ? 10.960  -2.127  0.112   1.00 14.13 ? 180  TYR B CA  1 
ATOM   1126 C  C   . TYR A 1 165 ? 11.394  -2.571  1.514   1.00 15.77 ? 180  TYR B C   1 
ATOM   1127 O  O   . TYR A 1 165 ? 12.581  -2.771  1.800   1.00 15.29 ? 180  TYR B O   1 
ATOM   1128 C  CB  . TYR A 1 165 ? 12.044  -2.349  -0.949  1.00 15.13 ? 180  TYR B CB  1 
ATOM   1129 C  CG  . TYR A 1 165 ? 12.355  -3.781  -1.334  1.00 14.57 ? 180  TYR B CG  1 
ATOM   1130 C  CD1 . TYR A 1 165 ? 11.846  -4.862  -0.618  1.00 14.93 ? 180  TYR B CD1 1 
ATOM   1131 C  CD2 . TYR A 1 165 ? 13.205  -4.047  -2.401  1.00 14.79 ? 180  TYR B CD2 1 
ATOM   1132 C  CE1 . TYR A 1 165 ? 12.173  -6.172  -0.978  1.00 16.81 ? 180  TYR B CE1 1 
ATOM   1133 C  CE2 . TYR A 1 165 ? 13.530  -5.336  -2.768  1.00 15.57 ? 180  TYR B CE2 1 
ATOM   1134 C  CZ  . TYR A 1 165 ? 13.018  -6.394  -2.056  1.00 16.47 ? 180  TYR B CZ  1 
ATOM   1135 O  OH  . TYR A 1 165 ? 13.373  -7.674  -2.431  1.00 18.52 ? 180  TYR B OH  1 
ATOM   1136 N  N   . GLU A 1 166 ? 10.400  -2.702  2.392   1.00 14.62 ? 181  GLU B N   1 
ATOM   1137 C  CA  . GLU A 1 166 ? 10.618  -2.790  3.836   1.00 14.70 ? 181  GLU B CA  1 
ATOM   1138 C  C   . GLU A 1 166 ? 11.180  -4.118  4.351   1.00 16.17 ? 181  GLU B C   1 
ATOM   1139 O  O   . GLU A 1 166 ? 11.972  -4.137  5.297   1.00 15.72 ? 181  GLU B O   1 
ATOM   1140 C  CB  . GLU A 1 166 ? 9.315   -2.463  4.572   1.00 15.92 ? 181  GLU B CB  1 
ATOM   1141 C  CG  . GLU A 1 166 ? 9.441   -2.582  6.072   1.00 15.09 ? 181  GLU B CG  1 
ATOM   1142 C  CD  . GLU A 1 166 ? 8.188   -2.172  6.814   1.00 17.16 ? 181  GLU B CD  1 
ATOM   1143 O  OE1 . GLU A 1 166 ? 8.325   -1.720  7.969   1.00 18.45 ? 181  GLU B OE1 1 
ATOM   1144 O  OE2 . GLU A 1 166 ? 7.076   -2.306  6.262   1.00 17.05 ? 181  GLU B OE2 1 
ATOM   1145 N  N   . SER A 1 167 ? 10.756  -5.227  3.762   1.00 15.00 ? 182  SER B N   1 
ATOM   1146 C  CA  . SER A 1 167 ? 11.320  -6.515  4.141   1.00 15.71 ? 182  SER B CA  1 
ATOM   1147 C  C   . SER A 1 167 ? 11.456  -7.397  2.908   1.00 14.63 ? 182  SER B C   1 
ATOM   1148 O  O   . SER A 1 167 ? 10.878  -7.111  1.859   1.00 16.24 ? 182  SER B O   1 
ATOM   1149 C  CB  . SER A 1 167 ? 10.475  -7.214  5.214   1.00 19.83 ? 182  SER B CB  1 
ATOM   1150 O  OG  . SER A 1 167 ? 9.507   -8.086  4.648   1.00 16.89 ? 182  SER B OG  1 
ATOM   1151 N  N   . LYS A 1 168 ? 12.224  -8.475  3.029   1.00 15.95 ? 183  LYS B N   1 
ATOM   1152 C  CA  . LYS A 1 168 ? 12.330  -9.410  1.919   1.00 16.30 ? 183  LYS B CA  1 
ATOM   1153 C  C   . LYS A 1 168 ? 10.970  -10.031 1.588   1.00 16.91 ? 183  LYS B C   1 
ATOM   1154 O  O   . LYS A 1 168 ? 10.789  -10.608 0.513   1.00 18.66 ? 183  LYS B O   1 
ATOM   1155 C  CB  . LYS A 1 168 ? 13.346  -10.510 2.239   1.00 17.50 ? 183  LYS B CB  1 
ATOM   1156 C  CG  . LYS A 1 168 ? 14.777  -10.014 2.386   1.00 18.67 ? 183  LYS B CG  1 
ATOM   1157 C  CD  . LYS A 1 168 ? 15.383  -9.643  1.045   1.00 20.11 ? 183  LYS B CD  1 
ATOM   1158 C  CE  . LYS A 1 168 ? 16.879  -9.404  1.188   1.00 26.00 ? 183  LYS B CE  1 
ATOM   1159 N  NZ  . LYS A 1 168 ? 17.577  -9.453  -0.125  1.00 32.51 ? 183  LYS B NZ  1 
ATOM   1160 N  N   . ALA A 1 169 ? 10.015  -9.900  2.506   1.00 15.98 ? 184  ALA B N   1 
ATOM   1161 C  CA  . ALA A 1 169 ? 8.703   -10.540 2.367   1.00 17.37 ? 184  ALA B CA  1 
ATOM   1162 C  C   . ALA A 1 169 ? 7.572   -9.622  1.908   1.00 16.36 ? 184  ALA B C   1 
ATOM   1163 O  O   . ALA A 1 169 ? 6.466   -10.094 1.665   1.00 15.88 ? 184  ALA B O   1 
ATOM   1164 C  CB  . ALA A 1 169 ? 8.303   -11.206 3.669   1.00 19.37 ? 184  ALA B CB  1 
ATOM   1165 N  N   . HIS A 1 170 ? 7.829   -8.320  1.803   1.00 16.33 ? 185  HIS B N   1 
ATOM   1166 C  CA  . HIS A 1 170 ? 6.778   -7.397  1.371   1.00 15.16 ? 185  HIS B CA  1 
ATOM   1167 C  C   . HIS A 1 170 ? 7.294   -6.013  1.027   1.00 14.01 ? 185  HIS B C   1 
ATOM   1168 O  O   . HIS A 1 170 ? 8.373   -5.616  1.460   1.00 13.98 ? 185  HIS B O   1 
ATOM   1169 C  CB  . HIS A 1 170 ? 5.724   -7.239  2.467   1.00 15.22 ? 185  HIS B CB  1 
ATOM   1170 C  CG  . HIS A 1 170 ? 6.144   -6.319  3.571   1.00 17.73 ? 185  HIS B CG  1 
ATOM   1171 N  ND1 . HIS A 1 170 ? 7.014   -6.701  4.568   1.00 22.25 ? 185  HIS B ND1 1 
ATOM   1172 C  CD2 . HIS A 1 170 ? 5.842   -5.021  3.812   1.00 14.74 ? 185  HIS B CD2 1 
ATOM   1173 C  CE1 . HIS A 1 170 ? 7.210   -5.684  5.393   1.00 19.01 ? 185  HIS B CE1 1 
ATOM   1174 N  NE2 . HIS A 1 170 ? 6.510   -4.653  4.954   1.00 17.08 ? 185  HIS B NE2 1 
ATOM   1175 N  N   . VAL A 1 171 ? 6.488   -5.282  0.264   1.00 13.36 ? 186  VAL B N   1 
ATOM   1176 C  CA  . VAL A 1 171 ? 6.725   -3.868  -0.009  1.00 13.25 ? 186  VAL B CA  1 
ATOM   1177 C  C   . VAL A 1 171 ? 5.629   -3.063  0.693   1.00 13.05 ? 186  VAL B C   1 
ATOM   1178 O  O   . VAL A 1 171 ? 4.455   -3.416  0.615   1.00 13.77 ? 186  VAL B O   1 
ATOM   1179 C  CB  . VAL A 1 171 ? 6.661   -3.573  -1.521  1.00 12.48 ? 186  VAL B CB  1 
ATOM   1180 C  CG1 . VAL A 1 171 ? 6.894   -2.098  -1.785  1.00 15.06 ? 186  VAL B CG1 1 
ATOM   1181 C  CG2 . VAL A 1 171 ? 7.691   -4.417  -2.277  1.00 15.48 ? 186  VAL B CG2 1 
ATOM   1182 N  N   . HIS A 1 172 ? 6.013   -1.992  1.385   1.00 13.09 ? 187  HIS B N   1 
ATOM   1183 C  CA  . HIS A 1 172 ? 5.067   -1.111  2.076   1.00 14.07 ? 187  HIS B CA  1 
ATOM   1184 C  C   . HIS A 1 172 ? 4.762   0.093   1.197   1.00 13.35 ? 187  HIS B C   1 
ATOM   1185 O  O   . HIS A 1 172 ? 5.679   0.820   0.802   1.00 14.20 ? 187  HIS B O   1 
ATOM   1186 C  CB  . HIS A 1 172 ? 5.688   -0.647  3.407   1.00 12.76 ? 187  HIS B CB  1 
ATOM   1187 C  CG  . HIS A 1 172 ? 4.938   0.456   4.098   1.00 13.81 ? 187  HIS B CG  1 
ATOM   1188 N  ND1 . HIS A 1 172 ? 4.009   0.222   5.090   1.00 13.11 ? 187  HIS B ND1 1 
ATOM   1189 C  CD2 . HIS A 1 172 ? 4.998   1.801   3.958   1.00 13.13 ? 187  HIS B CD2 1 
ATOM   1190 C  CE1 . HIS A 1 172 ? 3.528   1.371   5.529   1.00 14.84 ? 187  HIS B CE1 1 
ATOM   1191 N  NE2 . HIS A 1 172 ? 4.116   2.347   4.859   1.00 13.95 ? 187  HIS B NE2 1 
ATOM   1192 N  N   . CYS A 1 173 ? 3.487   0.298   0.879   1.00 13.78 ? 188  CYS B N   1 
ATOM   1193 C  CA  . CYS A 1 173 ? 3.068   1.432   0.047   1.00 13.43 ? 188  CYS B CA  1 
ATOM   1194 C  C   . CYS A 1 173 ? 2.041   2.290   0.757   1.00 14.66 ? 188  CYS B C   1 
ATOM   1195 O  O   . CYS A 1 173 ? 1.129   1.769   1.393   1.00 14.53 ? 188  CYS B O   1 
ATOM   1196 C  CB  . CYS A 1 173 ? 2.448   0.934   -1.259  1.00 14.67 ? 188  CYS B CB  1 
ATOM   1197 S  SG  . CYS A 1 173 ? 3.458   -0.252  -2.174  1.00 15.85 ? 188  CYS B SG  1 
ATOM   1198 N  N   . SER A 1 174 ? 2.147   3.605   0.620   1.00 13.29 ? 189  SER B N   1 
ATOM   1199 C  CA  . SER A 1 174 ? 1.178   4.476   1.274   1.00 12.94 ? 189  SER B CA  1 
ATOM   1200 C  C   . SER A 1 174 ? 0.744   5.655   0.409   1.00 14.04 ? 189  SER B C   1 
ATOM   1201 O  O   . SER A 1 174 ? 1.351   5.944   -0.632  1.00 13.68 ? 189  SER B O   1 
ATOM   1202 C  CB  . SER A 1 174 ? 1.699   4.975   2.629   1.00 13.38 ? 189  SER B CB  1 
ATOM   1203 O  OG  . SER A 1 174 ? 2.869   5.757   2.475   1.00 13.93 ? 189  SER B OG  1 
ATOM   1204 N  N   . VAL A 1 175 ? -0.313  6.329   0.850   1.00 14.55 ? 190  VAL B N   1 
ATOM   1205 C  CA  . VAL A 1 175 ? -0.814  7.495   0.138   1.00 14.23 ? 190  VAL B CA  1 
ATOM   1206 C  C   . VAL A 1 175 ? -1.066  8.670   1.077   1.00 13.73 ? 190  VAL B C   1 
ATOM   1207 O  O   . VAL A 1 175 ? -1.256  8.492   2.283   1.00 14.83 ? 190  VAL B O   1 
ATOM   1208 C  CB  . VAL A 1 175 ? -2.134  7.188   -0.617  1.00 14.23 ? 190  VAL B CB  1 
ATOM   1209 C  CG1 . VAL A 1 175 ? -1.912  6.138   -1.692  1.00 15.06 ? 190  VAL B CG1 1 
ATOM   1210 C  CG2 . VAL A 1 175 ? -3.223  6.742   0.344   1.00 14.59 ? 190  VAL B CG2 1 
ATOM   1211 N  N   . LYS A 1 176 ? -1.056  9.867   0.494   1.00 14.93 ? 191  LYS B N   1 
ATOM   1212 C  CA  . LYS A 1 176 ? -1.481  11.083  1.176   1.00 16.76 ? 191  LYS B CA  1 
ATOM   1213 C  C   . LYS A 1 176 ? -2.961  11.024  1.550   1.00 18.86 ? 191  LYS B C   1 
ATOM   1214 O  O   . LYS A 1 176 ? -3.734  10.248  0.984   1.00 17.66 ? 191  LYS B O   1 
ATOM   1215 C  CB  . LYS A 1 176 ? -1.273  12.306  0.269   1.00 18.54 ? 191  LYS B CB  1 
ATOM   1216 C  CG  . LYS A 1 176 ? 0.080   12.415  -0.419  1.00 23.86 ? 191  LYS B CG  1 
ATOM   1217 C  CD  . LYS A 1 176 ? 0.014   13.478  -1.524  1.00 24.46 ? 191  LYS B CD  1 
ATOM   1218 C  CE  . LYS A 1 176 ? 1.251   13.474  -2.410  1.00 28.33 ? 191  LYS B CE  1 
ATOM   1219 N  NZ  . LYS A 1 176 ? 2.441   14.064  -1.743  1.00 27.93 ? 191  LYS B NZ  1 
ATOM   1220 N  N   . SER A 1 177 ? -3.354  11.863  2.500   1.00 16.65 ? 192  SER B N   1 
ATOM   1221 C  CA  . SER A 1 177 ? -4.759  12.048  2.815   1.00 18.59 ? 192  SER B CA  1 
ATOM   1222 C  C   . SER A 1 177 ? -5.334  13.153  1.941   1.00 19.95 ? 192  SER B C   1 
ATOM   1223 O  O   . SER A 1 177 ? -4.612  13.814  1.192   1.00 20.25 ? 192  SER B O   1 
ATOM   1224 C  CB  . SER A 1 177 ? -4.934  12.441  4.284   1.00 18.96 ? 192  SER B CB  1 
ATOM   1225 O  OG  . SER A 1 177 ? -4.642  13.817  4.464   1.00 19.74 ? 192  SER B OG  1 
ATOM   1226 N  N   . GLU A 1 178 ? -6.639  13.365  2.059   1.00 21.90 ? 193  GLU B N   1 
ATOM   1227 C  CA  . GLU A 1 178 ? -7.307  14.454  1.357   1.00 20.87 ? 193  GLU B CA  1 
ATOM   1228 C  C   . GLU A 1 178 ? -7.402  15.702  2.227   1.00 24.67 ? 193  GLU B C   1 
ATOM   1229 O  O   . GLU A 1 178 ? -8.223  16.582  1.962   1.00 25.81 ? 193  GLU B O   1 
ATOM   1230 C  CB  . GLU A 1 178 ? -8.714  14.031  0.939   1.00 23.68 ? 193  GLU B CB  1 
ATOM   1231 C  CG  . GLU A 1 178 ? -8.763  12.711  0.191   1.00 24.69 ? 193  GLU B CG  1 
ATOM   1232 C  CD  . GLU A 1 178 ? -8.058  12.771  -1.155  1.00 27.32 ? 193  GLU B CD  1 
ATOM   1233 O  OE1 . GLU A 1 178 ? -7.774  13.887  -1.645  1.00 30.41 ? 193  GLU B OE1 1 
ATOM   1234 O  OE2 . GLU A 1 178 ? -7.789  11.699  -1.732  1.00 26.52 ? 193  GLU B OE2 1 
ATOM   1235 N  N   . HIS A 1 179 ? -6.559  15.781  3.255   1.00 21.48 ? 194  HIS B N   1 
ATOM   1236 C  CA  . HIS A 1 179 ? -6.683  16.833  4.257   1.00 21.09 ? 194  HIS B CA  1 
ATOM   1237 C  C   . HIS A 1 179 ? -5.439  17.710  4.403   1.00 21.11 ? 194  HIS B C   1 
ATOM   1238 O  O   . HIS A 1 179 ? -5.105  18.149  5.507   1.00 21.39 ? 194  HIS B O   1 
ATOM   1239 C  CB  . HIS A 1 179 ? -7.055  16.212  5.608   1.00 19.32 ? 194  HIS B CB  1 
ATOM   1240 C  CG  . HIS A 1 179 ? -8.204  15.257  5.529   1.00 21.13 ? 194  HIS B CG  1 
ATOM   1241 N  ND1 . HIS A 1 179 ? -9.461  15.648  5.120   1.00 22.00 ? 194  HIS B ND1 1 
ATOM   1242 C  CD2 . HIS A 1 179 ? -8.289  13.932  5.799   1.00 21.09 ? 194  HIS B CD2 1 
ATOM   1243 C  CE1 . HIS A 1 179 ? -10.271 14.603  5.140   1.00 23.10 ? 194  HIS B CE1 1 
ATOM   1244 N  NE2 . HIS A 1 179 ? -9.585  13.551  5.549   1.00 21.34 ? 194  HIS B NE2 1 
ATOM   1245 N  N   . SER A 1 180 ? -4.765  17.989  3.291   1.00 21.54 ? 195  SER B N   1 
ATOM   1246 C  CA  . SER A 1 180 ? -3.572  18.830  3.340   1.00 19.92 ? 195  SER B CA  1 
ATOM   1247 C  C   . SER A 1 180 ? -3.498  19.804  2.170   1.00 20.44 ? 195  SER B C   1 
ATOM   1248 O  O   . SER A 1 180 ? -2.491  20.484  1.988   1.00 21.87 ? 195  SER B O   1 
ATOM   1249 C  CB  . SER A 1 180 ? -2.313  17.956  3.370   1.00 25.01 ? 195  SER B CB  1 
ATOM   1250 O  OG  . SER A 1 180 ? -2.251  17.115  2.227   1.00 27.25 ? 195  SER B OG  1 
ATOM   1251 N  N   . ALA A 1 181 ? -4.561  19.879  1.378   1.00 21.43 ? 196  ALA B N   1 
ATOM   1252 C  CA  . ALA A 1 181 ? -4.491  20.607  0.113   1.00 21.69 ? 196  ALA B CA  1 
ATOM   1253 C  C   . ALA A 1 181 ? -4.626  22.132  0.197   1.00 19.78 ? 196  ALA B C   1 
ATOM   1254 O  O   . ALA A 1 181 ? -4.295  22.827  -0.764  1.00 20.80 ? 196  ALA B O   1 
ATOM   1255 C  CB  . ALA A 1 181 ? -5.484  20.035  -0.889  1.00 25.96 ? 196  ALA B CB  1 
ATOM   1256 N  N   . ALA A 1 182 ? -5.112  22.663  1.317   1.00 20.10 ? 197  ALA B N   1 
ATOM   1257 C  CA  . ALA A 1 182 ? -5.257  24.116  1.428   1.00 17.33 ? 197  ALA B CA  1 
ATOM   1258 C  C   . ALA A 1 182 ? -3.911  24.811  1.222   1.00 17.57 ? 197  ALA B C   1 
ATOM   1259 O  O   . ALA A 1 182 ? -2.878  24.363  1.718   1.00 16.42 ? 197  ALA B O   1 
ATOM   1260 C  CB  . ALA A 1 182 ? -5.866  24.505  2.773   1.00 20.22 ? 197  ALA B CB  1 
HETATM 1261 ZN ZN  . ZN  B 2 .   ? 3.371   -1.587  5.918   1.00 15.42 ? 1001 ZN  B ZN  1 
HETATM 1262 S  S   . SO4 C 3 .   ? 3.447   -13.749 3.012   1.00 30.75 ? 1    SO4 B S   1 
HETATM 1263 O  O1  . SO4 C 3 .   ? 3.703   -13.583 1.584   1.00 24.08 ? 1    SO4 B O1  1 
HETATM 1264 O  O2  . SO4 C 3 .   ? 4.698   -14.175 3.644   1.00 35.79 ? 1    SO4 B O2  1 
HETATM 1265 O  O3  . SO4 C 3 .   ? 2.996   -12.504 3.628   1.00 34.63 ? 1    SO4 B O3  1 
HETATM 1266 O  O4  . SO4 C 3 .   ? 2.399   -14.747 3.234   1.00 30.88 ? 1    SO4 B O4  1 
HETATM 1267 O  O   . HOH D 4 .   ? 12.664  -7.623  -8.522  1.00 17.68 ? 2    HOH B O   1 
HETATM 1268 O  O   . HOH D 4 .   ? -8.459  9.467   -0.374  1.00 19.19 ? 3    HOH B O   1 
HETATM 1269 O  O   . HOH D 4 .   ? 5.236   11.259  -3.404  1.00 19.40 ? 4    HOH B O   1 
HETATM 1270 O  O   . HOH D 4 .   ? 3.041   3.955   7.753   1.00 16.35 ? 5    HOH B O   1 
HETATM 1271 O  O   . HOH D 4 .   ? 12.271  -9.895  -1.555  1.00 19.76 ? 6    HOH B O   1 
HETATM 1272 O  O   . HOH D 4 .   ? -8.989  -6.399  11.908  1.00 19.13 ? 7    HOH B O   1 
HETATM 1273 O  O   . HOH D 4 .   ? 8.061   9.581   8.354   1.00 20.32 ? 8    HOH B O   1 
HETATM 1274 O  O   . HOH D 4 .   ? 6.524   6.696   -4.652  1.00 18.16 ? 9    HOH B O   1 
HETATM 1275 O  O   . HOH D 4 .   ? -3.222  -7.795  -10.115 1.00 18.58 ? 10   HOH B O   1 
HETATM 1276 O  O   . HOH D 4 .   ? -7.507  14.472  9.341   1.00 19.19 ? 11   HOH B O   1 
HETATM 1277 O  O   . HOH D 4 .   ? -6.806  -4.941  11.145  1.00 18.60 ? 12   HOH B O   1 
HETATM 1278 O  O   . HOH D 4 .   ? 5.362   -15.651 5.861   1.00 22.41 ? 13   HOH B O   1 
HETATM 1279 O  O   . HOH D 4 .   ? -6.585  -1.621  3.777   1.00 19.42 ? 14   HOH B O   1 
HETATM 1280 O  O   . HOH D 4 .   ? -4.801  0.516   4.521   1.00 20.09 ? 15   HOH B O   1 
HETATM 1281 O  O   . HOH D 4 .   ? -6.232  9.064   1.347   1.00 16.46 ? 203  HOH B O   1 
HETATM 1282 O  O   . HOH D 4 .   ? -4.001  -9.610  5.930   1.00 22.53 ? 204  HOH B O   1 
HETATM 1283 O  O   . HOH D 4 .   ? 6.175   -12.749 0.647   1.00 20.84 ? 205  HOH B O   1 
HETATM 1284 O  O   . HOH D 4 .   ? -5.000  -5.439  7.555   1.00 19.09 ? 206  HOH B O   1 
HETATM 1285 O  O   . HOH D 4 .   ? 7.533   -10.977 -16.916 0.50 23.03 ? 207  HOH B O   1 
HETATM 1286 O  O   . HOH D 4 .   ? -15.593 -8.137  -6.943  1.00 22.37 ? 208  HOH B O   1 
HETATM 1287 O  O   . HOH D 4 .   ? -7.579  -2.731  -11.457 1.00 21.06 ? 209  HOH B O   1 
HETATM 1288 O  O   . HOH D 4 .   ? 12.967  3.103   -13.207 1.00 23.70 ? 210  HOH B O   1 
HETATM 1289 O  O   . HOH D 4 .   ? 2.935   0.607   -12.382 1.00 21.34 ? 211  HOH B O   1 
HETATM 1290 O  O   . HOH D 4 .   ? 4.355   -5.004  8.176   1.00 20.16 ? 212  HOH B O   1 
HETATM 1291 O  O   . HOH D 4 .   ? 2.071   -7.494  -20.497 1.00 21.25 ? 213  HOH B O   1 
HETATM 1292 O  O   . HOH D 4 .   ? 13.488  -8.323  -5.214  1.00 21.14 ? 214  HOH B O   1 
HETATM 1293 O  O   . HOH D 4 .   ? 9.594   7.398   7.225   1.00 22.36 ? 215  HOH B O   1 
HETATM 1294 O  O   . HOH D 4 .   ? 4.496   7.760   -7.219  1.00 22.55 ? 216  HOH B O   1 
HETATM 1295 O  O   . HOH D 4 .   ? 16.110  -5.228  -5.882  1.00 23.99 ? 217  HOH B O   1 
HETATM 1296 O  O   . HOH D 4 .   ? -10.209 -9.443  3.094   1.00 20.83 ? 218  HOH B O   1 
HETATM 1297 O  O   . HOH D 4 .   ? -1.114  -9.850  -18.551 1.00 24.16 ? 219  HOH B O   1 
HETATM 1298 O  O   . HOH D 4 .   ? 15.257  -6.866  -7.903  1.00 24.66 ? 220  HOH B O   1 
HETATM 1299 O  O   . HOH D 4 .   ? 10.593  -16.560 -3.040  1.00 24.42 ? 221  HOH B O   1 
HETATM 1300 O  O   . HOH D 4 .   ? 0.060   -16.621 -8.669  1.00 26.21 ? 222  HOH B O   1 
HETATM 1301 O  O   . HOH D 4 .   ? -8.403  -7.722  14.211  1.00 24.14 ? 223  HOH B O   1 
HETATM 1302 O  O   . HOH D 4 .   ? -6.733  8.296   6.670   1.00 21.29 ? 224  HOH B O   1 
HETATM 1303 O  O   . HOH D 4 .   ? 15.789  2.189   4.770   1.00 26.11 ? 225  HOH B O   1 
HETATM 1304 O  O   . HOH D 4 .   ? -14.696 -2.553  -4.946  1.00 25.08 ? 226  HOH B O   1 
HETATM 1305 O  O   . HOH D 4 .   ? 0.170   1.714   -12.894 1.00 22.54 ? 227  HOH B O   1 
HETATM 1306 O  O   . HOH D 4 .   ? -8.086  10.250  5.658   1.00 24.33 ? 228  HOH B O   1 
HETATM 1307 O  O   . HOH D 4 .   ? 14.645  6.199   -3.860  1.00 22.19 ? 229  HOH B O   1 
HETATM 1308 O  O   . HOH D 4 .   ? -10.199 2.985   -8.643  1.00 29.11 ? 230  HOH B O   1 
HETATM 1309 O  O   . HOH D 4 .   ? -7.366  11.533  15.051  1.00 26.09 ? 231  HOH B O   1 
HETATM 1310 O  O   . HOH D 4 .   ? -8.682  -12.352 -2.085  1.00 23.48 ? 232  HOH B O   1 
HETATM 1311 O  O   . HOH D 4 .   ? 15.686  5.601   -0.133  1.00 23.44 ? 233  HOH B O   1 
HETATM 1312 O  O   . HOH D 4 .   ? 3.889   -10.147 3.032   1.00 22.94 ? 234  HOH B O   1 
HETATM 1313 O  O   . HOH D 4 .   ? -5.098  0.887   15.052  1.00 23.78 ? 235  HOH B O   1 
HETATM 1314 O  O   . HOH D 4 .   ? -10.412 6.677   15.892  1.00 27.01 ? 236  HOH B O   1 
HETATM 1315 O  O   . HOH D 4 .   ? -11.791 7.784   1.236   1.00 22.48 ? 237  HOH B O   1 
HETATM 1316 O  O   . HOH D 4 .   ? -4.893  16.563  0.525   1.00 26.59 ? 238  HOH B O   1 
HETATM 1317 O  O   . HOH D 4 .   ? -13.881 -5.793  4.262   1.00 27.23 ? 239  HOH B O   1 
HETATM 1318 O  O   . HOH D 4 .   ? -2.060  -6.636  11.610  1.00 23.44 ? 240  HOH B O   1 
HETATM 1319 O  O   . HOH D 4 .   ? 9.548   15.737  1.780   1.00 25.90 ? 241  HOH B O   1 
HETATM 1320 O  O   . HOH D 4 .   ? -16.125 2.250   6.212   1.00 26.07 ? 242  HOH B O   1 
HETATM 1321 O  O   . HOH D 4 .   ? 15.625  10.536  3.394   1.00 24.83 ? 243  HOH B O   1 
HETATM 1322 O  O   . HOH D 4 .   ? -2.594  -8.772  9.812   1.00 26.15 ? 244  HOH B O   1 
HETATM 1323 O  O   . HOH D 4 .   ? 16.305  -7.917  -2.119  1.00 28.46 ? 245  HOH B O   1 
HETATM 1324 O  O   . HOH D 4 .   ? -7.696  1.696   15.408  1.00 25.37 ? 246  HOH B O   1 
HETATM 1325 O  O   . HOH D 4 .   ? -11.319 -0.796  15.403  1.00 26.25 ? 247  HOH B O   1 
HETATM 1326 O  O   . HOH D 4 .   ? -9.827  -11.784 1.401   1.00 23.66 ? 248  HOH B O   1 
HETATM 1327 O  O   . HOH D 4 .   ? 13.826  -5.847  -12.750 1.00 23.56 ? 249  HOH B O   1 
HETATM 1328 O  O   . HOH D 4 .   ? 1.312   -1.341  -17.065 1.00 27.61 ? 250  HOH B O   1 
HETATM 1329 O  O   . HOH D 4 .   ? -1.572  13.281  5.322   1.00 23.92 ? 251  HOH B O   1 
HETATM 1330 O  O   . HOH D 4 .   ? 13.381  10.679  -4.700  1.00 29.09 ? 252  HOH B O   1 
HETATM 1331 O  O   . HOH D 4 .   ? 12.938  -8.069  -11.351 1.00 25.07 ? 253  HOH B O   1 
HETATM 1332 O  O   . HOH D 4 .   ? 12.780  -4.213  -14.784 1.00 22.93 ? 254  HOH B O   1 
HETATM 1333 O  O   . HOH D 4 .   ? 7.516   5.353   8.013   1.00 24.72 ? 255  HOH B O   1 
HETATM 1334 O  O   . HOH D 4 .   ? -7.611  11.243  8.263   1.00 25.38 ? 256  HOH B O   1 
HETATM 1335 O  O   . HOH D 4 .   ? -7.847  10.779  3.087   1.00 23.14 ? 257  HOH B O   1 
HETATM 1336 O  O   . HOH D 4 .   ? -14.943 9.615   16.368  1.00 30.71 ? 258  HOH B O   1 
HETATM 1337 O  O   . HOH D 4 .   ? 4.762   -17.281 -11.172 1.00 27.56 ? 259  HOH B O   1 
HETATM 1338 O  O   . HOH D 4 .   ? -7.508  19.065  1.216   1.00 26.86 ? 260  HOH B O   1 
HETATM 1339 O  O   . HOH D 4 .   ? -3.238  -15.054 0.260   1.00 26.25 ? 261  HOH B O   1 
HETATM 1340 O  O   . HOH D 4 .   ? 10.723  -0.627  8.723   1.00 25.57 ? 262  HOH B O   1 
HETATM 1341 O  O   . HOH D 4 .   ? 5.973   -3.374  -16.745 1.00 32.10 ? 263  HOH B O   1 
HETATM 1342 O  O   . HOH D 4 .   ? -13.382 -5.336  8.211   1.00 28.31 ? 264  HOH B O   1 
HETATM 1343 O  O   . HOH D 4 .   ? -10.645 9.357   14.728  1.00 29.72 ? 265  HOH B O   1 
HETATM 1344 O  O   . HOH D 4 .   ? -7.370  9.027   16.287  1.00 26.96 ? 266  HOH B O   1 
HETATM 1345 O  O   . HOH D 4 .   ? 18.213  -1.244  -7.915  1.00 27.24 ? 267  HOH B O   1 
HETATM 1346 O  O   . HOH D 4 .   ? -11.093 16.761  1.930   1.00 33.13 ? 268  HOH B O   1 
HETATM 1347 O  O   . HOH D 4 .   ? -2.903  5.834   -9.837  1.00 29.19 ? 269  HOH B O   1 
HETATM 1348 O  O   . HOH D 4 .   ? -6.667  11.607  -4.245  1.00 30.32 ? 270  HOH B O   1 
HETATM 1349 O  O   . HOH D 4 .   ? 14.692  -0.678  8.667   1.00 31.97 ? 271  HOH B O   1 
HETATM 1350 O  O   . HOH D 4 .   ? -8.769  -0.286  16.666  1.00 24.64 ? 272  HOH B O   1 
HETATM 1351 O  O   . HOH D 4 .   ? 3.064   11.427  -5.147  1.00 27.42 ? 273  HOH B O   1 
HETATM 1352 O  O   . HOH D 4 .   ? -2.595  16.699  6.823   1.00 26.20 ? 274  HOH B O   1 
HETATM 1353 O  O   . HOH D 4 .   ? 10.816  -9.976  -11.818 1.00 26.32 ? 275  HOH B O   1 
HETATM 1354 O  O   . HOH D 4 .   ? -6.985  16.597  -1.380  1.00 32.07 ? 276  HOH B O   1 
HETATM 1355 O  O   . HOH D 4 .   ? 4.684   -14.372 -15.339 1.00 30.36 ? 277  HOH B O   1 
HETATM 1356 O  O   . HOH D 4 .   ? 7.611   -16.038 -12.859 1.00 31.49 ? 278  HOH B O   1 
HETATM 1357 O  O   . HOH D 4 .   ? 5.300   4.075   10.698  1.00 26.32 ? 279  HOH B O   1 
HETATM 1358 O  O   . HOH D 4 .   ? 6.912   11.356  -5.691  1.00 28.71 ? 280  HOH B O   1 
HETATM 1359 O  O   . HOH D 4 .   ? 9.675   8.547   -6.667  1.00 29.81 ? 281  HOH B O   1 
HETATM 1360 O  O   . HOH D 4 .   ? -13.157 10.145  14.158  1.00 27.62 ? 282  HOH B O   1 
HETATM 1361 O  O   . HOH D 4 .   ? 13.023  8.106   6.502   1.00 31.00 ? 283  HOH B O   1 
HETATM 1362 O  O   . HOH D 4 .   ? 0.338   10.143  -7.180  1.00 33.16 ? 284  HOH B O   1 
HETATM 1363 O  O   . HOH D 4 .   ? 20.096  -2.836  -0.081  1.00 28.49 ? 285  HOH B O   1 
HETATM 1364 O  O   . HOH D 4 .   ? -7.891  -4.787  -13.194 1.00 27.92 ? 286  HOH B O   1 
HETATM 1365 O  O   . HOH D 4 .   ? 12.019  -15.256 -10.091 1.00 31.93 ? 287  HOH B O   1 
HETATM 1366 O  O   . HOH D 4 .   ? -13.163 -12.135 6.628   1.00 30.57 ? 288  HOH B O   1 
HETATM 1367 O  O   . HOH D 4 .   ? 9.551   -12.300 -15.810 1.00 28.26 ? 289  HOH B O   1 
HETATM 1368 O  O   . HOH D 4 .   ? 4.525   10.594  12.299  1.00 33.59 ? 290  HOH B O   1 
HETATM 1369 O  O   . HOH D 4 .   ? -12.521 -6.259  14.021  1.00 31.35 ? 291  HOH B O   1 
HETATM 1370 O  O   . HOH D 4 .   ? 15.099  1.975   -8.269  1.00 27.04 ? 292  HOH B O   1 
HETATM 1371 O  O   . HOH D 4 .   ? 7.188   9.007   -6.479  1.00 29.96 ? 293  HOH B O   1 
HETATM 1372 O  O   . HOH D 4 .   ? -17.820 -2.116  11.094  1.00 35.44 ? 294  HOH B O   1 
HETATM 1373 O  O   . HOH D 4 .   ? 1.079   15.203  1.367   1.00 28.26 ? 295  HOH B O   1 
HETATM 1374 O  O   . HOH D 4 .   ? 15.552  12.180  7.021   1.00 31.91 ? 296  HOH B O   1 
HETATM 1375 O  O   . HOH D 4 .   ? 17.149  6.258   -2.854  1.00 26.65 ? 297  HOH B O   1 
HETATM 1376 O  O   . HOH D 4 .   ? 19.235  -2.260  -10.375 1.00 33.31 ? 298  HOH B O   1 
HETATM 1377 O  O   . HOH D 4 .   ? 14.740  14.196  5.535   1.00 31.23 ? 299  HOH B O   1 
HETATM 1378 O  O   . HOH D 4 .   ? 7.926   14.411  -3.886  1.00 33.57 ? 300  HOH B O   1 
HETATM 1379 O  O   . HOH D 4 .   ? -4.272  7.907   17.414  1.00 30.60 ? 301  HOH B O   1 
HETATM 1380 O  O   . HOH D 4 .   ? -1.569  14.236  2.987   1.00 28.06 ? 302  HOH B O   1 
HETATM 1381 O  O   . HOH D 4 .   ? -16.353 -4.764  4.043   1.00 34.12 ? 303  HOH B O   1 
HETATM 1382 O  O   . HOH D 4 .   ? -15.049 -9.630  5.638   1.00 32.31 ? 304  HOH B O   1 
HETATM 1383 O  O   . HOH D 4 .   ? -4.907  -14.474 12.698  1.00 29.84 ? 305  HOH B O   1 
HETATM 1384 O  O   . HOH D 4 .   ? 0.992   10.282  17.797  1.00 36.93 ? 306  HOH B O   1 
HETATM 1385 O  O   . HOH D 4 .   ? -4.529  -16.449 10.012  1.00 28.43 ? 307  HOH B O   1 
HETATM 1386 O  O   . HOH D 4 .   ? 16.509  -5.616  -13.269 1.00 33.33 ? 308  HOH B O   1 
HETATM 1387 O  O   . HOH D 4 .   ? 7.008   3.479   17.630  1.00 35.66 ? 309  HOH B O   1 
HETATM 1388 O  O   . HOH D 4 .   ? -7.119  3.623   -10.616 1.00 27.95 ? 310  HOH B O   1 
HETATM 1389 O  O   . HOH D 4 .   ? 5.247   5.547   13.321  1.00 31.96 ? 311  HOH B O   1 
HETATM 1390 O  O   . HOH D 4 .   ? -1.893  -16.429 2.013   1.00 31.44 ? 312  HOH B O   1 
HETATM 1391 O  O   . HOH D 4 .   ? 1.027   3.574   -14.474 1.00 35.25 ? 313  HOH B O   1 
HETATM 1392 O  O   . HOH D 4 .   ? -7.749  9.229   -5.766  1.00 31.88 ? 314  HOH B O   1 
HETATM 1393 O  O   . HOH D 4 .   ? -0.091  13.968  14.183  1.00 30.49 ? 315  HOH B O   1 
HETATM 1394 O  O   . HOH D 4 .   ? 18.947  -4.983  -2.919  1.00 30.48 ? 316  HOH B O   1 
HETATM 1395 O  O   . HOH D 4 .   ? -15.125 7.199   -2.107  1.00 33.72 ? 317  HOH B O   1 
HETATM 1396 O  O   . HOH D 4 .   ? -2.790  17.152  -1.104  1.00 36.49 ? 318  HOH B O   1 
HETATM 1397 O  O   . HOH D 4 .   ? 7.790   17.704  2.069   1.00 26.41 ? 319  HOH B O   1 
HETATM 1398 O  O   . HOH D 4 .   ? -10.471 10.079  1.481   1.00 34.04 ? 320  HOH B O   1 
HETATM 1399 O  O   . HOH D 4 .   ? -8.562  18.660  -1.341  1.00 34.70 ? 321  HOH B O   1 
HETATM 1400 O  O   . HOH D 4 .   ? -5.372  -8.802  8.160   1.00 28.76 ? 322  HOH B O   1 
HETATM 1401 O  O   . HOH D 4 .   ? -1.937  -15.725 -3.738  1.00 30.57 ? 323  HOH B O   1 
HETATM 1402 O  O   . HOH D 4 .   ? 0.968   -16.542 7.108   1.00 33.18 ? 324  HOH B O   1 
HETATM 1403 O  O   . HOH D 4 .   ? 9.894   16.436  -0.747  1.00 31.28 ? 325  HOH B O   1 
HETATM 1404 O  O   . HOH D 4 .   ? 18.458  -3.777  -6.961  1.00 33.01 ? 326  HOH B O   1 
HETATM 1405 O  O   . HOH D 4 .   ? -18.469 0.415   12.016  1.00 35.24 ? 327  HOH B O   1 
HETATM 1406 O  O   . HOH D 4 .   ? -15.333 -7.972  10.471  1.00 35.12 ? 328  HOH B O   1 
HETATM 1407 O  O   . HOH D 4 .   ? 4.635   0.672   -14.592 1.00 32.73 ? 329  HOH B O   1 
HETATM 1408 O  O   . HOH D 4 .   ? 1.365   1.045   18.277  1.00 35.97 ? 330  HOH B O   1 
HETATM 1409 O  O   . HOH D 4 .   ? 11.283  10.905  -6.582  1.00 33.58 ? 331  HOH B O   1 
HETATM 1410 O  O   . HOH D 4 .   ? -8.249  -7.642  -15.907 1.00 34.85 ? 332  HOH B O   1 
HETATM 1411 O  O   . HOH D 4 .   ? 10.334  -11.987 -13.285 1.00 33.14 ? 333  HOH B O   1 
HETATM 1412 O  O   . HOH D 4 .   ? 3.635   10.112  -7.669  1.00 33.23 ? 334  HOH B O   1 
HETATM 1413 O  O   . HOH D 4 .   ? -2.777  -7.785  -18.161 1.00 29.31 ? 335  HOH B O   1 
HETATM 1414 O  O   . HOH D 4 .   ? -10.687 -5.251  -12.018 1.00 33.27 ? 336  HOH B O   1 
HETATM 1415 O  O   . HOH D 4 .   ? 3.631   -3.116  17.426  1.00 31.57 ? 337  HOH B O   1 
HETATM 1416 O  O   . HOH D 4 .   ? -9.991  -10.835 -3.829  1.00 31.92 ? 338  HOH B O   1 
HETATM 1417 O  O   . HOH D 4 .   ? 0.736   -1.041  19.527  1.00 36.56 ? 339  HOH B O   1 
HETATM 1418 O  O   . HOH D 4 .   ? 8.979   7.773   -11.105 1.00 36.17 ? 340  HOH B O   1 
HETATM 1419 O  O   . HOH D 4 .   ? 17.524  3.275   -7.893  1.00 31.84 ? 341  HOH B O   1 
HETATM 1420 O  O   . HOH D 4 .   ? 3.665   -2.744  -15.805 1.00 32.26 ? 342  HOH B O   1 
HETATM 1421 O  O   . HOH D 4 .   ? -1.897  5.392   -12.466 1.00 32.53 ? 343  HOH B O   1 
HETATM 1422 O  O   . HOH D 4 .   ? -13.216 -16.726 6.198   1.00 33.98 ? 344  HOH B O   1 
HETATM 1423 O  O   . HOH D 4 .   ? 16.082  4.038   -16.199 1.00 34.40 ? 345  HOH B O   1 
HETATM 1424 O  O   . HOH D 4 .   ? 6.246   -2.456  15.658  1.00 34.28 ? 346  HOH B O   1 
HETATM 1425 O  O   . HOH D 4 .   ? -2.385  -11.974 -14.479 1.00 24.65 ? 347  HOH B O   1 
HETATM 1426 O  O   . HOH D 4 .   ? -11.203 -8.563  -4.430  1.00 27.47 ? 348  HOH B O   1 
HETATM 1427 O  O   . HOH D 4 .   ? 16.875  9.158   6.062   1.00 34.67 ? 349  HOH B O   1 
HETATM 1428 O  O   . HOH D 4 .   ? -12.073 -1.327  -6.077  1.00 30.18 ? 350  HOH B O   1 
HETATM 1429 O  O   . HOH D 4 .   ? -7.930  -10.030 8.383   1.00 27.39 ? 351  HOH B O   1 
HETATM 1430 O  O   . HOH D 4 .   ? 10.041  1.847   9.661   1.00 30.13 ? 352  HOH B O   1 
HETATM 1431 O  O   . HOH D 4 .   ? -12.717 -10.259 -5.007  1.00 32.49 ? 353  HOH B O   1 
HETATM 1432 O  O   . HOH D 4 .   ? -7.917  -8.210  6.949   1.00 27.27 ? 354  HOH B O   1 
HETATM 1433 O  O   . HOH D 4 .   ? 20.926  -1.975  2.354   1.00 32.84 ? 355  HOH B O   1 
HETATM 1434 O  O   . HOH D 4 .   ? 12.174  5.156   6.667   1.00 37.42 ? 356  HOH B O   1 
HETATM 1435 O  O   . HOH D 4 .   ? -9.182  -0.622  -12.126 1.00 33.16 ? 357  HOH B O   1 
HETATM 1436 O  O   . HOH D 4 .   ? -17.119 -2.810  5.718   1.00 33.00 ? 358  HOH B O   1 
HETATM 1437 O  O   . HOH D 4 .   ? -13.733 12.866  13.221  1.00 35.10 ? 359  HOH B O   1 
HETATM 1438 O  O   . HOH D 4 .   ? -13.541 0.429   17.421  1.00 33.43 ? 360  HOH B O   1 
HETATM 1439 O  O   . HOH D 4 .   ? -11.450 11.939  2.908   1.00 33.69 ? 361  HOH B O   1 
HETATM 1440 O  O   . HOH D 4 .   ? 1.075   12.655  19.528  1.00 35.73 ? 362  HOH B O   1 
HETATM 1441 O  O   . HOH D 4 .   ? 8.340   2.889   11.827  1.00 33.84 ? 363  HOH B O   1 
HETATM 1442 O  O   . HOH D 4 .   ? -15.908 -15.749 6.276   1.00 30.18 ? 364  HOH B O   1 
HETATM 1443 O  O   . HOH D 4 .   ? -4.669  -16.170 3.693   1.00 34.10 ? 365  HOH B O   1 
HETATM 1444 O  O   . HOH D 4 .   ? 15.757  -9.386  -6.546  1.00 35.52 ? 366  HOH B O   1 
HETATM 1445 O  O   . HOH D 4 .   ? 12.398  17.440  -0.469  1.00 37.79 ? 367  HOH B O   1 
HETATM 1446 O  O   . HOH D 4 .   ? 4.713   -2.091  7.382   1.00 15.93 ? 368  HOH B O   1 
HETATM 1447 O  O   . HOH D 4 .   ? 1.032   -10.250 6.681   1.00 26.97 ? 369  HOH B O   1 
HETATM 1448 O  O   . HOH D 4 .   ? 2.121   -11.853 8.199   1.00 25.63 ? 370  HOH B O   1 
# 
loop_
_pdbx_poly_seq_scheme.asym_id 
_pdbx_poly_seq_scheme.entity_id 
_pdbx_poly_seq_scheme.seq_id 
_pdbx_poly_seq_scheme.mon_id 
_pdbx_poly_seq_scheme.ndb_seq_num 
_pdbx_poly_seq_scheme.pdb_seq_num 
_pdbx_poly_seq_scheme.auth_seq_num 
_pdbx_poly_seq_scheme.pdb_mon_id 
_pdbx_poly_seq_scheme.auth_mon_id 
_pdbx_poly_seq_scheme.pdb_strand_id 
_pdbx_poly_seq_scheme.pdb_ins_code 
_pdbx_poly_seq_scheme.hetero 
A 1 1   MET 1   16  ?   ?   ?   B . n 
A 1 2   ARG 2   17  ?   ?   ?   B . n 
A 1 3   GLY 3   18  ?   ?   ?   B . n 
A 1 4   SER 4   19  ?   ?   ?   B . n 
A 1 5   HIS 5   20  ?   ?   ?   B . n 
A 1 6   HIS 6   21  ?   ?   ?   B . n 
A 1 7   HIS 7   22  ?   ?   ?   B . n 
A 1 8   HIS 8   23  ?   ?   ?   B . n 
A 1 9   HIS 9   24  ?   ?   ?   B . n 
A 1 10  HIS 10  25  ?   ?   ?   B . n 
A 1 11  GLY 11  26  ?   ?   ?   B . n 
A 1 12  SER 12  27  ?   ?   ?   B . n 
A 1 13  CYS 13  28  ?   ?   ?   B . n 
A 1 14  GLY 14  29  ?   ?   ?   B . n 
A 1 15  PRO 15  30  ?   ?   ?   B . n 
A 1 16  GLY 16  31  ?   ?   ?   B . n 
A 1 17  ARG 17  32  ?   ?   ?   B . n 
A 1 18  VAL 18  33  ?   ?   ?   B . n 
A 1 19  VAL 19  34  ?   ?   ?   B . n 
A 1 20  GLY 20  35  ?   ?   ?   B . n 
A 1 21  SER 21  36  ?   ?   ?   B . n 
A 1 22  ARG 22  37  ?   ?   ?   B . n 
A 1 23  ARG 23  38  ?   ?   ?   B . n 
A 1 24  ARG 24  39  ?   ?   ?   B . n 
A 1 25  PRO 25  40  ?   ?   ?   B . n 
A 1 26  PRO 26  41  41  PRO PRO B . n 
A 1 27  ARG 27  42  42  ARG ARG B . n 
A 1 28  LYS 28  43  43  LYS LYS B . n 
A 1 29  LEU 29  44  44  LEU LEU B . n 
A 1 30  VAL 30  45  45  VAL VAL B . n 
A 1 31  PRO 31  46  46  PRO PRO B . n 
A 1 32  LEU 32  47  47  LEU LEU B . n 
A 1 33  ALA 33  48  48  ALA ALA B . n 
A 1 34  TYR 34  49  49  TYR TYR B . n 
A 1 35  LYS 35  50  50  LYS LYS B . n 
A 1 36  GLN 36  51  51  GLN GLN B . n 
A 1 37  PHE 37  52  52  PHE PHE B . n 
A 1 38  SER 38  53  53  SER SER B . n 
A 1 39  PRO 39  54  54  PRO PRO B . n 
A 1 40  ASN 40  55  55  ASN ASN B . n 
A 1 41  VAL 41  56  56  VAL VAL B . n 
A 1 42  PRO 42  57  57  PRO PRO B . n 
A 1 43  GLU 43  58  58  GLU GLU B . n 
A 1 44  LYS 44  59  59  LYS LYS B . n 
A 1 45  THR 45  60  60  THR THR B . n 
A 1 46  LEU 46  61  61  LEU LEU B . n 
A 1 47  GLY 47  62  62  GLY GLY B . n 
A 1 48  ALA 48  63  63  ALA ALA B . n 
A 1 49  SER 49  64  64  SER SER B . n 
A 1 50  GLY 50  65  65  GLY GLY B . n 
A 1 51  ARG 51  66  66  ARG ARG B . n 
A 1 52  TYR 52  67  67  TYR TYR B . n 
A 1 53  GLU 53  68  68  GLU GLU B . n 
A 1 54  GLY 54  69  69  GLY GLY B . n 
A 1 55  LYS 55  70  70  LYS LYS B . n 
A 1 56  ILE 56  71  71  ILE ILE B . n 
A 1 57  ALA 57  72  72  ALA ALA B . n 
A 1 58  ARG 58  73  73  ARG ARG B . n 
A 1 59  SER 59  74  74  SER SER B . n 
A 1 60  SER 60  75  75  SER SER B . n 
A 1 61  GLU 61  76  76  GLU GLU B . n 
A 1 62  ARG 62  77  77  ARG ARG B . n 
A 1 63  PHE 63  78  78  PHE PHE B . n 
A 1 64  LYS 64  79  79  LYS LYS B . n 
A 1 65  GLU 65  80  80  GLU GLU B . n 
A 1 66  LEU 66  81  81  LEU LEU B . n 
A 1 67  THR 67  82  82  THR THR B . n 
A 1 68  PRO 68  83  83  PRO PRO B . n 
A 1 69  ASN 69  84  84  ASN ASN B . n 
A 1 70  TYR 70  85  85  TYR TYR B . n 
A 1 71  ASN 71  86  86  ASN ASN B . n 
A 1 72  PRO 72  87  87  PRO PRO B . n 
A 1 73  ASP 73  88  88  ASP ASP B . n 
A 1 74  ILE 74  89  89  ILE ILE B . n 
A 1 75  ILE 75  90  90  ILE ILE B . n 
A 1 76  PHE 76  91  91  PHE PHE B . n 
A 1 77  LYS 77  92  92  LYS LYS B . n 
A 1 78  ASP 78  93  93  ASP ASP B . n 
A 1 79  GLU 79  94  94  GLU GLU B . n 
A 1 80  LYS 80  95  95  LYS LYS B . n 
A 1 81  ASN 81  96  96  ASN ASN B . n 
A 1 82  THR 82  97  97  THR THR B . n 
A 1 83  GLY 83  98  98  GLY GLY B . n 
A 1 84  ALA 84  99  99  ALA ALA B . n 
A 1 85  ASP 85  100 100 ASP ASP B . n 
A 1 86  ARG 86  101 101 ARG ARG B . n 
A 1 87  LEU 87  102 102 LEU LEU B . n 
A 1 88  MET 88  103 103 MET MET B . n 
A 1 89  THR 89  104 104 THR THR B . n 
A 1 90  GLN 90  105 105 GLN GLN B . n 
A 1 91  ARG 91  106 106 ARG ARG B . n 
A 1 92  CYS 92  107 107 CYS CYS B . n 
A 1 93  LYS 93  108 108 LYS LYS B . n 
A 1 94  ASP 94  109 109 ASP ASP B . n 
A 1 95  ARG 95  110 110 ARG ARG B . n 
A 1 96  LEU 96  111 111 LEU LEU B . n 
A 1 97  ASN 97  112 112 ASN ASN B . n 
A 1 98  SER 98  113 113 SER SER B . n 
A 1 99  LEU 99  114 114 LEU LEU B . n 
A 1 100 ALA 100 115 115 ALA ALA B . n 
A 1 101 ILE 101 116 116 ILE ILE B . n 
A 1 102 SER 102 117 117 SER SER B . n 
A 1 103 VAL 103 118 118 VAL VAL B . n 
A 1 104 MET 104 119 119 MET MET B . n 
A 1 105 ASN 105 120 120 ASN ASN B . n 
A 1 106 GLN 106 121 121 GLN GLN B . n 
A 1 107 TRP 107 122 122 TRP TRP B . n 
A 1 108 PRO 108 123 123 PRO PRO B . n 
A 1 109 GLY 109 124 124 GLY GLY B . n 
A 1 110 VAL 110 125 125 VAL VAL B . n 
A 1 111 LYS 111 126 126 LYS LYS B . n 
A 1 112 LEU 112 127 127 LEU LEU B . n 
A 1 113 ARG 113 128 128 ARG ARG B . n 
A 1 114 VAL 114 129 129 VAL VAL B . n 
A 1 115 THR 115 130 130 THR THR B . n 
A 1 116 GLU 116 131 131 GLU GLU B . n 
A 1 117 GLY 117 132 132 GLY GLY B . n 
A 1 118 TRP 118 133 133 TRP TRP B . n 
A 1 119 ASP 119 134 134 ASP ASP B . n 
A 1 120 GLU 120 135 135 GLU GLU B . n 
A 1 121 ASP 121 136 136 ASP ASP B . n 
A 1 122 GLY 122 137 137 GLY GLY B . n 
A 1 123 HIS 123 138 138 HIS HIS B . n 
A 1 124 HIS 124 139 139 HIS HIS B . n 
A 1 125 SER 125 140 140 SER SER B . n 
A 1 126 GLU 126 141 141 GLU GLU B . n 
A 1 127 GLU 127 142 142 GLU GLU B . n 
A 1 128 SER 128 143 143 SER SER B . n 
A 1 129 LEU 129 144 144 LEU LEU B . n 
A 1 130 HIS 130 145 145 HIS HIS B . n 
A 1 131 TYR 131 146 146 TYR TYR B . n 
A 1 132 GLU 132 147 147 GLU GLU B . n 
A 1 133 GLY 133 148 148 GLY GLY B . n 
A 1 134 ARG 134 149 149 ARG ARG B . n 
A 1 135 ALA 135 150 150 ALA ALA B . n 
A 1 136 VAL 136 151 151 VAL VAL B . n 
A 1 137 ASP 137 152 152 ASP ASP B . n 
A 1 138 ILE 138 153 153 ILE ILE B . n 
A 1 139 THR 139 154 154 THR THR B . n 
A 1 140 THR 140 155 155 THR THR B . n 
A 1 141 SER 141 156 156 SER SER B . n 
A 1 142 ASP 142 157 157 ASP ASP B . n 
A 1 143 ARG 143 158 158 ARG ARG B . n 
A 1 144 ASP 144 159 159 ASP ASP B . n 
A 1 145 ARG 145 160 160 ARG ARG B . n 
A 1 146 ASN 146 161 161 ASN ASN B . n 
A 1 147 LYS 147 162 162 LYS LYS B . n 
A 1 148 TYR 148 163 163 TYR TYR B . n 
A 1 149 GLY 149 164 164 GLY GLY B . n 
A 1 150 LEU 150 165 165 LEU LEU B . n 
A 1 151 LEU 151 166 166 LEU LEU B . n 
A 1 152 ALA 152 167 167 ALA ALA B . n 
A 1 153 ARG 153 168 168 ARG ARG B . n 
A 1 154 LEU 154 169 169 LEU LEU B . n 
A 1 155 ALA 155 170 170 ALA ALA B . n 
A 1 156 VAL 156 171 171 VAL VAL B . n 
A 1 157 GLU 157 172 172 GLU GLU B . n 
A 1 158 ALA 158 173 173 ALA ALA B . n 
A 1 159 GLY 159 174 174 GLY GLY B . n 
A 1 160 PHE 160 175 175 PHE PHE B . n 
A 1 161 ASP 161 176 176 ASP ASP B . n 
A 1 162 TRP 162 177 177 TRP TRP B . n 
A 1 163 VAL 163 178 178 VAL VAL B . n 
A 1 164 TYR 164 179 179 TYR TYR B . n 
A 1 165 TYR 165 180 180 TYR TYR B . n 
A 1 166 GLU 166 181 181 GLU GLU B . n 
A 1 167 SER 167 182 182 SER SER B . n 
A 1 168 LYS 168 183 183 LYS LYS B . n 
A 1 169 ALA 169 184 184 ALA ALA B . n 
A 1 170 HIS 170 185 185 HIS HIS B . n 
A 1 171 VAL 171 186 186 VAL VAL B . n 
A 1 172 HIS 172 187 187 HIS HIS B . n 
A 1 173 CYS 173 188 188 CYS CYS B . n 
A 1 174 SER 174 189 189 SER SER B . n 
A 1 175 VAL 175 190 190 VAL VAL B . n 
A 1 176 LYS 176 191 191 LYS LYS B . n 
A 1 177 SER 177 192 192 SER SER B . n 
A 1 178 GLU 178 193 193 GLU GLU B . n 
A 1 179 HIS 179 194 194 HIS HIS B . n 
A 1 180 SER 180 195 195 SER SER B . n 
A 1 181 ALA 181 196 196 ALA ALA B . n 
A 1 182 ALA 182 197 197 ALA ALA B . n 
A 1 183 ALA 183 198 ?   ?   ?   B . n 
A 1 184 LYS 184 199 ?   ?   ?   B . n 
A 1 185 THR 185 200 ?   ?   ?   B . n 
A 1 186 GLY 186 201 ?   ?   ?   B . n 
A 1 187 GLY 187 202 ?   ?   ?   B . n 
# 
loop_
_pdbx_nonpoly_scheme.asym_id 
_pdbx_nonpoly_scheme.entity_id 
_pdbx_nonpoly_scheme.mon_id 
_pdbx_nonpoly_scheme.ndb_seq_num 
_pdbx_nonpoly_scheme.pdb_seq_num 
_pdbx_nonpoly_scheme.auth_seq_num 
_pdbx_nonpoly_scheme.pdb_mon_id 
_pdbx_nonpoly_scheme.auth_mon_id 
_pdbx_nonpoly_scheme.pdb_strand_id 
_pdbx_nonpoly_scheme.pdb_ins_code 
B 2 ZN  1   1001 1001 ZN  ZN  B . 
C 3 SO4 1   1    1    SO4 SO4 B . 
D 4 HOH 1   2    2    HOH HOH B . 
D 4 HOH 2   3    3    HOH HOH B . 
D 4 HOH 3   4    4    HOH HOH B . 
D 4 HOH 4   5    5    HOH HOH B . 
D 4 HOH 5   6    6    HOH HOH B . 
D 4 HOH 6   7    7    HOH HOH B . 
D 4 HOH 7   8    8    HOH HOH B . 
D 4 HOH 8   9    9    HOH HOH B . 
D 4 HOH 9   10   10   HOH HOH B . 
D 4 HOH 10  11   11   HOH HOH B . 
D 4 HOH 11  12   12   HOH HOH B . 
D 4 HOH 12  13   13   HOH HOH B . 
D 4 HOH 13  14   14   HOH HOH B . 
D 4 HOH 14  15   15   HOH HOH B . 
D 4 HOH 15  203  1    HOH HOH B . 
D 4 HOH 16  204  16   HOH HOH B . 
D 4 HOH 17  205  17   HOH HOH B . 
D 4 HOH 18  206  18   HOH HOH B . 
D 4 HOH 19  207  19   HOH HOH B . 
D 4 HOH 20  208  20   HOH HOH B . 
D 4 HOH 21  209  21   HOH HOH B . 
D 4 HOH 22  210  22   HOH HOH B . 
D 4 HOH 23  211  23   HOH HOH B . 
D 4 HOH 24  212  24   HOH HOH B . 
D 4 HOH 25  213  25   HOH HOH B . 
D 4 HOH 26  214  26   HOH HOH B . 
D 4 HOH 27  215  27   HOH HOH B . 
D 4 HOH 28  216  28   HOH HOH B . 
D 4 HOH 29  217  29   HOH HOH B . 
D 4 HOH 30  218  30   HOH HOH B . 
D 4 HOH 31  219  31   HOH HOH B . 
D 4 HOH 32  220  32   HOH HOH B . 
D 4 HOH 33  221  33   HOH HOH B . 
D 4 HOH 34  222  34   HOH HOH B . 
D 4 HOH 35  223  35   HOH HOH B . 
D 4 HOH 36  224  36   HOH HOH B . 
D 4 HOH 37  225  37   HOH HOH B . 
D 4 HOH 38  226  38   HOH HOH B . 
D 4 HOH 39  227  39   HOH HOH B . 
D 4 HOH 40  228  40   HOH HOH B . 
D 4 HOH 41  229  41   HOH HOH B . 
D 4 HOH 42  230  42   HOH HOH B . 
D 4 HOH 43  231  43   HOH HOH B . 
D 4 HOH 44  232  44   HOH HOH B . 
D 4 HOH 45  233  45   HOH HOH B . 
D 4 HOH 46  234  46   HOH HOH B . 
D 4 HOH 47  235  47   HOH HOH B . 
D 4 HOH 48  236  49   HOH HOH B . 
D 4 HOH 49  237  50   HOH HOH B . 
D 4 HOH 50  238  51   HOH HOH B . 
D 4 HOH 51  239  52   HOH HOH B . 
D 4 HOH 52  240  53   HOH HOH B . 
D 4 HOH 53  241  54   HOH HOH B . 
D 4 HOH 54  242  55   HOH HOH B . 
D 4 HOH 55  243  56   HOH HOH B . 
D 4 HOH 56  244  57   HOH HOH B . 
D 4 HOH 57  245  58   HOH HOH B . 
D 4 HOH 58  246  59   HOH HOH B . 
D 4 HOH 59  247  60   HOH HOH B . 
D 4 HOH 60  248  61   HOH HOH B . 
D 4 HOH 61  249  62   HOH HOH B . 
D 4 HOH 62  250  63   HOH HOH B . 
D 4 HOH 63  251  64   HOH HOH B . 
D 4 HOH 64  252  65   HOH HOH B . 
D 4 HOH 65  253  66   HOH HOH B . 
D 4 HOH 66  254  67   HOH HOH B . 
D 4 HOH 67  255  68   HOH HOH B . 
D 4 HOH 68  256  69   HOH HOH B . 
D 4 HOH 69  257  70   HOH HOH B . 
D 4 HOH 70  258  71   HOH HOH B . 
D 4 HOH 71  259  72   HOH HOH B . 
D 4 HOH 72  260  73   HOH HOH B . 
D 4 HOH 73  261  74   HOH HOH B . 
D 4 HOH 74  262  75   HOH HOH B . 
D 4 HOH 75  263  76   HOH HOH B . 
D 4 HOH 76  264  77   HOH HOH B . 
D 4 HOH 77  265  78   HOH HOH B . 
D 4 HOH 78  266  79   HOH HOH B . 
D 4 HOH 79  267  80   HOH HOH B . 
D 4 HOH 80  268  81   HOH HOH B . 
D 4 HOH 81  269  82   HOH HOH B . 
D 4 HOH 82  270  83   HOH HOH B . 
D 4 HOH 83  271  84   HOH HOH B . 
D 4 HOH 84  272  85   HOH HOH B . 
D 4 HOH 85  273  86   HOH HOH B . 
D 4 HOH 86  274  87   HOH HOH B . 
D 4 HOH 87  275  88   HOH HOH B . 
D 4 HOH 88  276  89   HOH HOH B . 
D 4 HOH 89  277  90   HOH HOH B . 
D 4 HOH 90  278  91   HOH HOH B . 
D 4 HOH 91  279  92   HOH HOH B . 
D 4 HOH 92  280  93   HOH HOH B . 
D 4 HOH 93  281  94   HOH HOH B . 
D 4 HOH 94  282  95   HOH HOH B . 
D 4 HOH 95  283  96   HOH HOH B . 
D 4 HOH 96  284  97   HOH HOH B . 
D 4 HOH 97  285  98   HOH HOH B . 
D 4 HOH 98  286  99   HOH HOH B . 
D 4 HOH 99  287  100  HOH HOH B . 
D 4 HOH 100 288  102  HOH HOH B . 
D 4 HOH 101 289  103  HOH HOH B . 
D 4 HOH 102 290  104  HOH HOH B . 
D 4 HOH 103 291  105  HOH HOH B . 
D 4 HOH 104 292  106  HOH HOH B . 
D 4 HOH 105 293  107  HOH HOH B . 
D 4 HOH 106 294  108  HOH HOH B . 
D 4 HOH 107 295  109  HOH HOH B . 
D 4 HOH 108 296  110  HOH HOH B . 
D 4 HOH 109 297  111  HOH HOH B . 
D 4 HOH 110 298  112  HOH HOH B . 
D 4 HOH 111 299  113  HOH HOH B . 
D 4 HOH 112 300  114  HOH HOH B . 
D 4 HOH 113 301  115  HOH HOH B . 
D 4 HOH 114 302  116  HOH HOH B . 
D 4 HOH 115 303  117  HOH HOH B . 
D 4 HOH 116 304  118  HOH HOH B . 
D 4 HOH 117 305  119  HOH HOH B . 
D 4 HOH 118 306  120  HOH HOH B . 
D 4 HOH 119 307  121  HOH HOH B . 
D 4 HOH 120 308  122  HOH HOH B . 
D 4 HOH 121 309  123  HOH HOH B . 
D 4 HOH 122 310  124  HOH HOH B . 
D 4 HOH 123 311  125  HOH HOH B . 
D 4 HOH 124 312  126  HOH HOH B . 
D 4 HOH 125 313  127  HOH HOH B . 
D 4 HOH 126 314  128  HOH HOH B . 
D 4 HOH 127 315  129  HOH HOH B . 
D 4 HOH 128 316  130  HOH HOH B . 
D 4 HOH 129 317  131  HOH HOH B . 
D 4 HOH 130 318  132  HOH HOH B . 
D 4 HOH 131 319  133  HOH HOH B . 
D 4 HOH 132 320  134  HOH HOH B . 
D 4 HOH 133 321  135  HOH HOH B . 
D 4 HOH 134 322  136  HOH HOH B . 
D 4 HOH 135 323  137  HOH HOH B . 
D 4 HOH 136 324  138  HOH HOH B . 
D 4 HOH 137 325  139  HOH HOH B . 
D 4 HOH 138 326  140  HOH HOH B . 
D 4 HOH 139 327  141  HOH HOH B . 
D 4 HOH 140 328  142  HOH HOH B . 
D 4 HOH 141 329  143  HOH HOH B . 
D 4 HOH 142 330  144  HOH HOH B . 
D 4 HOH 143 331  145  HOH HOH B . 
D 4 HOH 144 332  146  HOH HOH B . 
D 4 HOH 145 333  147  HOH HOH B . 
D 4 HOH 146 334  148  HOH HOH B . 
D 4 HOH 147 335  149  HOH HOH B . 
D 4 HOH 148 336  150  HOH HOH B . 
D 4 HOH 149 337  151  HOH HOH B . 
D 4 HOH 150 338  152  HOH HOH B . 
D 4 HOH 151 339  153  HOH HOH B . 
D 4 HOH 152 340  154  HOH HOH B . 
D 4 HOH 153 341  155  HOH HOH B . 
D 4 HOH 154 342  156  HOH HOH B . 
D 4 HOH 155 343  157  HOH HOH B . 
D 4 HOH 156 344  158  HOH HOH B . 
D 4 HOH 157 345  159  HOH HOH B . 
D 4 HOH 158 346  160  HOH HOH B . 
D 4 HOH 159 347  161  HOH HOH B . 
D 4 HOH 160 348  163  HOH HOH B . 
D 4 HOH 161 349  164  HOH HOH B . 
D 4 HOH 162 350  165  HOH HOH B . 
D 4 HOH 163 351  166  HOH HOH B . 
D 4 HOH 164 352  167  HOH HOH B . 
D 4 HOH 165 353  168  HOH HOH B . 
D 4 HOH 166 354  169  HOH HOH B . 
D 4 HOH 167 355  170  HOH HOH B . 
D 4 HOH 168 356  171  HOH HOH B . 
D 4 HOH 169 357  172  HOH HOH B . 
D 4 HOH 170 358  173  HOH HOH B . 
D 4 HOH 171 359  174  HOH HOH B . 
D 4 HOH 172 360  175  HOH HOH B . 
D 4 HOH 173 361  176  HOH HOH B . 
D 4 HOH 174 362  177  HOH HOH B . 
D 4 HOH 175 363  178  HOH HOH B . 
D 4 HOH 176 364  179  HOH HOH B . 
D 4 HOH 177 365  180  HOH HOH B . 
D 4 HOH 178 366  181  HOH HOH B . 
D 4 HOH 179 367  182  HOH HOH B . 
D 4 HOH 180 368  184  HOH HOH B . 
D 4 HOH 181 369  185  HOH HOH B . 
D 4 HOH 182 370  186  HOH HOH B . 
# 
_pdbx_struct_assembly.id                   1 
_pdbx_struct_assembly.details              author_and_software_defined_assembly 
_pdbx_struct_assembly.method_details       PISA 
_pdbx_struct_assembly.oligomeric_details   monomeric 
_pdbx_struct_assembly.oligomeric_count     1 
# 
_pdbx_struct_assembly_gen.assembly_id       1 
_pdbx_struct_assembly_gen.oper_expression   1 
_pdbx_struct_assembly_gen.asym_id_list      A,B,C,D 
# 
_pdbx_struct_oper_list.id                   1 
_pdbx_struct_oper_list.type                 'identity operation' 
_pdbx_struct_oper_list.name                 1_555 
_pdbx_struct_oper_list.symmetry_operation   x,y,z 
_pdbx_struct_oper_list.matrix[1][1]         1.0000000000 
_pdbx_struct_oper_list.matrix[1][2]         0.0000000000 
_pdbx_struct_oper_list.matrix[1][3]         0.0000000000 
_pdbx_struct_oper_list.vector[1]            0.0000000000 
_pdbx_struct_oper_list.matrix[2][1]         0.0000000000 
_pdbx_struct_oper_list.matrix[2][2]         1.0000000000 
_pdbx_struct_oper_list.matrix[2][3]         0.0000000000 
_pdbx_struct_oper_list.vector[2]            0.0000000000 
_pdbx_struct_oper_list.matrix[3][1]         0.0000000000 
_pdbx_struct_oper_list.matrix[3][2]         0.0000000000 
_pdbx_struct_oper_list.matrix[3][3]         1.0000000000 
_pdbx_struct_oper_list.vector[3]            0.0000000000 
# 
_pdbx_struct_special_symmetry.id              1 
_pdbx_struct_special_symmetry.PDB_model_num   1 
_pdbx_struct_special_symmetry.auth_asym_id    B 
_pdbx_struct_special_symmetry.auth_comp_id    HOH 
_pdbx_struct_special_symmetry.auth_seq_id     207 
_pdbx_struct_special_symmetry.PDB_ins_code    ? 
_pdbx_struct_special_symmetry.label_asym_id   D 
_pdbx_struct_special_symmetry.label_comp_id   HOH 
_pdbx_struct_special_symmetry.label_seq_id    . 
# 
loop_
_pdbx_struct_conn_angle.id 
_pdbx_struct_conn_angle.ptnr1_label_atom_id 
_pdbx_struct_conn_angle.ptnr1_label_alt_id 
_pdbx_struct_conn_angle.ptnr1_label_asym_id 
_pdbx_struct_conn_angle.ptnr1_label_comp_id 
_pdbx_struct_conn_angle.ptnr1_label_seq_id 
_pdbx_struct_conn_angle.ptnr1_auth_atom_id 
_pdbx_struct_conn_angle.ptnr1_auth_asym_id 
_pdbx_struct_conn_angle.ptnr1_auth_comp_id 
_pdbx_struct_conn_angle.ptnr1_auth_seq_id 
_pdbx_struct_conn_angle.ptnr1_PDB_ins_code 
_pdbx_struct_conn_angle.ptnr1_symmetry 
_pdbx_struct_conn_angle.ptnr2_label_atom_id 
_pdbx_struct_conn_angle.ptnr2_label_alt_id 
_pdbx_struct_conn_angle.ptnr2_label_asym_id 
_pdbx_struct_conn_angle.ptnr2_label_comp_id 
_pdbx_struct_conn_angle.ptnr2_label_seq_id 
_pdbx_struct_conn_angle.ptnr2_auth_atom_id 
_pdbx_struct_conn_angle.ptnr2_auth_asym_id 
_pdbx_struct_conn_angle.ptnr2_auth_comp_id 
_pdbx_struct_conn_angle.ptnr2_auth_seq_id 
_pdbx_struct_conn_angle.ptnr2_PDB_ins_code 
_pdbx_struct_conn_angle.ptnr2_symmetry 
_pdbx_struct_conn_angle.ptnr3_label_atom_id 
_pdbx_struct_conn_angle.ptnr3_label_alt_id 
_pdbx_struct_conn_angle.ptnr3_label_asym_id 
_pdbx_struct_conn_angle.ptnr3_label_comp_id 
_pdbx_struct_conn_angle.ptnr3_label_seq_id 
_pdbx_struct_conn_angle.ptnr3_auth_atom_id 
_pdbx_struct_conn_angle.ptnr3_auth_asym_id 
_pdbx_struct_conn_angle.ptnr3_auth_comp_id 
_pdbx_struct_conn_angle.ptnr3_auth_seq_id 
_pdbx_struct_conn_angle.ptnr3_PDB_ins_code 
_pdbx_struct_conn_angle.ptnr3_symmetry 
_pdbx_struct_conn_angle.value 
_pdbx_struct_conn_angle.value_esd 
1 NE2 ? A HIS 130 ? B HIS 145 ? 1_555 ZN ? B ZN . ? B ZN 1001 ? 1_555 OD1 ? A ASP 137 ? B ASP 152 ? 1_555 106.4 ? 
2 NE2 ? A HIS 130 ? B HIS 145 ? 1_555 ZN ? B ZN . ? B ZN 1001 ? 1_555 ND1 ? A HIS 172 ? B HIS 187 ? 1_555 105.4 ? 
3 OD1 ? A ASP 137 ? B ASP 152 ? 1_555 ZN ? B ZN . ? B ZN 1001 ? 1_555 ND1 ? A HIS 172 ? B HIS 187 ? 1_555 108.1 ? 
4 NE2 ? A HIS 130 ? B HIS 145 ? 1_555 ZN ? B ZN . ? B ZN 1001 ? 1_555 O   ? D HOH .   ? B HOH 368 ? 1_555 114.2 ? 
5 OD1 ? A ASP 137 ? B ASP 152 ? 1_555 ZN ? B ZN . ? B ZN 1001 ? 1_555 O   ? D HOH .   ? B HOH 368 ? 1_555 115.0 ? 
6 ND1 ? A HIS 172 ? B HIS 187 ? 1_555 ZN ? B ZN . ? B ZN 1001 ? 1_555 O   ? D HOH .   ? B HOH 368 ? 1_555 107.2 ? 
# 
loop_
_pdbx_audit_revision_history.ordinal 
_pdbx_audit_revision_history.data_content_type 
_pdbx_audit_revision_history.major_revision 
_pdbx_audit_revision_history.minor_revision 
_pdbx_audit_revision_history.revision_date 
1 'Structure model' 1 0 2011-01-26 
2 'Structure model' 1 1 2011-07-13 
3 'Structure model' 1 2 2023-11-01 
# 
_pdbx_audit_revision_details.ordinal             1 
_pdbx_audit_revision_details.revision_ordinal    1 
_pdbx_audit_revision_details.data_content_type   'Structure model' 
_pdbx_audit_revision_details.provider            repository 
_pdbx_audit_revision_details.type                'Initial release' 
_pdbx_audit_revision_details.description         ? 
_pdbx_audit_revision_details.details             ? 
# 
loop_
_pdbx_audit_revision_group.ordinal 
_pdbx_audit_revision_group.revision_ordinal 
_pdbx_audit_revision_group.data_content_type 
_pdbx_audit_revision_group.group 
1 2 'Structure model' 'Version format compliance' 
2 3 'Structure model' 'Data collection'           
3 3 'Structure model' 'Database references'       
4 3 'Structure model' 'Derived calculations'      
5 3 'Structure model' 'Refinement description'    
# 
loop_
_pdbx_audit_revision_category.ordinal 
_pdbx_audit_revision_category.revision_ordinal 
_pdbx_audit_revision_category.data_content_type 
_pdbx_audit_revision_category.category 
1 3 'Structure model' chem_comp_atom                
2 3 'Structure model' chem_comp_bond                
3 3 'Structure model' database_2                    
4 3 'Structure model' pdbx_initial_refinement_model 
5 3 'Structure model' struct_conn                   
6 3 'Structure model' struct_ref_seq_dif            
7 3 'Structure model' struct_site                   
# 
loop_
_pdbx_audit_revision_item.ordinal 
_pdbx_audit_revision_item.revision_ordinal 
_pdbx_audit_revision_item.data_content_type 
_pdbx_audit_revision_item.item 
1  3 'Structure model' '_database_2.pdbx_DOI'                
2  3 'Structure model' '_database_2.pdbx_database_accession' 
3  3 'Structure model' '_struct_conn.ptnr1_auth_comp_id'     
4  3 'Structure model' '_struct_conn.ptnr1_auth_seq_id'      
5  3 'Structure model' '_struct_conn.ptnr1_label_asym_id'    
6  3 'Structure model' '_struct_conn.ptnr1_label_atom_id'    
7  3 'Structure model' '_struct_conn.ptnr1_label_comp_id'    
8  3 'Structure model' '_struct_conn.ptnr2_auth_comp_id'     
9  3 'Structure model' '_struct_conn.ptnr2_auth_seq_id'      
10 3 'Structure model' '_struct_conn.ptnr2_label_asym_id'    
11 3 'Structure model' '_struct_conn.ptnr2_label_atom_id'    
12 3 'Structure model' '_struct_conn.ptnr2_label_comp_id'    
13 3 'Structure model' '_struct_ref_seq_dif.details'         
14 3 'Structure model' '_struct_site.pdbx_auth_asym_id'      
15 3 'Structure model' '_struct_site.pdbx_auth_comp_id'      
16 3 'Structure model' '_struct_site.pdbx_auth_seq_id'       
# 
loop_
_software.name 
_software.classification 
_software.version 
_software.citation_id 
_software.pdbx_ordinal 
MAR345dtb 'data collection' .                 ? 1 
MOLREP    phasing           .                 ? 2 
PHENIX    refinement        '(phenix.refine)' ? 3 
MOSFLM    'data reduction'  .                 ? 4 
SCALA     'data scaling'    .                 ? 5 
# 
loop_
_pdbx_validate_torsion.id 
_pdbx_validate_torsion.PDB_model_num 
_pdbx_validate_torsion.auth_comp_id 
_pdbx_validate_torsion.auth_asym_id 
_pdbx_validate_torsion.auth_seq_id 
_pdbx_validate_torsion.PDB_ins_code 
_pdbx_validate_torsion.label_alt_id 
_pdbx_validate_torsion.phi 
_pdbx_validate_torsion.psi 
1 1 LYS B 50 ? ? 77.84   -4.52   
2 1 LYS B 59 ? ? -95.67  54.83   
3 1 ALA B 63 ? ? -112.08 -117.73 
# 
loop_
_pdbx_unobs_or_zero_occ_residues.id 
_pdbx_unobs_or_zero_occ_residues.PDB_model_num 
_pdbx_unobs_or_zero_occ_residues.polymer_flag 
_pdbx_unobs_or_zero_occ_residues.occupancy_flag 
_pdbx_unobs_or_zero_occ_residues.auth_asym_id 
_pdbx_unobs_or_zero_occ_residues.auth_comp_id 
_pdbx_unobs_or_zero_occ_residues.auth_seq_id 
_pdbx_unobs_or_zero_occ_residues.PDB_ins_code 
_pdbx_unobs_or_zero_occ_residues.label_asym_id 
_pdbx_unobs_or_zero_occ_residues.label_comp_id 
_pdbx_unobs_or_zero_occ_residues.label_seq_id 
1  1 Y 1 B MET 16  ? A MET 1   
2  1 Y 1 B ARG 17  ? A ARG 2   
3  1 Y 1 B GLY 18  ? A GLY 3   
4  1 Y 1 B SER 19  ? A SER 4   
5  1 Y 1 B HIS 20  ? A HIS 5   
6  1 Y 1 B HIS 21  ? A HIS 6   
7  1 Y 1 B HIS 22  ? A HIS 7   
8  1 Y 1 B HIS 23  ? A HIS 8   
9  1 Y 1 B HIS 24  ? A HIS 9   
10 1 Y 1 B HIS 25  ? A HIS 10  
11 1 Y 1 B GLY 26  ? A GLY 11  
12 1 Y 1 B SER 27  ? A SER 12  
13 1 Y 1 B CYS 28  ? A CYS 13  
14 1 Y 1 B GLY 29  ? A GLY 14  
15 1 Y 1 B PRO 30  ? A PRO 15  
16 1 Y 1 B GLY 31  ? A GLY 16  
17 1 Y 1 B ARG 32  ? A ARG 17  
18 1 Y 1 B VAL 33  ? A VAL 18  
19 1 Y 1 B VAL 34  ? A VAL 19  
20 1 Y 1 B GLY 35  ? A GLY 20  
21 1 Y 1 B SER 36  ? A SER 21  
22 1 Y 1 B ARG 37  ? A ARG 22  
23 1 Y 1 B ARG 38  ? A ARG 23  
24 1 Y 1 B ARG 39  ? A ARG 24  
25 1 Y 1 B PRO 40  ? A PRO 25  
26 1 Y 1 B ALA 198 ? A ALA 183 
27 1 Y 1 B LYS 199 ? A LYS 184 
28 1 Y 1 B THR 200 ? A THR 185 
29 1 Y 1 B GLY 201 ? A GLY 186 
30 1 Y 1 B GLY 202 ? A GLY 187 
# 
loop_
_chem_comp_atom.comp_id 
_chem_comp_atom.atom_id 
_chem_comp_atom.type_symbol 
_chem_comp_atom.pdbx_aromatic_flag 
_chem_comp_atom.pdbx_stereo_config 
_chem_comp_atom.pdbx_ordinal 
ALA N    N  N N 1   
ALA CA   C  N S 2   
ALA C    C  N N 3   
ALA O    O  N N 4   
ALA CB   C  N N 5   
ALA OXT  O  N N 6   
ALA H    H  N N 7   
ALA H2   H  N N 8   
ALA HA   H  N N 9   
ALA HB1  H  N N 10  
ALA HB2  H  N N 11  
ALA HB3  H  N N 12  
ALA HXT  H  N N 13  
ARG N    N  N N 14  
ARG CA   C  N S 15  
ARG C    C  N N 16  
ARG O    O  N N 17  
ARG CB   C  N N 18  
ARG CG   C  N N 19  
ARG CD   C  N N 20  
ARG NE   N  N N 21  
ARG CZ   C  N N 22  
ARG NH1  N  N N 23  
ARG NH2  N  N N 24  
ARG OXT  O  N N 25  
ARG H    H  N N 26  
ARG H2   H  N N 27  
ARG HA   H  N N 28  
ARG HB2  H  N N 29  
ARG HB3  H  N N 30  
ARG HG2  H  N N 31  
ARG HG3  H  N N 32  
ARG HD2  H  N N 33  
ARG HD3  H  N N 34  
ARG HE   H  N N 35  
ARG HH11 H  N N 36  
ARG HH12 H  N N 37  
ARG HH21 H  N N 38  
ARG HH22 H  N N 39  
ARG HXT  H  N N 40  
ASN N    N  N N 41  
ASN CA   C  N S 42  
ASN C    C  N N 43  
ASN O    O  N N 44  
ASN CB   C  N N 45  
ASN CG   C  N N 46  
ASN OD1  O  N N 47  
ASN ND2  N  N N 48  
ASN OXT  O  N N 49  
ASN H    H  N N 50  
ASN H2   H  N N 51  
ASN HA   H  N N 52  
ASN HB2  H  N N 53  
ASN HB3  H  N N 54  
ASN HD21 H  N N 55  
ASN HD22 H  N N 56  
ASN HXT  H  N N 57  
ASP N    N  N N 58  
ASP CA   C  N S 59  
ASP C    C  N N 60  
ASP O    O  N N 61  
ASP CB   C  N N 62  
ASP CG   C  N N 63  
ASP OD1  O  N N 64  
ASP OD2  O  N N 65  
ASP OXT  O  N N 66  
ASP H    H  N N 67  
ASP H2   H  N N 68  
ASP HA   H  N N 69  
ASP HB2  H  N N 70  
ASP HB3  H  N N 71  
ASP HD2  H  N N 72  
ASP HXT  H  N N 73  
CYS N    N  N N 74  
CYS CA   C  N R 75  
CYS C    C  N N 76  
CYS O    O  N N 77  
CYS CB   C  N N 78  
CYS SG   S  N N 79  
CYS OXT  O  N N 80  
CYS H    H  N N 81  
CYS H2   H  N N 82  
CYS HA   H  N N 83  
CYS HB2  H  N N 84  
CYS HB3  H  N N 85  
CYS HG   H  N N 86  
CYS HXT  H  N N 87  
GLN N    N  N N 88  
GLN CA   C  N S 89  
GLN C    C  N N 90  
GLN O    O  N N 91  
GLN CB   C  N N 92  
GLN CG   C  N N 93  
GLN CD   C  N N 94  
GLN OE1  O  N N 95  
GLN NE2  N  N N 96  
GLN OXT  O  N N 97  
GLN H    H  N N 98  
GLN H2   H  N N 99  
GLN HA   H  N N 100 
GLN HB2  H  N N 101 
GLN HB3  H  N N 102 
GLN HG2  H  N N 103 
GLN HG3  H  N N 104 
GLN HE21 H  N N 105 
GLN HE22 H  N N 106 
GLN HXT  H  N N 107 
GLU N    N  N N 108 
GLU CA   C  N S 109 
GLU C    C  N N 110 
GLU O    O  N N 111 
GLU CB   C  N N 112 
GLU CG   C  N N 113 
GLU CD   C  N N 114 
GLU OE1  O  N N 115 
GLU OE2  O  N N 116 
GLU OXT  O  N N 117 
GLU H    H  N N 118 
GLU H2   H  N N 119 
GLU HA   H  N N 120 
GLU HB2  H  N N 121 
GLU HB3  H  N N 122 
GLU HG2  H  N N 123 
GLU HG3  H  N N 124 
GLU HE2  H  N N 125 
GLU HXT  H  N N 126 
GLY N    N  N N 127 
GLY CA   C  N N 128 
GLY C    C  N N 129 
GLY O    O  N N 130 
GLY OXT  O  N N 131 
GLY H    H  N N 132 
GLY H2   H  N N 133 
GLY HA2  H  N N 134 
GLY HA3  H  N N 135 
GLY HXT  H  N N 136 
HIS N    N  N N 137 
HIS CA   C  N S 138 
HIS C    C  N N 139 
HIS O    O  N N 140 
HIS CB   C  N N 141 
HIS CG   C  Y N 142 
HIS ND1  N  Y N 143 
HIS CD2  C  Y N 144 
HIS CE1  C  Y N 145 
HIS NE2  N  Y N 146 
HIS OXT  O  N N 147 
HIS H    H  N N 148 
HIS H2   H  N N 149 
HIS HA   H  N N 150 
HIS HB2  H  N N 151 
HIS HB3  H  N N 152 
HIS HD1  H  N N 153 
HIS HD2  H  N N 154 
HIS HE1  H  N N 155 
HIS HE2  H  N N 156 
HIS HXT  H  N N 157 
HOH O    O  N N 158 
HOH H1   H  N N 159 
HOH H2   H  N N 160 
ILE N    N  N N 161 
ILE CA   C  N S 162 
ILE C    C  N N 163 
ILE O    O  N N 164 
ILE CB   C  N S 165 
ILE CG1  C  N N 166 
ILE CG2  C  N N 167 
ILE CD1  C  N N 168 
ILE OXT  O  N N 169 
ILE H    H  N N 170 
ILE H2   H  N N 171 
ILE HA   H  N N 172 
ILE HB   H  N N 173 
ILE HG12 H  N N 174 
ILE HG13 H  N N 175 
ILE HG21 H  N N 176 
ILE HG22 H  N N 177 
ILE HG23 H  N N 178 
ILE HD11 H  N N 179 
ILE HD12 H  N N 180 
ILE HD13 H  N N 181 
ILE HXT  H  N N 182 
LEU N    N  N N 183 
LEU CA   C  N S 184 
LEU C    C  N N 185 
LEU O    O  N N 186 
LEU CB   C  N N 187 
LEU CG   C  N N 188 
LEU CD1  C  N N 189 
LEU CD2  C  N N 190 
LEU OXT  O  N N 191 
LEU H    H  N N 192 
LEU H2   H  N N 193 
LEU HA   H  N N 194 
LEU HB2  H  N N 195 
LEU HB3  H  N N 196 
LEU HG   H  N N 197 
LEU HD11 H  N N 198 
LEU HD12 H  N N 199 
LEU HD13 H  N N 200 
LEU HD21 H  N N 201 
LEU HD22 H  N N 202 
LEU HD23 H  N N 203 
LEU HXT  H  N N 204 
LYS N    N  N N 205 
LYS CA   C  N S 206 
LYS C    C  N N 207 
LYS O    O  N N 208 
LYS CB   C  N N 209 
LYS CG   C  N N 210 
LYS CD   C  N N 211 
LYS CE   C  N N 212 
LYS NZ   N  N N 213 
LYS OXT  O  N N 214 
LYS H    H  N N 215 
LYS H2   H  N N 216 
LYS HA   H  N N 217 
LYS HB2  H  N N 218 
LYS HB3  H  N N 219 
LYS HG2  H  N N 220 
LYS HG3  H  N N 221 
LYS HD2  H  N N 222 
LYS HD3  H  N N 223 
LYS HE2  H  N N 224 
LYS HE3  H  N N 225 
LYS HZ1  H  N N 226 
LYS HZ2  H  N N 227 
LYS HZ3  H  N N 228 
LYS HXT  H  N N 229 
MET N    N  N N 230 
MET CA   C  N S 231 
MET C    C  N N 232 
MET O    O  N N 233 
MET CB   C  N N 234 
MET CG   C  N N 235 
MET SD   S  N N 236 
MET CE   C  N N 237 
MET OXT  O  N N 238 
MET H    H  N N 239 
MET H2   H  N N 240 
MET HA   H  N N 241 
MET HB2  H  N N 242 
MET HB3  H  N N 243 
MET HG2  H  N N 244 
MET HG3  H  N N 245 
MET HE1  H  N N 246 
MET HE2  H  N N 247 
MET HE3  H  N N 248 
MET HXT  H  N N 249 
PHE N    N  N N 250 
PHE CA   C  N S 251 
PHE C    C  N N 252 
PHE O    O  N N 253 
PHE CB   C  N N 254 
PHE CG   C  Y N 255 
PHE CD1  C  Y N 256 
PHE CD2  C  Y N 257 
PHE CE1  C  Y N 258 
PHE CE2  C  Y N 259 
PHE CZ   C  Y N 260 
PHE OXT  O  N N 261 
PHE H    H  N N 262 
PHE H2   H  N N 263 
PHE HA   H  N N 264 
PHE HB2  H  N N 265 
PHE HB3  H  N N 266 
PHE HD1  H  N N 267 
PHE HD2  H  N N 268 
PHE HE1  H  N N 269 
PHE HE2  H  N N 270 
PHE HZ   H  N N 271 
PHE HXT  H  N N 272 
PRO N    N  N N 273 
PRO CA   C  N S 274 
PRO C    C  N N 275 
PRO O    O  N N 276 
PRO CB   C  N N 277 
PRO CG   C  N N 278 
PRO CD   C  N N 279 
PRO OXT  O  N N 280 
PRO H    H  N N 281 
PRO HA   H  N N 282 
PRO HB2  H  N N 283 
PRO HB3  H  N N 284 
PRO HG2  H  N N 285 
PRO HG3  H  N N 286 
PRO HD2  H  N N 287 
PRO HD3  H  N N 288 
PRO HXT  H  N N 289 
SER N    N  N N 290 
SER CA   C  N S 291 
SER C    C  N N 292 
SER O    O  N N 293 
SER CB   C  N N 294 
SER OG   O  N N 295 
SER OXT  O  N N 296 
SER H    H  N N 297 
SER H2   H  N N 298 
SER HA   H  N N 299 
SER HB2  H  N N 300 
SER HB3  H  N N 301 
SER HG   H  N N 302 
SER HXT  H  N N 303 
SO4 S    S  N N 304 
SO4 O1   O  N N 305 
SO4 O2   O  N N 306 
SO4 O3   O  N N 307 
SO4 O4   O  N N 308 
THR N    N  N N 309 
THR CA   C  N S 310 
THR C    C  N N 311 
THR O    O  N N 312 
THR CB   C  N R 313 
THR OG1  O  N N 314 
THR CG2  C  N N 315 
THR OXT  O  N N 316 
THR H    H  N N 317 
THR H2   H  N N 318 
THR HA   H  N N 319 
THR HB   H  N N 320 
THR HG1  H  N N 321 
THR HG21 H  N N 322 
THR HG22 H  N N 323 
THR HG23 H  N N 324 
THR HXT  H  N N 325 
TRP N    N  N N 326 
TRP CA   C  N S 327 
TRP C    C  N N 328 
TRP O    O  N N 329 
TRP CB   C  N N 330 
TRP CG   C  Y N 331 
TRP CD1  C  Y N 332 
TRP CD2  C  Y N 333 
TRP NE1  N  Y N 334 
TRP CE2  C  Y N 335 
TRP CE3  C  Y N 336 
TRP CZ2  C  Y N 337 
TRP CZ3  C  Y N 338 
TRP CH2  C  Y N 339 
TRP OXT  O  N N 340 
TRP H    H  N N 341 
TRP H2   H  N N 342 
TRP HA   H  N N 343 
TRP HB2  H  N N 344 
TRP HB3  H  N N 345 
TRP HD1  H  N N 346 
TRP HE1  H  N N 347 
TRP HE3  H  N N 348 
TRP HZ2  H  N N 349 
TRP HZ3  H  N N 350 
TRP HH2  H  N N 351 
TRP HXT  H  N N 352 
TYR N    N  N N 353 
TYR CA   C  N S 354 
TYR C    C  N N 355 
TYR O    O  N N 356 
TYR CB   C  N N 357 
TYR CG   C  Y N 358 
TYR CD1  C  Y N 359 
TYR CD2  C  Y N 360 
TYR CE1  C  Y N 361 
TYR CE2  C  Y N 362 
TYR CZ   C  Y N 363 
TYR OH   O  N N 364 
TYR OXT  O  N N 365 
TYR H    H  N N 366 
TYR H2   H  N N 367 
TYR HA   H  N N 368 
TYR HB2  H  N N 369 
TYR HB3  H  N N 370 
TYR HD1  H  N N 371 
TYR HD2  H  N N 372 
TYR HE1  H  N N 373 
TYR HE2  H  N N 374 
TYR HH   H  N N 375 
TYR HXT  H  N N 376 
VAL N    N  N N 377 
VAL CA   C  N S 378 
VAL C    C  N N 379 
VAL O    O  N N 380 
VAL CB   C  N N 381 
VAL CG1  C  N N 382 
VAL CG2  C  N N 383 
VAL OXT  O  N N 384 
VAL H    H  N N 385 
VAL H2   H  N N 386 
VAL HA   H  N N 387 
VAL HB   H  N N 388 
VAL HG11 H  N N 389 
VAL HG12 H  N N 390 
VAL HG13 H  N N 391 
VAL HG21 H  N N 392 
VAL HG22 H  N N 393 
VAL HG23 H  N N 394 
VAL HXT  H  N N 395 
ZN  ZN   ZN N N 396 
# 
loop_
_chem_comp_bond.comp_id 
_chem_comp_bond.atom_id_1 
_chem_comp_bond.atom_id_2 
_chem_comp_bond.value_order 
_chem_comp_bond.pdbx_aromatic_flag 
_chem_comp_bond.pdbx_stereo_config 
_chem_comp_bond.pdbx_ordinal 
ALA N   CA   sing N N 1   
ALA N   H    sing N N 2   
ALA N   H2   sing N N 3   
ALA CA  C    sing N N 4   
ALA CA  CB   sing N N 5   
ALA CA  HA   sing N N 6   
ALA C   O    doub N N 7   
ALA C   OXT  sing N N 8   
ALA CB  HB1  sing N N 9   
ALA CB  HB2  sing N N 10  
ALA CB  HB3  sing N N 11  
ALA OXT HXT  sing N N 12  
ARG N   CA   sing N N 13  
ARG N   H    sing N N 14  
ARG N   H2   sing N N 15  
ARG CA  C    sing N N 16  
ARG CA  CB   sing N N 17  
ARG CA  HA   sing N N 18  
ARG C   O    doub N N 19  
ARG C   OXT  sing N N 20  
ARG CB  CG   sing N N 21  
ARG CB  HB2  sing N N 22  
ARG CB  HB3  sing N N 23  
ARG CG  CD   sing N N 24  
ARG CG  HG2  sing N N 25  
ARG CG  HG3  sing N N 26  
ARG CD  NE   sing N N 27  
ARG CD  HD2  sing N N 28  
ARG CD  HD3  sing N N 29  
ARG NE  CZ   sing N N 30  
ARG NE  HE   sing N N 31  
ARG CZ  NH1  sing N N 32  
ARG CZ  NH2  doub N N 33  
ARG NH1 HH11 sing N N 34  
ARG NH1 HH12 sing N N 35  
ARG NH2 HH21 sing N N 36  
ARG NH2 HH22 sing N N 37  
ARG OXT HXT  sing N N 38  
ASN N   CA   sing N N 39  
ASN N   H    sing N N 40  
ASN N   H2   sing N N 41  
ASN CA  C    sing N N 42  
ASN CA  CB   sing N N 43  
ASN CA  HA   sing N N 44  
ASN C   O    doub N N 45  
ASN C   OXT  sing N N 46  
ASN CB  CG   sing N N 47  
ASN CB  HB2  sing N N 48  
ASN CB  HB3  sing N N 49  
ASN CG  OD1  doub N N 50  
ASN CG  ND2  sing N N 51  
ASN ND2 HD21 sing N N 52  
ASN ND2 HD22 sing N N 53  
ASN OXT HXT  sing N N 54  
ASP N   CA   sing N N 55  
ASP N   H    sing N N 56  
ASP N   H2   sing N N 57  
ASP CA  C    sing N N 58  
ASP CA  CB   sing N N 59  
ASP CA  HA   sing N N 60  
ASP C   O    doub N N 61  
ASP C   OXT  sing N N 62  
ASP CB  CG   sing N N 63  
ASP CB  HB2  sing N N 64  
ASP CB  HB3  sing N N 65  
ASP CG  OD1  doub N N 66  
ASP CG  OD2  sing N N 67  
ASP OD2 HD2  sing N N 68  
ASP OXT HXT  sing N N 69  
CYS N   CA   sing N N 70  
CYS N   H    sing N N 71  
CYS N   H2   sing N N 72  
CYS CA  C    sing N N 73  
CYS CA  CB   sing N N 74  
CYS CA  HA   sing N N 75  
CYS C   O    doub N N 76  
CYS C   OXT  sing N N 77  
CYS CB  SG   sing N N 78  
CYS CB  HB2  sing N N 79  
CYS CB  HB3  sing N N 80  
CYS SG  HG   sing N N 81  
CYS OXT HXT  sing N N 82  
GLN N   CA   sing N N 83  
GLN N   H    sing N N 84  
GLN N   H2   sing N N 85  
GLN CA  C    sing N N 86  
GLN CA  CB   sing N N 87  
GLN CA  HA   sing N N 88  
GLN C   O    doub N N 89  
GLN C   OXT  sing N N 90  
GLN CB  CG   sing N N 91  
GLN CB  HB2  sing N N 92  
GLN CB  HB3  sing N N 93  
GLN CG  CD   sing N N 94  
GLN CG  HG2  sing N N 95  
GLN CG  HG3  sing N N 96  
GLN CD  OE1  doub N N 97  
GLN CD  NE2  sing N N 98  
GLN NE2 HE21 sing N N 99  
GLN NE2 HE22 sing N N 100 
GLN OXT HXT  sing N N 101 
GLU N   CA   sing N N 102 
GLU N   H    sing N N 103 
GLU N   H2   sing N N 104 
GLU CA  C    sing N N 105 
GLU CA  CB   sing N N 106 
GLU CA  HA   sing N N 107 
GLU C   O    doub N N 108 
GLU C   OXT  sing N N 109 
GLU CB  CG   sing N N 110 
GLU CB  HB2  sing N N 111 
GLU CB  HB3  sing N N 112 
GLU CG  CD   sing N N 113 
GLU CG  HG2  sing N N 114 
GLU CG  HG3  sing N N 115 
GLU CD  OE1  doub N N 116 
GLU CD  OE2  sing N N 117 
GLU OE2 HE2  sing N N 118 
GLU OXT HXT  sing N N 119 
GLY N   CA   sing N N 120 
GLY N   H    sing N N 121 
GLY N   H2   sing N N 122 
GLY CA  C    sing N N 123 
GLY CA  HA2  sing N N 124 
GLY CA  HA3  sing N N 125 
GLY C   O    doub N N 126 
GLY C   OXT  sing N N 127 
GLY OXT HXT  sing N N 128 
HIS N   CA   sing N N 129 
HIS N   H    sing N N 130 
HIS N   H2   sing N N 131 
HIS CA  C    sing N N 132 
HIS CA  CB   sing N N 133 
HIS CA  HA   sing N N 134 
HIS C   O    doub N N 135 
HIS C   OXT  sing N N 136 
HIS CB  CG   sing N N 137 
HIS CB  HB2  sing N N 138 
HIS CB  HB3  sing N N 139 
HIS CG  ND1  sing Y N 140 
HIS CG  CD2  doub Y N 141 
HIS ND1 CE1  doub Y N 142 
HIS ND1 HD1  sing N N 143 
HIS CD2 NE2  sing Y N 144 
HIS CD2 HD2  sing N N 145 
HIS CE1 NE2  sing Y N 146 
HIS CE1 HE1  sing N N 147 
HIS NE2 HE2  sing N N 148 
HIS OXT HXT  sing N N 149 
HOH O   H1   sing N N 150 
HOH O   H2   sing N N 151 
ILE N   CA   sing N N 152 
ILE N   H    sing N N 153 
ILE N   H2   sing N N 154 
ILE CA  C    sing N N 155 
ILE CA  CB   sing N N 156 
ILE CA  HA   sing N N 157 
ILE C   O    doub N N 158 
ILE C   OXT  sing N N 159 
ILE CB  CG1  sing N N 160 
ILE CB  CG2  sing N N 161 
ILE CB  HB   sing N N 162 
ILE CG1 CD1  sing N N 163 
ILE CG1 HG12 sing N N 164 
ILE CG1 HG13 sing N N 165 
ILE CG2 HG21 sing N N 166 
ILE CG2 HG22 sing N N 167 
ILE CG2 HG23 sing N N 168 
ILE CD1 HD11 sing N N 169 
ILE CD1 HD12 sing N N 170 
ILE CD1 HD13 sing N N 171 
ILE OXT HXT  sing N N 172 
LEU N   CA   sing N N 173 
LEU N   H    sing N N 174 
LEU N   H2   sing N N 175 
LEU CA  C    sing N N 176 
LEU CA  CB   sing N N 177 
LEU CA  HA   sing N N 178 
LEU C   O    doub N N 179 
LEU C   OXT  sing N N 180 
LEU CB  CG   sing N N 181 
LEU CB  HB2  sing N N 182 
LEU CB  HB3  sing N N 183 
LEU CG  CD1  sing N N 184 
LEU CG  CD2  sing N N 185 
LEU CG  HG   sing N N 186 
LEU CD1 HD11 sing N N 187 
LEU CD1 HD12 sing N N 188 
LEU CD1 HD13 sing N N 189 
LEU CD2 HD21 sing N N 190 
LEU CD2 HD22 sing N N 191 
LEU CD2 HD23 sing N N 192 
LEU OXT HXT  sing N N 193 
LYS N   CA   sing N N 194 
LYS N   H    sing N N 195 
LYS N   H2   sing N N 196 
LYS CA  C    sing N N 197 
LYS CA  CB   sing N N 198 
LYS CA  HA   sing N N 199 
LYS C   O    doub N N 200 
LYS C   OXT  sing N N 201 
LYS CB  CG   sing N N 202 
LYS CB  HB2  sing N N 203 
LYS CB  HB3  sing N N 204 
LYS CG  CD   sing N N 205 
LYS CG  HG2  sing N N 206 
LYS CG  HG3  sing N N 207 
LYS CD  CE   sing N N 208 
LYS CD  HD2  sing N N 209 
LYS CD  HD3  sing N N 210 
LYS CE  NZ   sing N N 211 
LYS CE  HE2  sing N N 212 
LYS CE  HE3  sing N N 213 
LYS NZ  HZ1  sing N N 214 
LYS NZ  HZ2  sing N N 215 
LYS NZ  HZ3  sing N N 216 
LYS OXT HXT  sing N N 217 
MET N   CA   sing N N 218 
MET N   H    sing N N 219 
MET N   H2   sing N N 220 
MET CA  C    sing N N 221 
MET CA  CB   sing N N 222 
MET CA  HA   sing N N 223 
MET C   O    doub N N 224 
MET C   OXT  sing N N 225 
MET CB  CG   sing N N 226 
MET CB  HB2  sing N N 227 
MET CB  HB3  sing N N 228 
MET CG  SD   sing N N 229 
MET CG  HG2  sing N N 230 
MET CG  HG3  sing N N 231 
MET SD  CE   sing N N 232 
MET CE  HE1  sing N N 233 
MET CE  HE2  sing N N 234 
MET CE  HE3  sing N N 235 
MET OXT HXT  sing N N 236 
PHE N   CA   sing N N 237 
PHE N   H    sing N N 238 
PHE N   H2   sing N N 239 
PHE CA  C    sing N N 240 
PHE CA  CB   sing N N 241 
PHE CA  HA   sing N N 242 
PHE C   O    doub N N 243 
PHE C   OXT  sing N N 244 
PHE CB  CG   sing N N 245 
PHE CB  HB2  sing N N 246 
PHE CB  HB3  sing N N 247 
PHE CG  CD1  doub Y N 248 
PHE CG  CD2  sing Y N 249 
PHE CD1 CE1  sing Y N 250 
PHE CD1 HD1  sing N N 251 
PHE CD2 CE2  doub Y N 252 
PHE CD2 HD2  sing N N 253 
PHE CE1 CZ   doub Y N 254 
PHE CE1 HE1  sing N N 255 
PHE CE2 CZ   sing Y N 256 
PHE CE2 HE2  sing N N 257 
PHE CZ  HZ   sing N N 258 
PHE OXT HXT  sing N N 259 
PRO N   CA   sing N N 260 
PRO N   CD   sing N N 261 
PRO N   H    sing N N 262 
PRO CA  C    sing N N 263 
PRO CA  CB   sing N N 264 
PRO CA  HA   sing N N 265 
PRO C   O    doub N N 266 
PRO C   OXT  sing N N 267 
PRO CB  CG   sing N N 268 
PRO CB  HB2  sing N N 269 
PRO CB  HB3  sing N N 270 
PRO CG  CD   sing N N 271 
PRO CG  HG2  sing N N 272 
PRO CG  HG3  sing N N 273 
PRO CD  HD2  sing N N 274 
PRO CD  HD3  sing N N 275 
PRO OXT HXT  sing N N 276 
SER N   CA   sing N N 277 
SER N   H    sing N N 278 
SER N   H2   sing N N 279 
SER CA  C    sing N N 280 
SER CA  CB   sing N N 281 
SER CA  HA   sing N N 282 
SER C   O    doub N N 283 
SER C   OXT  sing N N 284 
SER CB  OG   sing N N 285 
SER CB  HB2  sing N N 286 
SER CB  HB3  sing N N 287 
SER OG  HG   sing N N 288 
SER OXT HXT  sing N N 289 
SO4 S   O1   doub N N 290 
SO4 S   O2   doub N N 291 
SO4 S   O3   sing N N 292 
SO4 S   O4   sing N N 293 
THR N   CA   sing N N 294 
THR N   H    sing N N 295 
THR N   H2   sing N N 296 
THR CA  C    sing N N 297 
THR CA  CB   sing N N 298 
THR CA  HA   sing N N 299 
THR C   O    doub N N 300 
THR C   OXT  sing N N 301 
THR CB  OG1  sing N N 302 
THR CB  CG2  sing N N 303 
THR CB  HB   sing N N 304 
THR OG1 HG1  sing N N 305 
THR CG2 HG21 sing N N 306 
THR CG2 HG22 sing N N 307 
THR CG2 HG23 sing N N 308 
THR OXT HXT  sing N N 309 
TRP N   CA   sing N N 310 
TRP N   H    sing N N 311 
TRP N   H2   sing N N 312 
TRP CA  C    sing N N 313 
TRP CA  CB   sing N N 314 
TRP CA  HA   sing N N 315 
TRP C   O    doub N N 316 
TRP C   OXT  sing N N 317 
TRP CB  CG   sing N N 318 
TRP CB  HB2  sing N N 319 
TRP CB  HB3  sing N N 320 
TRP CG  CD1  doub Y N 321 
TRP CG  CD2  sing Y N 322 
TRP CD1 NE1  sing Y N 323 
TRP CD1 HD1  sing N N 324 
TRP CD2 CE2  doub Y N 325 
TRP CD2 CE3  sing Y N 326 
TRP NE1 CE2  sing Y N 327 
TRP NE1 HE1  sing N N 328 
TRP CE2 CZ2  sing Y N 329 
TRP CE3 CZ3  doub Y N 330 
TRP CE3 HE3  sing N N 331 
TRP CZ2 CH2  doub Y N 332 
TRP CZ2 HZ2  sing N N 333 
TRP CZ3 CH2  sing Y N 334 
TRP CZ3 HZ3  sing N N 335 
TRP CH2 HH2  sing N N 336 
TRP OXT HXT  sing N N 337 
TYR N   CA   sing N N 338 
TYR N   H    sing N N 339 
TYR N   H2   sing N N 340 
TYR CA  C    sing N N 341 
TYR CA  CB   sing N N 342 
TYR CA  HA   sing N N 343 
TYR C   O    doub N N 344 
TYR C   OXT  sing N N 345 
TYR CB  CG   sing N N 346 
TYR CB  HB2  sing N N 347 
TYR CB  HB3  sing N N 348 
TYR CG  CD1  doub Y N 349 
TYR CG  CD2  sing Y N 350 
TYR CD1 CE1  sing Y N 351 
TYR CD1 HD1  sing N N 352 
TYR CD2 CE2  doub Y N 353 
TYR CD2 HD2  sing N N 354 
TYR CE1 CZ   doub Y N 355 
TYR CE1 HE1  sing N N 356 
TYR CE2 CZ   sing Y N 357 
TYR CE2 HE2  sing N N 358 
TYR CZ  OH   sing N N 359 
TYR OH  HH   sing N N 360 
TYR OXT HXT  sing N N 361 
VAL N   CA   sing N N 362 
VAL N   H    sing N N 363 
VAL N   H2   sing N N 364 
VAL CA  C    sing N N 365 
VAL CA  CB   sing N N 366 
VAL CA  HA   sing N N 367 
VAL C   O    doub N N 368 
VAL C   OXT  sing N N 369 
VAL CB  CG1  sing N N 370 
VAL CB  CG2  sing N N 371 
VAL CB  HB   sing N N 372 
VAL CG1 HG11 sing N N 373 
VAL CG1 HG12 sing N N 374 
VAL CG1 HG13 sing N N 375 
VAL CG2 HG21 sing N N 376 
VAL CG2 HG22 sing N N 377 
VAL CG2 HG23 sing N N 378 
VAL OXT HXT  sing N N 379 
# 
loop_
_pdbx_entity_nonpoly.entity_id 
_pdbx_entity_nonpoly.name 
_pdbx_entity_nonpoly.comp_id 
2 'ZINC ION'    ZN  
3 'SULFATE ION' SO4 
4 water         HOH 
# 
_pdbx_initial_refinement_model.id               1 
_pdbx_initial_refinement_model.entity_id_list   ? 
_pdbx_initial_refinement_model.type             'experimental model' 
_pdbx_initial_refinement_model.source_name      PDB 
_pdbx_initial_refinement_model.accession_code   1VHH 
_pdbx_initial_refinement_model.details          'PDB ENTRY 1VHH' 
# 
